data_8TRA
#
_entry.id   8TRA
#
_cell.length_a   1.00
_cell.length_b   1.00
_cell.length_c   1.00
_cell.angle_alpha   90.00
_cell.angle_beta   90.00
_cell.angle_gamma   90.00
#
_symmetry.space_group_name_H-M   'P 1'
#
loop_
_entity.id
_entity.type
_entity.pdbx_description
1 polymer 'P2X purinoceptor 7'
2 non-polymer N-{[2-chloro-3-(trifluoromethyl)phenyl]methyl}-1-methyl-5-oxo-L-prolinamide
3 non-polymer "GUANOSINE-5'-DIPHOSPHATE"
4 non-polymer 'ZINC ION'
5 non-polymer 2-acetamido-2-deoxy-beta-D-glucopyranose
6 non-polymer 'PALMITIC ACID'
7 non-polymer 'SODIUM ION'
8 water water
#
_entity_poly.entity_id   1
_entity_poly.type   'polypeptide(L)'
_entity_poly.pdbx_seq_one_letter_code
;MPACCSWNDVFQYETNKVTRIQSVNYGTIKWILHMTVFSYVSFALMSDKLYQRKEPLISSVHTKVKGVAEVTENVTEGGV
TKLVHGIFDTADYTLPLQGNSFFVMTNYLKSEGQEQKLCPEYPSRGKQCHSDQGCIKGWMDPQSKGIQTGRCIPYDQKRK
TCEIFAWCPAEEGKEAPRPALLRSAENFTVLIKNNIDFPGHNYTTRNILPGMNISCTFHKTWNPQCPIFRLGDIFQEIGE
NFTEVAVQGGIMGIEIYWDCNLDSWSHRCQPKYSFRRLDDKYTNESLFPGYNFRYAKYYKENGMEKRTLIKAFGVRFDIL
VFGTGGKFDIIQLVVYIGSTLSYFGLATVCIDLIINTYASTCCRSRVYPSCKCCEPCAVNEYYYRKKCEPIVEPKPTLKY
VSFVDEPHIWMVDQQLLGKSLQDVKGQEVPRPQTDFLELSRLSLSLHHSPPIPGQPEEMQLLQIEAVPRSRDSPDWCQCG
NCLPSQLPENRRALEELCCRRKPGQCITTSELFSKIVLSREALQLLLLYQEPLLALEGEAINSKLRHCAYRSYATWRFVS
QDMADFAILPSCCRWKIRKEFPKTQGQYSGFKYPY
;
_entity_poly.pdbx_strand_id   A,B,C
#
loop_
_chem_comp.id
_chem_comp.type
_chem_comp.name
_chem_comp.formula
GDP RNA linking GUANOSINE-5'-DIPHOSPHATE 'C10 H15 N5 O11 P2'
KF0 non-polymer N-{[2-chloro-3-(trifluoromethyl)phenyl]methyl}-1-methyl-5-oxo-L-prolinamide 'C14 H14 Cl F3 N2 O2'
NA non-polymer 'SODIUM ION' 'Na 1'
NAG D-saccharide, beta linking 2-acetamido-2-deoxy-beta-D-glucopyranose 'C8 H15 N O6'
PLM non-polymer 'PALMITIC ACID' 'C16 H32 O2'
ZN non-polymer 'ZINC ION' 'Zn 2'
#
# COMPACT_ATOMS: atom_id res chain seq x y z
N SER A 6 -36.43 7.49 12.98
CA SER A 6 -35.81 8.12 11.78
C SER A 6 -34.55 8.89 12.17
N TRP A 7 -34.74 10.05 12.80
CA TRP A 7 -33.59 10.83 13.24
C TRP A 7 -32.78 10.09 14.29
N ASN A 8 -33.45 9.40 15.22
CA ASN A 8 -32.75 8.66 16.26
C ASN A 8 -31.91 7.52 15.67
N ASP A 9 -32.28 7.02 14.48
CA ASP A 9 -31.50 5.95 13.88
C ASP A 9 -30.08 6.42 13.56
N VAL A 10 -29.94 7.64 13.04
CA VAL A 10 -28.63 8.20 12.76
C VAL A 10 -27.85 8.39 14.06
N PHE A 11 -28.54 8.80 15.12
CA PHE A 11 -27.89 9.12 16.38
C PHE A 11 -27.70 7.87 17.24
N GLN A 12 -26.94 6.92 16.70
CA GLN A 12 -26.64 5.68 17.38
C GLN A 12 -25.16 5.37 17.24
N TYR A 13 -24.61 4.70 18.25
CA TYR A 13 -23.24 4.20 18.23
C TYR A 13 -23.21 2.79 18.79
N GLU A 14 -22.56 1.89 18.08
CA GLU A 14 -22.44 0.49 18.48
C GLU A 14 -21.03 0.24 19.00
N THR A 15 -20.93 -0.28 20.22
CA THR A 15 -19.65 -0.64 20.82
C THR A 15 -19.67 -2.13 21.16
N ASN A 16 -18.57 -2.80 20.84
CA ASN A 16 -18.47 -4.24 21.05
C ASN A 16 -18.43 -4.55 22.55
N LYS A 17 -19.15 -5.59 22.94
CA LYS A 17 -19.07 -6.11 24.29
C LYS A 17 -17.79 -6.91 24.44
N VAL A 18 -17.02 -6.64 25.50
CA VAL A 18 -15.71 -7.24 25.69
C VAL A 18 -15.61 -7.80 27.11
N THR A 19 -14.73 -8.80 27.25
CA THR A 19 -14.37 -9.35 28.55
C THR A 19 -12.89 -9.11 28.76
N ARG A 20 -12.55 -8.36 29.81
CA ARG A 20 -11.15 -8.12 30.16
C ARG A 20 -10.69 -9.17 31.15
N ILE A 21 -9.51 -9.74 30.89
CA ILE A 21 -8.94 -10.80 31.69
C ILE A 21 -7.71 -10.26 32.40
N GLN A 22 -7.70 -10.34 33.74
CA GLN A 22 -6.56 -9.90 34.53
C GLN A 22 -5.54 -11.05 34.57
N SER A 23 -4.91 -11.27 33.42
CA SER A 23 -3.94 -12.35 33.26
C SER A 23 -2.58 -11.76 32.94
N VAL A 24 -1.57 -12.17 33.71
CA VAL A 24 -0.21 -11.70 33.46
C VAL A 24 0.30 -12.23 32.13
N ASN A 25 0.10 -13.52 31.87
CA ASN A 25 0.64 -14.12 30.66
C ASN A 25 0.05 -13.47 29.40
N TYR A 26 -1.27 -13.32 29.37
CA TYR A 26 -1.91 -12.78 28.17
C TYR A 26 -1.57 -11.31 27.96
N GLY A 27 -1.55 -10.52 29.04
CA GLY A 27 -1.15 -9.13 28.90
C GLY A 27 0.27 -8.99 28.42
N THR A 28 1.17 -9.80 28.98
CA THR A 28 2.57 -9.76 28.55
C THR A 28 2.70 -10.14 27.08
N ILE A 29 1.99 -11.19 26.66
CA ILE A 29 2.06 -11.61 25.27
C ILE A 29 1.52 -10.51 24.36
N LYS A 30 0.40 -9.90 24.75
CA LYS A 30 -0.20 -8.84 23.94
C LYS A 30 0.77 -7.68 23.78
N TRP A 31 1.38 -7.24 24.88
CA TRP A 31 2.28 -6.09 24.82
C TRP A 31 3.53 -6.43 24.03
N ILE A 32 4.06 -7.65 24.18
CA ILE A 32 5.25 -8.06 23.44
C ILE A 32 4.95 -8.06 21.94
N LEU A 33 3.80 -8.62 21.56
CA LEU A 33 3.45 -8.65 20.14
C LEU A 33 3.22 -7.25 19.59
N HIS A 34 2.57 -6.39 20.37
CA HIS A 34 2.35 -5.02 19.93
C HIS A 34 3.68 -4.31 19.71
N MET A 35 4.62 -4.46 20.65
CA MET A 35 5.92 -3.82 20.51
C MET A 35 6.69 -4.40 19.32
N THR A 36 6.61 -5.71 19.10
CA THR A 36 7.29 -6.30 17.96
C THR A 36 6.75 -5.74 16.65
N VAL A 37 5.42 -5.67 16.53
CA VAL A 37 4.81 -5.16 15.30
C VAL A 37 5.20 -3.70 15.10
N PHE A 38 5.11 -2.90 16.17
CA PHE A 38 5.45 -1.48 16.06
C PHE A 38 6.92 -1.30 15.68
N SER A 39 7.81 -2.08 16.28
CA SER A 39 9.23 -1.96 15.98
C SER A 39 9.52 -2.32 14.53
N TYR A 40 8.93 -3.42 14.04
CA TYR A 40 9.16 -3.79 12.65
C TYR A 40 8.60 -2.74 11.70
N VAL A 41 7.41 -2.23 11.99
CA VAL A 41 6.80 -1.23 11.12
C VAL A 41 7.66 0.03 11.07
N SER A 42 8.11 0.50 12.23
CA SER A 42 8.93 1.70 12.27
C SER A 42 10.27 1.47 11.58
N PHE A 43 10.88 0.30 11.79
CA PHE A 43 12.16 0.01 11.14
C PHE A 43 12.01 -0.01 9.63
N ALA A 44 10.95 -0.64 9.12
CA ALA A 44 10.71 -0.63 7.68
C ALA A 44 10.50 0.78 7.17
N LEU A 45 9.63 1.53 7.83
CA LEU A 45 9.32 2.88 7.37
C LEU A 45 10.57 3.71 7.31
N MET A 46 11.42 3.59 8.32
CA MET A 46 12.65 4.37 8.38
C MET A 46 13.71 3.85 7.43
N SER A 47 13.87 2.53 7.35
CA SER A 47 14.87 1.92 6.49
C SER A 47 14.56 2.14 5.00
N ASP A 48 13.29 1.99 4.63
CA ASP A 48 12.90 2.14 3.22
C ASP A 48 12.39 3.52 2.88
N LYS A 49 12.39 4.43 3.85
CA LYS A 49 11.88 5.78 3.63
C LYS A 49 10.54 5.73 2.93
N LEU A 50 9.66 4.86 3.39
CA LEU A 50 8.33 4.72 2.81
C LEU A 50 7.46 5.96 3.04
N TYR A 51 7.89 6.88 3.90
CA TYR A 51 7.22 8.16 4.06
C TYR A 51 7.63 9.16 3.00
N GLN A 52 8.55 8.81 2.11
CA GLN A 52 9.10 9.72 1.12
C GLN A 52 8.56 9.38 -0.26
N ARG A 53 8.13 10.41 -0.99
CA ARG A 53 7.76 10.21 -2.39
C ARG A 53 9.08 10.27 -3.11
N LYS A 54 9.42 9.22 -3.86
CA LYS A 54 10.72 9.16 -4.51
C LYS A 54 10.63 9.45 -6.00
N GLU A 55 11.54 10.28 -6.51
CA GLU A 55 11.50 10.68 -7.92
C GLU A 55 12.79 10.40 -8.65
N PRO A 56 12.70 10.01 -9.94
CA PRO A 56 13.95 9.83 -10.70
C PRO A 56 14.51 11.16 -11.17
N LEU A 57 15.82 11.19 -11.35
CA LEU A 57 16.51 12.41 -11.74
C LEU A 57 16.63 12.52 -13.25
N ILE A 58 16.74 13.76 -13.73
CA ILE A 58 17.11 14.06 -15.11
C ILE A 58 18.51 14.65 -15.06
N SER A 59 19.41 14.12 -15.90
CA SER A 59 20.83 14.39 -15.80
C SER A 59 21.38 14.97 -17.10
N SER A 60 22.37 15.83 -16.95
CA SER A 60 23.18 16.35 -18.05
C SER A 60 24.65 16.18 -17.70
N VAL A 61 25.43 15.71 -18.67
CA VAL A 61 26.84 15.39 -18.46
C VAL A 61 27.68 16.19 -19.45
N HIS A 62 28.74 16.82 -18.94
CA HIS A 62 29.70 17.54 -19.77
C HIS A 62 31.09 17.02 -19.44
N THR A 63 31.78 16.50 -20.46
CA THR A 63 33.08 15.87 -20.29
C THR A 63 34.17 16.69 -20.96
N LYS A 64 35.33 16.73 -20.33
CA LYS A 64 36.51 17.40 -20.87
C LYS A 64 37.72 16.49 -20.71
N VAL A 65 38.30 16.08 -21.82
CA VAL A 65 39.45 15.17 -21.82
C VAL A 65 40.72 15.98 -22.00
N LYS A 66 41.72 15.70 -21.16
CA LYS A 66 43.03 16.36 -21.21
C LYS A 66 44.10 15.29 -21.39
N GLY A 67 45.02 15.53 -22.32
CA GLY A 67 46.10 14.60 -22.58
C GLY A 67 46.74 14.79 -23.94
N VAL A 68 48.05 14.55 -24.01
CA VAL A 68 48.81 14.66 -25.25
C VAL A 68 49.59 13.36 -25.44
N ALA A 69 49.60 12.86 -26.68
CA ALA A 69 50.24 11.59 -26.98
C ALA A 69 51.27 11.74 -28.09
N GLU A 70 52.33 10.93 -27.99
CA GLU A 70 53.43 10.91 -28.95
C GLU A 70 53.42 9.57 -29.69
N VAL A 71 53.68 9.61 -31.00
CA VAL A 71 53.80 8.41 -31.80
C VAL A 71 55.01 8.55 -32.71
N THR A 72 55.72 7.45 -32.92
CA THR A 72 56.85 7.39 -33.85
C THR A 72 56.66 6.13 -34.68
N GLU A 73 55.95 6.26 -35.80
CA GLU A 73 55.54 5.11 -36.59
C GLU A 73 55.78 5.40 -38.07
N ASN A 74 56.08 4.35 -38.83
CA ASN A 74 56.30 4.48 -40.26
C ASN A 74 54.97 4.56 -41.00
N THR A 81 58.11 4.47 -47.13
CA THR A 81 58.44 3.90 -45.83
C THR A 81 59.45 4.79 -45.10
N LYS A 82 58.93 5.74 -44.33
CA LYS A 82 59.76 6.68 -43.58
C LYS A 82 59.23 6.78 -42.15
N LEU A 83 60.15 6.99 -41.21
CA LEU A 83 59.77 7.15 -39.81
C LEU A 83 59.04 8.47 -39.63
N VAL A 84 57.77 8.41 -39.26
CA VAL A 84 56.92 9.58 -39.12
C VAL A 84 56.69 9.85 -37.64
N HIS A 85 56.96 11.09 -37.23
CA HIS A 85 56.72 11.53 -35.86
C HIS A 85 55.37 12.24 -35.81
N GLY A 86 54.53 11.85 -34.87
CA GLY A 86 53.16 12.35 -34.80
C GLY A 86 52.77 12.77 -33.41
N ILE A 87 52.02 13.87 -33.34
CA ILE A 87 51.53 14.44 -32.09
C ILE A 87 50.01 14.33 -32.11
N PHE A 88 49.44 13.78 -31.04
CA PHE A 88 47.99 13.61 -30.91
C PHE A 88 47.49 14.43 -29.75
N ASP A 89 46.56 15.34 -30.03
CA ASP A 89 45.87 16.13 -29.03
C ASP A 89 44.39 15.77 -29.04
N THR A 90 43.61 16.48 -28.21
CA THR A 90 42.20 16.14 -28.06
C THR A 90 41.47 16.11 -29.39
N ALA A 91 41.77 17.06 -30.27
CA ALA A 91 41.12 17.09 -31.58
C ALA A 91 41.54 15.91 -32.46
N ASP A 92 42.62 15.20 -32.10
CA ASP A 92 43.11 14.10 -32.90
C ASP A 92 42.67 12.73 -32.40
N TYR A 93 42.16 12.64 -31.16
CA TYR A 93 41.71 11.35 -30.63
C TYR A 93 40.36 11.45 -29.93
N THR A 94 39.67 12.59 -30.00
CA THR A 94 38.35 12.73 -29.42
C THR A 94 37.38 13.28 -30.46
N LEU A 95 36.15 12.77 -30.42
CA LEU A 95 35.10 13.28 -31.28
C LEU A 95 34.43 14.50 -30.64
N PRO A 96 33.75 15.33 -31.43
CA PRO A 96 33.14 16.54 -30.85
C PRO A 96 32.16 16.25 -29.73
N LEU A 97 31.49 15.10 -29.77
CA LEU A 97 30.53 14.76 -28.72
C LEU A 97 31.19 14.78 -27.35
N GLN A 98 30.50 15.41 -26.38
CA GLN A 98 31.03 15.54 -25.03
C GLN A 98 29.92 15.32 -23.99
N GLY A 99 28.95 14.47 -24.31
CA GLY A 99 27.82 14.26 -23.43
C GLY A 99 27.96 13.02 -22.57
N ASN A 100 26.93 12.16 -22.59
CA ASN A 100 26.93 10.99 -21.74
C ASN A 100 27.98 9.96 -22.16
N SER A 101 28.48 10.07 -23.37
CA SER A 101 29.53 9.18 -23.83
C SER A 101 30.64 9.90 -24.57
N PHE A 102 31.88 9.55 -24.30
CA PHE A 102 33.03 10.10 -25.01
C PHE A 102 34.00 8.98 -25.36
N PHE A 103 34.64 9.11 -26.51
CA PHE A 103 35.53 8.09 -27.05
C PHE A 103 36.96 8.62 -27.06
N VAL A 104 37.89 7.79 -26.60
CA VAL A 104 39.32 8.10 -26.62
C VAL A 104 40.02 7.05 -27.47
N MET A 105 40.73 7.50 -28.50
CA MET A 105 41.45 6.58 -29.36
C MET A 105 42.68 6.03 -28.64
N THR A 106 42.90 4.71 -28.78
CA THR A 106 44.05 4.06 -28.19
C THR A 106 44.92 3.35 -29.23
N ASN A 107 44.41 3.12 -30.44
CA ASN A 107 45.17 2.47 -31.49
C ASN A 107 44.52 2.85 -32.82
N TYR A 108 45.29 2.73 -33.90
CA TYR A 108 44.74 3.09 -35.20
C TYR A 108 45.51 2.37 -36.30
N LEU A 109 44.77 2.04 -37.36
CA LEU A 109 45.34 1.55 -38.61
C LEU A 109 45.03 2.56 -39.70
N LYS A 110 46.07 3.00 -40.41
CA LYS A 110 45.95 4.08 -41.39
C LYS A 110 46.09 3.52 -42.81
N SER A 111 45.18 3.93 -43.68
CA SER A 111 45.25 3.63 -45.11
C SER A 111 45.09 4.96 -45.84
N GLU A 112 46.20 5.48 -46.38
CA GLU A 112 46.23 6.81 -46.95
C GLU A 112 46.05 6.76 -48.46
N GLY A 113 45.49 7.84 -49.00
CA GLY A 113 45.37 8.00 -50.43
C GLY A 113 44.52 6.95 -51.11
N GLN A 114 43.34 6.66 -50.53
CA GLN A 114 42.45 5.68 -51.13
C GLN A 114 41.73 6.29 -52.33
N GLU A 115 41.52 5.46 -53.35
CA GLU A 115 40.79 5.84 -54.55
C GLU A 115 39.78 4.76 -54.89
N GLN A 116 38.63 5.17 -55.43
CA GLN A 116 37.58 4.23 -55.80
C GLN A 116 37.98 3.55 -57.10
N LYS A 117 38.49 2.33 -57.00
CA LYS A 117 38.99 1.61 -58.17
C LYS A 117 39.13 0.13 -57.80
N LEU A 118 39.73 -0.65 -58.70
CA LEU A 118 39.91 -2.07 -58.49
C LEU A 118 41.23 -2.34 -57.75
N CYS A 119 41.22 -3.37 -56.92
CA CYS A 119 42.42 -3.75 -56.17
C CYS A 119 42.20 -5.13 -55.57
N PRO A 120 43.26 -5.85 -55.26
CA PRO A 120 43.11 -7.10 -54.51
C PRO A 120 42.68 -6.84 -53.08
N GLU A 121 41.93 -7.80 -52.53
CA GLU A 121 41.48 -7.69 -51.15
C GLU A 121 42.55 -8.22 -50.20
N TYR A 122 42.59 -7.64 -49.01
CA TYR A 122 43.60 -8.01 -48.04
C TYR A 122 43.43 -9.48 -47.64
N PRO A 123 44.52 -10.27 -47.58
CA PRO A 123 44.39 -11.70 -47.23
C PRO A 123 44.28 -11.95 -45.73
N SER A 124 43.07 -11.84 -45.21
CA SER A 124 42.79 -11.97 -43.79
C SER A 124 42.00 -13.25 -43.54
N ARG A 125 42.53 -14.11 -42.68
CA ARG A 125 41.83 -15.29 -42.20
C ARG A 125 41.34 -16.16 -43.35
N GLY A 126 42.30 -16.69 -44.11
CA GLY A 126 41.99 -17.60 -45.19
C GLY A 126 41.16 -16.96 -46.29
N LYS A 127 41.54 -15.76 -46.71
CA LYS A 127 40.85 -15.04 -47.76
C LYS A 127 41.45 -15.31 -49.15
N GLN A 128 42.43 -16.22 -49.23
CA GLN A 128 43.13 -16.45 -50.48
C GLN A 128 42.24 -17.17 -51.49
N CYS A 129 42.59 -17.01 -52.76
CA CYS A 129 41.93 -17.69 -53.86
C CYS A 129 42.97 -18.32 -54.77
N HIS A 130 42.58 -19.42 -55.42
CA HIS A 130 43.46 -20.14 -56.33
C HIS A 130 42.95 -20.16 -57.76
N SER A 131 41.87 -19.44 -58.05
CA SER A 131 41.31 -19.42 -59.40
C SER A 131 40.32 -18.27 -59.52
N ASP A 132 40.19 -17.74 -60.73
CA ASP A 132 39.23 -16.67 -60.96
C ASP A 132 37.80 -17.13 -60.71
N GLN A 133 37.47 -18.34 -61.16
CA GLN A 133 36.11 -18.85 -61.00
C GLN A 133 35.74 -19.00 -59.52
N GLY A 134 36.72 -19.24 -58.66
CA GLY A 134 36.41 -19.42 -57.25
C GLY A 134 35.77 -18.20 -56.63
N CYS A 135 36.28 -17.02 -56.94
CA CYS A 135 35.73 -15.79 -56.40
C CYS A 135 34.50 -15.36 -57.20
N ILE A 136 33.49 -14.88 -56.48
CA ILE A 136 32.22 -14.52 -57.10
C ILE A 136 32.37 -13.18 -57.83
N LYS A 137 31.44 -12.93 -58.76
CA LYS A 137 31.36 -11.67 -59.48
C LYS A 137 30.11 -10.93 -59.07
N GLY A 138 30.26 -9.66 -58.69
CA GLY A 138 29.14 -8.86 -58.24
C GLY A 138 28.70 -9.10 -56.81
N TRP A 139 29.37 -10.00 -56.10
CA TRP A 139 29.02 -10.27 -54.71
C TRP A 139 29.56 -9.18 -53.81
N MET A 140 28.69 -8.64 -52.96
CA MET A 140 29.08 -7.57 -52.04
C MET A 140 29.53 -8.20 -50.72
N ASP A 141 30.80 -7.96 -50.36
CA ASP A 141 31.39 -8.54 -49.16
C ASP A 141 31.59 -7.46 -48.12
N PRO A 142 30.75 -7.38 -47.09
CA PRO A 142 30.99 -6.39 -46.03
C PRO A 142 32.33 -6.58 -45.33
N GLN A 143 32.86 -7.79 -45.31
CA GLN A 143 34.18 -8.01 -44.71
C GLN A 143 35.26 -7.30 -45.50
N SER A 144 35.29 -7.51 -46.81
CA SER A 144 36.25 -6.84 -47.67
C SER A 144 35.83 -5.42 -48.04
N LYS A 145 34.55 -5.10 -47.89
CA LYS A 145 34.05 -3.75 -48.18
C LYS A 145 34.25 -3.40 -49.66
N GLY A 146 33.92 -4.33 -50.54
CA GLY A 146 34.09 -4.10 -51.95
C GLY A 146 33.25 -5.03 -52.77
N ILE A 147 33.14 -4.76 -54.06
CA ILE A 147 32.35 -5.60 -54.95
C ILE A 147 33.28 -6.43 -55.80
N GLN A 148 33.17 -7.74 -55.72
CA GLN A 148 34.08 -8.61 -56.45
C GLN A 148 33.87 -8.58 -57.96
N THR A 149 34.96 -8.71 -58.72
CA THR A 149 34.86 -8.77 -60.17
C THR A 149 34.97 -10.19 -60.71
N GLY A 150 35.05 -11.19 -59.84
CA GLY A 150 35.12 -12.57 -60.29
C GLY A 150 36.50 -13.02 -60.72
N ARG A 151 37.55 -12.27 -60.39
CA ARG A 151 38.91 -12.60 -60.76
C ARG A 151 39.77 -12.74 -59.51
N CYS A 152 40.71 -13.68 -59.55
CA CYS A 152 41.71 -13.84 -58.51
C CYS A 152 43.01 -13.21 -59.02
N ILE A 153 43.50 -12.20 -58.31
CA ILE A 153 44.65 -11.43 -58.75
C ILE A 153 45.71 -11.52 -57.67
N PRO A 154 46.98 -11.32 -58.02
CA PRO A 154 48.08 -11.49 -57.05
C PRO A 154 48.19 -10.30 -56.11
N TYR A 155 47.82 -10.52 -54.85
CA TYR A 155 48.06 -9.49 -53.83
C TYR A 155 49.55 -9.25 -53.65
N ASP A 156 50.35 -10.31 -53.67
CA ASP A 156 51.80 -10.20 -53.59
C ASP A 156 52.40 -11.35 -54.39
N GLN A 157 53.69 -11.62 -54.19
CA GLN A 157 54.36 -12.68 -54.94
C GLN A 157 53.80 -14.04 -54.61
N LYS A 158 53.52 -14.30 -53.32
CA LYS A 158 53.20 -15.66 -52.88
C LYS A 158 51.71 -15.94 -52.82
N ARG A 159 50.90 -14.96 -52.43
CA ARG A 159 49.46 -15.19 -52.27
C ARG A 159 48.63 -14.32 -53.20
N LYS A 160 47.47 -14.83 -53.62
CA LYS A 160 46.59 -14.08 -54.51
C LYS A 160 45.22 -13.93 -53.90
N THR A 161 44.59 -12.78 -54.12
CA THR A 161 43.28 -12.52 -53.55
C THR A 161 42.36 -11.99 -54.62
N CYS A 162 41.06 -12.13 -54.43
CA CYS A 162 40.09 -11.72 -55.45
C CYS A 162 40.09 -10.21 -55.62
N GLU A 163 39.95 -9.78 -56.88
CA GLU A 163 39.84 -8.36 -57.18
C GLU A 163 38.49 -7.83 -56.70
N ILE A 164 38.46 -6.57 -56.26
CA ILE A 164 37.22 -5.95 -55.83
C ILE A 164 37.21 -4.47 -56.15
N PHE A 165 36.04 -3.92 -56.46
CA PHE A 165 35.95 -2.48 -56.65
C PHE A 165 35.74 -1.90 -55.28
N ALA A 166 36.60 -0.99 -54.87
CA ALA A 166 36.52 -0.47 -53.51
C ALA A 166 37.48 0.68 -53.32
N TRP A 167 37.61 1.16 -52.10
CA TRP A 167 38.61 2.17 -51.82
C TRP A 167 39.93 1.42 -51.76
N CYS A 168 40.89 1.80 -52.59
CA CYS A 168 42.15 1.11 -52.71
C CYS A 168 43.32 2.04 -52.41
N PRO A 169 44.36 1.57 -51.70
CA PRO A 169 44.55 0.19 -51.24
C PRO A 169 43.61 -0.20 -50.09
N ALA A 170 43.24 -1.47 -50.04
CA ALA A 170 42.32 -1.99 -49.04
C ALA A 170 43.10 -2.76 -47.99
N GLU A 171 42.92 -2.39 -46.72
CA GLU A 171 43.62 -3.03 -45.61
C GLU A 171 42.67 -3.68 -44.62
N GLU A 172 41.38 -3.76 -44.94
CA GLU A 172 40.42 -4.36 -44.02
C GLU A 172 40.82 -5.80 -43.72
N GLY A 173 40.74 -6.18 -42.45
CA GLY A 173 41.21 -7.47 -41.98
C GLY A 173 42.56 -7.42 -41.31
N LYS A 174 43.33 -6.35 -41.50
CA LYS A 174 44.62 -6.21 -40.83
C LYS A 174 44.42 -6.16 -39.32
N GLU A 175 45.27 -6.88 -38.60
CA GLU A 175 45.18 -6.95 -37.16
C GLU A 175 45.60 -5.62 -36.53
N ALA A 176 44.98 -5.30 -35.39
CA ALA A 176 45.32 -4.08 -34.70
C ALA A 176 46.78 -4.13 -34.24
N PRO A 177 47.54 -3.04 -34.38
CA PRO A 177 48.94 -3.07 -33.97
C PRO A 177 49.08 -3.41 -32.49
N ARG A 178 50.12 -4.18 -32.17
CA ARG A 178 50.42 -4.56 -30.79
C ARG A 178 51.91 -4.31 -30.56
N PRO A 179 52.29 -3.51 -29.54
CA PRO A 179 51.44 -2.85 -28.55
C PRO A 179 50.67 -1.67 -29.11
N ALA A 180 49.63 -1.23 -28.41
CA ALA A 180 48.82 -0.12 -28.87
C ALA A 180 49.67 1.15 -28.98
N LEU A 181 49.47 1.87 -30.08
CA LEU A 181 50.27 3.07 -30.33
C LEU A 181 50.01 4.14 -29.27
N LEU A 182 48.76 4.39 -28.94
CA LEU A 182 48.39 5.40 -27.95
C LEU A 182 48.19 4.77 -26.57
N ARG A 183 49.24 4.10 -26.10
CA ARG A 183 49.22 3.56 -24.74
C ARG A 183 49.18 4.69 -23.71
N SER A 184 49.87 5.79 -24.00
CA SER A 184 49.90 6.93 -23.09
C SER A 184 48.51 7.47 -22.77
N ALA A 185 47.47 7.01 -23.49
CA ALA A 185 46.11 7.40 -23.13
C ALA A 185 45.75 6.98 -21.72
N GLU A 186 46.44 6.00 -21.14
CA GLU A 186 46.19 5.63 -19.75
C GLU A 186 46.49 6.79 -18.82
N ASN A 187 47.39 7.67 -19.23
CA ASN A 187 47.72 8.84 -18.44
C ASN A 187 46.79 10.02 -18.68
N PHE A 188 45.88 9.93 -19.64
CA PHE A 188 44.94 11.00 -19.89
C PHE A 188 43.98 11.14 -18.72
N THR A 189 43.43 12.35 -18.57
CA THR A 189 42.47 12.65 -17.52
C THR A 189 41.16 13.11 -18.13
N VAL A 190 40.06 12.88 -17.42
CA VAL A 190 38.75 13.34 -17.84
C VAL A 190 38.08 14.04 -16.66
N LEU A 191 37.55 15.23 -16.91
CA LEU A 191 36.75 15.96 -15.95
C LEU A 191 35.29 15.83 -16.35
N ILE A 192 34.47 15.37 -15.42
CA ILE A 192 33.04 15.12 -15.65
C ILE A 192 32.25 16.08 -14.78
N LYS A 193 31.39 16.87 -15.42
CA LYS A 193 30.46 17.75 -14.73
C LYS A 193 29.06 17.19 -14.92
N ASN A 194 28.40 16.84 -13.82
CA ASN A 194 27.08 16.22 -13.86
C ASN A 194 26.09 17.12 -13.16
N ASN A 195 25.05 17.56 -13.88
CA ASN A 195 23.98 18.36 -13.33
C ASN A 195 22.72 17.49 -13.29
N ILE A 196 22.18 17.30 -12.08
CA ILE A 196 20.98 16.47 -11.90
C ILE A 196 19.87 17.33 -11.35
N ASP A 197 18.65 17.00 -11.77
CA ASP A 197 17.49 17.73 -11.32
C ASP A 197 16.37 16.77 -10.97
N PHE A 198 15.64 17.07 -9.90
CA PHE A 198 14.46 16.28 -9.56
C PHE A 198 13.33 17.23 -9.86
N PRO A 199 12.78 17.19 -11.09
CA PRO A 199 11.76 18.17 -11.50
C PRO A 199 10.52 18.24 -10.61
N GLY A 200 10.04 17.09 -10.13
CA GLY A 200 8.91 17.06 -9.20
C GLY A 200 9.19 17.66 -7.85
N HIS A 201 10.40 17.47 -7.33
CA HIS A 201 10.77 18.04 -6.04
C HIS A 201 11.34 19.45 -6.17
N ASN A 202 11.38 19.99 -7.38
CA ASN A 202 11.92 21.33 -7.61
C ASN A 202 13.30 21.48 -7.00
N TYR A 203 14.17 20.53 -7.28
CA TYR A 203 15.52 20.54 -6.75
C TYR A 203 16.51 20.32 -7.88
N THR A 204 17.70 20.92 -7.76
CA THR A 204 18.74 20.75 -8.76
C THR A 204 20.09 20.90 -8.08
N THR A 205 21.06 20.08 -8.49
CA THR A 205 22.40 20.15 -7.94
C THR A 205 23.40 19.67 -8.99
N ARG A 206 24.68 19.79 -8.65
CA ARG A 206 25.75 19.37 -9.54
C ARG A 206 26.83 18.68 -8.72
N ASN A 207 27.67 17.91 -9.41
CA ASN A 207 28.70 17.10 -8.75
C ASN A 207 29.90 17.93 -8.31
N ILE A 208 29.99 19.20 -8.70
CA ILE A 208 31.08 20.07 -8.30
C ILE A 208 30.50 21.26 -7.56
N LEU A 209 31.02 21.52 -6.36
CA LEU A 209 30.56 22.59 -5.49
C LEU A 209 31.73 23.50 -5.12
N PRO A 210 31.45 24.73 -4.70
CA PRO A 210 32.53 25.66 -4.37
C PRO A 210 33.42 25.11 -3.26
N GLY A 211 34.72 25.41 -3.35
CA GLY A 211 35.69 24.96 -2.39
C GLY A 211 36.34 23.63 -2.71
N MET A 212 36.07 23.05 -3.88
CA MET A 212 36.64 21.77 -4.24
C MET A 212 38.06 21.95 -4.76
N ASN A 213 38.93 21.00 -4.41
CA ASN A 213 40.30 21.01 -4.92
C ASN A 213 40.29 20.81 -6.43
N ILE A 214 41.12 21.61 -7.12
CA ILE A 214 41.23 21.51 -8.57
C ILE A 214 42.41 20.65 -9.01
N SER A 215 43.39 20.42 -8.14
CA SER A 215 44.51 19.53 -8.43
C SER A 215 44.22 18.09 -8.04
N CYS A 216 43.02 17.80 -7.55
CA CYS A 216 42.69 16.46 -7.09
C CYS A 216 42.53 15.49 -8.26
N THR A 217 42.73 14.21 -7.96
CA THR A 217 42.39 13.12 -8.86
C THR A 217 41.59 12.09 -8.08
N PHE A 218 40.62 11.48 -8.75
CA PHE A 218 39.66 10.63 -8.04
C PHE A 218 40.34 9.43 -7.42
N HIS A 219 39.92 9.10 -6.19
CA HIS A 219 40.30 7.87 -5.51
C HIS A 219 39.11 7.40 -4.69
N LYS A 220 39.00 6.08 -4.53
CA LYS A 220 37.84 5.52 -3.85
C LYS A 220 37.75 6.00 -2.41
N THR A 221 38.89 6.07 -1.71
CA THR A 221 38.92 6.42 -0.30
C THR A 221 39.44 7.84 -0.07
N TRP A 222 40.57 8.20 -0.66
CA TRP A 222 41.19 9.50 -0.35
C TRP A 222 40.36 10.65 -0.92
N ASN A 223 39.97 10.55 -2.19
CA ASN A 223 39.22 11.62 -2.87
C ASN A 223 38.05 11.00 -3.62
N PRO A 224 37.03 10.54 -2.90
CA PRO A 224 35.86 9.95 -3.57
C PRO A 224 34.97 10.95 -4.28
N GLN A 225 35.15 12.25 -4.01
CA GLN A 225 34.30 13.28 -4.60
C GLN A 225 35.00 14.07 -5.70
N CYS A 226 36.24 13.74 -6.04
CA CYS A 226 36.94 14.44 -7.11
C CYS A 226 36.40 14.00 -8.46
N PRO A 227 35.88 14.91 -9.29
CA PRO A 227 35.30 14.48 -10.58
C PRO A 227 36.32 14.38 -11.70
N ILE A 228 37.60 14.37 -11.35
CA ILE A 228 38.69 14.21 -12.32
C ILE A 228 39.20 12.79 -12.20
N PHE A 229 39.17 12.05 -13.31
CA PHE A 229 39.48 10.63 -13.31
C PHE A 229 40.61 10.36 -14.29
N ARG A 230 41.59 9.57 -13.85
CA ARG A 230 42.61 9.04 -14.74
C ARG A 230 42.14 7.71 -15.32
N LEU A 231 42.24 7.58 -16.65
CA LEU A 231 41.69 6.40 -17.32
C LEU A 231 42.37 5.12 -16.82
N GLY A 232 43.69 5.15 -16.68
CA GLY A 232 44.39 4.00 -16.13
C GLY A 232 43.92 3.67 -14.72
N ASP A 233 43.67 4.69 -13.91
CA ASP A 233 43.13 4.46 -12.58
C ASP A 233 41.73 3.86 -12.66
N ILE A 234 40.92 4.33 -13.61
CA ILE A 234 39.59 3.77 -13.79
C ILE A 234 39.69 2.27 -14.08
N PHE A 235 40.59 1.90 -14.99
CA PHE A 235 40.73 0.48 -15.33
C PHE A 235 41.27 -0.33 -14.16
N GLN A 236 42.24 0.21 -13.43
CA GLN A 236 42.84 -0.54 -12.33
C GLN A 236 41.88 -0.70 -11.15
N GLU A 237 40.97 0.25 -10.97
CA GLU A 237 40.05 0.16 -9.84
C GLU A 237 39.22 -1.11 -9.88
N ILE A 238 38.94 -1.64 -11.06
CA ILE A 238 38.11 -2.83 -11.23
C ILE A 238 38.91 -3.99 -11.84
N GLY A 239 40.23 -3.96 -11.71
CA GLY A 239 41.06 -5.05 -12.19
C GLY A 239 41.03 -5.25 -13.69
N GLU A 240 41.08 -4.16 -14.45
CA GLU A 240 41.15 -4.21 -15.91
C GLU A 240 42.50 -3.67 -16.37
N ASN A 241 43.06 -4.32 -17.39
CA ASN A 241 44.37 -3.97 -17.91
C ASN A 241 44.20 -3.02 -19.08
N PHE A 242 44.55 -1.75 -18.87
CA PHE A 242 44.40 -0.75 -19.92
C PHE A 242 45.29 -1.07 -21.12
N THR A 243 46.50 -1.56 -20.86
CA THR A 243 47.43 -1.83 -21.96
C THR A 243 46.86 -2.86 -22.94
N GLU A 244 46.26 -3.93 -22.41
CA GLU A 244 45.70 -4.95 -23.29
C GLU A 244 44.44 -4.47 -23.99
N VAL A 245 43.56 -3.79 -23.27
CA VAL A 245 42.31 -3.30 -23.87
C VAL A 245 42.60 -2.26 -24.94
N ALA A 246 43.71 -1.54 -24.82
CA ALA A 246 44.02 -0.49 -25.80
C ALA A 246 44.24 -1.06 -27.19
N VAL A 247 44.67 -2.33 -27.28
CA VAL A 247 44.99 -2.91 -28.58
C VAL A 247 43.74 -2.99 -29.45
N GLN A 248 42.65 -3.52 -28.90
CA GLN A 248 41.41 -3.71 -29.64
C GLN A 248 40.29 -2.80 -29.17
N GLY A 249 40.43 -2.14 -28.02
CA GLY A 249 39.40 -1.24 -27.53
C GLY A 249 38.37 -1.94 -26.68
N GLY A 250 37.40 -1.15 -26.23
CA GLY A 250 36.33 -1.67 -25.40
C GLY A 250 35.38 -0.56 -25.01
N ILE A 251 34.49 -0.89 -24.08
CA ILE A 251 33.52 0.07 -23.54
C ILE A 251 33.59 -0.01 -22.02
N MET A 252 33.79 1.14 -21.39
CA MET A 252 33.81 1.26 -19.94
C MET A 252 32.72 2.23 -19.51
N GLY A 253 31.93 1.84 -18.49
CA GLY A 253 30.87 2.66 -17.98
C GLY A 253 31.25 3.26 -16.65
N ILE A 254 31.09 4.58 -16.55
CA ILE A 254 31.32 5.33 -15.32
C ILE A 254 29.95 5.62 -14.73
N GLU A 255 29.58 4.86 -13.70
CA GLU A 255 28.28 4.99 -13.06
C GLU A 255 28.34 6.07 -11.99
N ILE A 256 27.41 7.02 -12.06
CA ILE A 256 27.23 8.05 -11.04
C ILE A 256 25.87 7.82 -10.41
N TYR A 257 25.87 7.44 -9.14
CA TYR A 257 24.65 7.12 -8.41
C TYR A 257 24.32 8.26 -7.46
N TRP A 258 23.06 8.71 -7.50
CA TRP A 258 22.59 9.82 -6.66
C TRP A 258 21.52 9.27 -5.72
N ASP A 259 21.93 8.86 -4.52
CA ASP A 259 21.00 8.50 -3.46
C ASP A 259 20.76 9.77 -2.63
N CYS A 260 19.81 10.58 -3.07
CA CYS A 260 19.61 11.92 -2.56
C CYS A 260 18.40 11.97 -1.64
N ASN A 261 18.58 12.52 -0.45
CA ASN A 261 17.51 12.80 0.48
C ASN A 261 17.32 14.30 0.54
N LEU A 262 16.12 14.77 0.20
CA LEU A 262 15.84 16.19 0.08
C LEU A 262 15.13 16.77 1.29
N ASP A 263 14.96 15.98 2.36
CA ASP A 263 14.40 16.52 3.58
C ASP A 263 15.38 17.48 4.24
N SER A 264 14.85 18.58 4.77
CA SER A 264 15.71 19.61 5.34
C SER A 264 16.52 19.07 6.52
N TRP A 265 15.88 18.29 7.39
CA TRP A 265 16.55 17.75 8.56
C TRP A 265 17.49 16.61 8.23
N SER A 266 17.38 16.01 7.04
CA SER A 266 18.25 14.91 6.63
C SER A 266 18.68 15.11 5.18
N HIS A 267 19.07 16.33 4.83
CA HIS A 267 19.44 16.62 3.45
C HIS A 267 20.80 15.99 3.13
N ARG A 268 20.83 15.15 2.10
CA ARG A 268 22.06 14.47 1.69
C ARG A 268 21.91 14.10 0.22
N CYS A 269 22.55 14.87 -0.66
CA CYS A 269 22.53 14.64 -2.10
C CYS A 269 23.97 14.68 -2.61
N GLN A 270 24.62 13.52 -2.62
CA GLN A 270 26.01 13.40 -3.03
C GLN A 270 26.15 12.30 -4.06
N PRO A 271 27.03 12.46 -5.05
CA PRO A 271 27.23 11.39 -6.04
C PRO A 271 28.22 10.34 -5.56
N LYS A 272 27.95 9.10 -5.98
CA LYS A 272 28.84 7.97 -5.75
C LYS A 272 29.33 7.48 -7.10
N TYR A 273 30.65 7.37 -7.24
CA TYR A 273 31.26 7.00 -8.52
C TYR A 273 31.68 5.54 -8.50
N SER A 274 31.41 4.85 -9.61
CA SER A 274 31.79 3.45 -9.77
C SER A 274 32.13 3.22 -11.23
N PHE A 275 32.79 2.09 -11.50
CA PHE A 275 33.22 1.76 -12.84
C PHE A 275 32.85 0.31 -13.16
N ARG A 276 32.53 0.05 -14.42
CA ARG A 276 32.10 -1.28 -14.83
C ARG A 276 32.40 -1.47 -16.31
N ARG A 277 33.12 -2.54 -16.64
CA ARG A 277 33.34 -2.86 -18.04
C ARG A 277 32.02 -3.27 -18.69
N LEU A 278 31.70 -2.67 -19.84
CA LEU A 278 30.43 -2.90 -20.51
C LEU A 278 30.51 -3.82 -21.70
N ASP A 279 31.70 -4.02 -22.26
CA ASP A 279 31.89 -4.93 -23.39
C ASP A 279 32.39 -6.27 -22.89
N ASP A 280 31.88 -7.34 -23.48
CA ASP A 280 32.24 -8.68 -23.06
C ASP A 280 33.71 -8.96 -23.38
N LYS A 281 34.43 -9.47 -22.37
CA LYS A 281 35.85 -9.75 -22.56
C LYS A 281 36.09 -10.94 -23.48
N TYR A 282 35.12 -11.86 -23.55
CA TYR A 282 35.28 -13.11 -24.30
C TYR A 282 34.33 -13.16 -25.50
N THR A 283 34.17 -12.03 -26.18
CA THR A 283 33.33 -11.99 -27.37
C THR A 283 33.94 -12.83 -28.48
N ASN A 284 33.09 -13.52 -29.23
CA ASN A 284 33.56 -14.34 -30.34
C ASN A 284 34.23 -13.47 -31.39
N GLU A 285 35.27 -14.02 -32.03
CA GLU A 285 36.02 -13.25 -33.02
C GLU A 285 35.14 -12.79 -34.18
N SER A 286 34.02 -13.46 -34.43
CA SER A 286 33.12 -13.09 -35.51
C SER A 286 32.10 -12.04 -35.10
N LEU A 287 32.06 -11.65 -33.82
CA LEU A 287 31.12 -10.66 -33.33
C LEU A 287 31.79 -9.33 -33.02
N PHE A 288 32.90 -9.04 -33.69
CA PHE A 288 33.57 -7.75 -33.55
C PHE A 288 34.00 -7.50 -32.11
N PRO A 289 34.97 -8.25 -31.61
CA PRO A 289 35.45 -8.00 -30.23
C PRO A 289 36.05 -6.61 -30.10
N GLY A 290 35.91 -6.04 -28.91
CA GLY A 290 36.43 -4.72 -28.65
C GLY A 290 35.53 -3.63 -29.21
N TYR A 291 36.10 -2.44 -29.33
CA TYR A 291 35.39 -1.27 -29.85
C TYR A 291 36.28 -0.57 -30.86
N ASN A 292 35.76 -0.36 -32.07
CA ASN A 292 36.49 0.35 -33.10
C ASN A 292 35.50 0.89 -34.11
N PHE A 293 35.94 1.90 -34.87
CA PHE A 293 35.15 2.42 -35.96
C PHE A 293 36.07 3.05 -37.01
N ARG A 294 35.54 3.20 -38.22
CA ARG A 294 36.30 3.68 -39.36
C ARG A 294 35.99 5.16 -39.58
N TYR A 295 37.04 5.98 -39.62
CA TYR A 295 36.92 7.43 -39.75
C TYR A 295 37.57 7.84 -41.06
N ALA A 296 36.83 8.55 -41.91
CA ALA A 296 37.26 8.88 -43.25
C ALA A 296 37.58 10.37 -43.35
N LYS A 297 38.74 10.68 -43.92
CA LYS A 297 39.13 12.06 -44.23
C LYS A 297 39.22 12.19 -45.74
N TYR A 298 38.35 13.00 -46.32
CA TYR A 298 38.29 13.19 -47.76
C TYR A 298 39.04 14.45 -48.15
N TYR A 299 39.85 14.35 -49.20
CA TYR A 299 40.60 15.50 -49.69
C TYR A 299 40.74 15.40 -51.20
N LYS A 300 40.86 16.56 -51.85
CA LYS A 300 41.03 16.64 -53.30
C LYS A 300 42.49 16.86 -53.62
N GLU A 301 43.10 15.90 -54.33
CA GLU A 301 44.48 15.98 -54.76
C GLU A 301 44.51 16.14 -56.26
N ASN A 302 45.17 17.20 -56.73
CA ASN A 302 45.17 17.52 -58.16
C ASN A 302 43.75 17.77 -58.63
N GLY A 303 43.10 16.73 -59.19
CA GLY A 303 41.71 16.84 -59.59
C GLY A 303 40.94 15.58 -59.27
N MET A 304 41.42 14.83 -58.29
CA MET A 304 40.85 13.54 -57.91
C MET A 304 40.47 13.55 -56.44
N GLU A 305 39.40 12.83 -56.11
CA GLU A 305 38.92 12.71 -54.75
C GLU A 305 39.57 11.50 -54.09
N LYS A 306 40.29 11.74 -52.99
CA LYS A 306 41.01 10.69 -52.28
C LYS A 306 40.53 10.65 -50.84
N ARG A 307 40.69 9.48 -50.21
CA ARG A 307 40.21 9.25 -48.86
C ARG A 307 41.30 8.59 -48.04
N THR A 308 41.51 9.11 -46.83
CA THR A 308 42.36 8.47 -45.83
C THR A 308 41.45 7.82 -44.80
N LEU A 309 41.56 6.51 -44.68
CA LEU A 309 40.73 5.76 -43.76
C LEU A 309 41.47 5.42 -42.48
N ILE A 310 40.88 5.75 -41.35
CA ILE A 310 41.49 5.40 -40.07
C ILE A 310 40.64 4.39 -39.36
N LYS A 311 41.17 3.21 -39.12
CA LYS A 311 40.46 2.24 -38.32
C LYS A 311 40.89 2.54 -36.91
N ALA A 312 40.05 3.21 -36.15
CA ALA A 312 40.42 3.65 -34.81
C ALA A 312 39.83 2.68 -33.79
N PHE A 313 40.70 2.09 -32.97
CA PHE A 313 40.31 1.28 -31.83
C PHE A 313 40.51 2.11 -30.57
N GLY A 314 39.54 2.06 -29.68
CA GLY A 314 39.65 2.82 -28.45
C GLY A 314 38.62 2.39 -27.44
N VAL A 315 38.56 3.15 -26.35
CA VAL A 315 37.66 2.88 -25.24
C VAL A 315 36.56 3.95 -25.27
N ARG A 316 35.33 3.51 -25.44
CA ARG A 316 34.17 4.40 -25.35
C ARG A 316 33.71 4.43 -23.90
N PHE A 317 33.76 5.61 -23.29
CA PHE A 317 33.42 5.80 -21.89
C PHE A 317 31.97 6.26 -21.79
N ASP A 318 31.10 5.37 -21.31
CA ASP A 318 29.69 5.67 -21.15
C ASP A 318 29.44 6.13 -19.71
N ILE A 319 29.00 7.38 -19.57
CA ILE A 319 28.73 7.96 -18.26
C ILE A 319 27.25 7.71 -17.94
N LEU A 320 27.00 6.78 -17.03
CA LEU A 320 25.65 6.39 -16.66
C LEU A 320 25.28 7.07 -15.35
N VAL A 321 24.25 7.90 -15.38
CA VAL A 321 23.79 8.65 -14.22
C VAL A 321 22.40 8.17 -13.86
N PHE A 322 22.23 7.75 -12.60
CA PHE A 322 20.96 7.24 -12.13
C PHE A 322 20.84 7.56 -10.64
N GLY A 323 19.61 7.52 -10.16
CA GLY A 323 19.35 7.77 -8.75
C GLY A 323 17.94 8.27 -8.55
N THR A 324 17.60 8.45 -7.28
CA THR A 324 16.27 8.91 -6.90
C THR A 324 16.39 9.95 -5.79
N GLY A 325 15.45 10.89 -5.78
CA GLY A 325 15.34 11.88 -4.73
C GLY A 325 14.06 11.67 -3.95
N GLY A 326 14.20 11.58 -2.63
CA GLY A 326 13.08 11.31 -1.74
C GLY A 326 12.75 12.54 -0.90
N LYS A 327 11.46 12.87 -0.86
CA LYS A 327 10.98 13.99 -0.05
C LYS A 327 9.72 13.58 0.69
N PHE A 328 9.60 14.02 1.94
CA PHE A 328 8.47 13.61 2.77
C PHE A 328 7.16 13.93 2.10
N ASP A 329 6.25 12.96 2.09
CA ASP A 329 4.91 13.12 1.55
C ASP A 329 3.90 12.59 2.56
N ILE A 330 2.86 13.38 2.84
CA ILE A 330 1.85 12.98 3.81
C ILE A 330 1.05 11.80 3.29
N ILE A 331 0.73 11.80 1.99
CA ILE A 331 -0.12 10.75 1.44
C ILE A 331 0.57 9.40 1.53
N GLN A 332 1.87 9.34 1.20
CA GLN A 332 2.60 8.09 1.26
C GLN A 332 2.66 7.55 2.69
N LEU A 333 2.93 8.43 3.66
CA LEU A 333 2.97 8.00 5.05
C LEU A 333 1.62 7.50 5.51
N VAL A 334 0.54 8.19 5.13
CA VAL A 334 -0.80 7.76 5.50
C VAL A 334 -1.11 6.40 4.90
N VAL A 335 -0.74 6.19 3.64
CA VAL A 335 -1.00 4.92 2.97
C VAL A 335 -0.23 3.79 3.68
N TYR A 336 1.04 4.04 4.00
CA TYR A 336 1.82 3.01 4.67
C TYR A 336 1.24 2.69 6.06
N ILE A 337 0.86 3.71 6.81
CA ILE A 337 0.30 3.48 8.13
C ILE A 337 -1.01 2.69 8.03
N GLY A 338 -1.85 3.05 7.05
CA GLY A 338 -3.09 2.29 6.85
C GLY A 338 -2.81 0.85 6.48
N SER A 339 -1.81 0.62 5.65
CA SER A 339 -1.46 -0.74 5.26
C SER A 339 -0.99 -1.55 6.47
N THR A 340 -0.20 -0.94 7.35
CA THR A 340 0.40 -1.66 8.47
C THR A 340 -0.48 -1.68 9.72
N LEU A 341 -1.60 -0.94 9.73
CA LEU A 341 -2.45 -0.90 10.91
C LEU A 341 -3.00 -2.27 11.26
N SER A 342 -3.44 -3.03 10.26
CA SER A 342 -4.10 -4.30 10.53
C SER A 342 -3.18 -5.30 11.21
N TYR A 343 -1.86 -5.09 11.15
CA TYR A 343 -0.93 -6.02 11.79
C TYR A 343 -0.97 -5.93 13.32
N PHE A 344 -1.60 -4.91 13.88
CA PHE A 344 -1.69 -4.78 15.33
C PHE A 344 -2.75 -5.68 15.93
N GLY A 345 -3.57 -6.33 15.12
CA GLY A 345 -4.49 -7.33 15.59
C GLY A 345 -3.90 -8.71 15.79
N LEU A 346 -2.60 -8.84 15.58
CA LEU A 346 -1.95 -10.14 15.73
C LEU A 346 -2.06 -10.65 17.16
N ALA A 347 -1.89 -9.76 18.15
CA ALA A 347 -2.00 -10.17 19.54
C ALA A 347 -3.38 -10.71 19.83
N THR A 348 -4.42 -10.00 19.41
CA THR A 348 -5.78 -10.45 19.63
C THR A 348 -6.02 -11.79 18.95
N VAL A 349 -5.56 -11.93 17.70
CA VAL A 349 -5.77 -13.16 16.95
C VAL A 349 -5.11 -14.33 17.68
N CYS A 350 -3.85 -14.16 18.07
CA CYS A 350 -3.11 -15.24 18.71
C CYS A 350 -3.72 -15.62 20.05
N ILE A 351 -4.09 -14.63 20.87
CA ILE A 351 -4.61 -14.93 22.19
C ILE A 351 -5.99 -15.58 22.09
N ASP A 352 -6.82 -15.10 21.17
CA ASP A 352 -8.12 -15.73 20.96
C ASP A 352 -7.97 -17.16 20.47
N LEU A 353 -7.00 -17.39 19.58
CA LEU A 353 -6.74 -18.75 19.12
C LEU A 353 -6.30 -19.64 20.27
N ILE A 354 -5.44 -19.12 21.15
CA ILE A 354 -5.00 -19.89 22.31
C ILE A 354 -6.19 -20.24 23.19
N ILE A 355 -7.05 -19.25 23.44
CA ILE A 355 -8.21 -19.48 24.30
C ILE A 355 -9.13 -20.54 23.71
N ASN A 356 -9.40 -20.43 22.40
CA ASN A 356 -10.29 -21.40 21.77
C ASN A 356 -9.66 -22.80 21.75
N THR A 357 -8.36 -22.89 21.49
CA THR A 357 -7.72 -24.20 21.38
C THR A 357 -7.64 -24.89 22.74
N TYR A 358 -7.29 -24.15 23.78
CA TYR A 358 -7.14 -24.72 25.11
C TYR A 358 -8.47 -24.91 25.82
N ALA A 359 -9.58 -24.46 25.22
CA ALA A 359 -10.90 -24.67 25.79
C ALA A 359 -11.46 -26.03 25.38
N SER A 360 -10.93 -26.57 24.29
CA SER A 360 -11.37 -27.87 23.76
C SER A 360 -11.13 -29.02 24.86
N THR A 361 -12.06 -29.96 24.97
CA THR A 361 -11.96 -31.04 25.95
C THR A 361 -10.84 -32.01 25.60
N CYS A 362 -10.46 -32.04 24.32
CA CYS A 362 -9.46 -32.95 23.83
C CYS A 362 -8.13 -32.89 24.57
N CYS A 363 -7.77 -31.70 25.02
CA CYS A 363 -6.52 -31.47 25.68
C CYS A 363 -6.49 -31.99 27.12
N ARG A 364 -7.68 -32.04 27.72
CA ARG A 364 -7.82 -32.52 29.08
C ARG A 364 -7.71 -34.05 29.12
N SER A 365 -8.30 -34.71 28.12
CA SER A 365 -8.30 -36.17 28.09
C SER A 365 -6.95 -36.73 27.64
N ARG A 366 -6.29 -36.06 26.69
CA ARG A 366 -5.09 -36.60 26.05
C ARG A 366 -3.84 -35.80 26.37
N VAL A 367 -3.85 -34.50 26.09
CA VAL A 367 -2.62 -33.70 26.20
C VAL A 367 -2.20 -33.55 27.65
N TYR A 368 -3.15 -33.17 28.52
CA TYR A 368 -2.79 -32.86 29.90
C TYR A 368 -2.19 -34.04 30.64
N PRO A 369 -2.78 -35.24 30.61
CA PRO A 369 -2.13 -36.37 31.30
C PRO A 369 -0.73 -36.66 30.80
N SER A 370 -0.49 -36.52 29.49
CA SER A 370 0.85 -36.75 28.96
C SER A 370 1.81 -35.67 29.40
N CYS A 371 1.38 -34.41 29.36
CA CYS A 371 2.22 -33.27 29.72
C CYS A 371 1.50 -32.48 30.82
N LYS A 372 2.07 -32.47 32.02
CA LYS A 372 1.47 -31.76 33.14
C LYS A 372 1.87 -30.29 33.18
N CYS A 373 2.75 -29.84 32.30
CA CYS A 373 3.17 -28.45 32.26
C CYS A 373 2.10 -27.57 31.63
N CYS A 374 1.33 -28.14 30.71
CA CYS A 374 0.26 -27.44 30.05
C CYS A 374 -1.08 -27.56 30.77
N GLU A 375 -1.00 -28.01 32.02
CA GLU A 375 -2.19 -28.21 32.85
C GLU A 375 -2.81 -26.89 33.33
N PRO A 376 -1.98 -25.95 33.81
CA PRO A 376 -2.53 -24.69 34.31
C PRO A 376 -3.32 -23.90 33.27
N CYS A 377 -3.16 -24.25 31.99
CA CYS A 377 -3.86 -23.57 30.93
C CYS A 377 -5.29 -24.06 30.71
N ALA A 378 -5.77 -24.82 31.68
CA ALA A 378 -7.16 -25.28 31.67
C ALA A 378 -8.11 -24.13 31.99
N VAL A 379 -7.55 -23.04 32.50
CA VAL A 379 -8.34 -21.85 32.79
C VAL A 379 -8.96 -21.28 31.52
N ASN A 380 -8.43 -21.65 30.35
CA ASN A 380 -8.98 -21.15 29.10
C ASN A 380 -10.42 -21.58 28.87
N GLU A 381 -10.86 -22.67 29.51
CA GLU A 381 -12.27 -23.06 29.42
C GLU A 381 -13.16 -21.99 30.04
N TYR A 382 -12.77 -21.45 31.18
CA TYR A 382 -13.53 -20.38 31.81
C TYR A 382 -13.58 -19.15 30.92
N TYR A 383 -12.44 -18.78 30.32
CA TYR A 383 -12.41 -17.64 29.42
C TYR A 383 -13.33 -17.87 28.22
N TYR A 384 -13.29 -19.08 27.65
CA TYR A 384 -14.13 -19.37 26.48
C TYR A 384 -15.60 -19.29 26.85
N ARG A 385 -15.98 -19.86 28.00
CA ARG A 385 -17.39 -19.83 28.40
C ARG A 385 -17.83 -18.41 28.73
N LYS A 386 -16.91 -17.55 29.18
CA LYS A 386 -17.23 -16.15 29.42
C LYS A 386 -17.15 -15.30 28.16
N LYS A 387 -16.61 -15.85 27.06
CA LYS A 387 -16.41 -15.10 25.83
C LYS A 387 -17.45 -15.42 24.76
N CYS A 388 -17.79 -16.69 24.57
CA CYS A 388 -18.66 -17.12 23.48
C CYS A 388 -19.96 -17.69 24.03
N GLU A 389 -21.06 -17.38 23.36
CA GLU A 389 -22.37 -17.92 23.67
C GLU A 389 -22.88 -18.69 22.45
N PRO A 390 -22.71 -20.01 22.41
CA PRO A 390 -23.14 -20.75 21.21
C PRO A 390 -24.66 -20.83 21.11
N ILE A 391 -25.16 -20.63 19.89
CA ILE A 391 -26.58 -20.76 19.58
C ILE A 391 -26.71 -21.54 18.29
N VAL A 392 -27.91 -22.08 18.06
CA VAL A 392 -28.21 -22.88 16.89
C VAL A 392 -29.35 -22.23 16.12
N GLU A 393 -29.44 -22.57 14.84
CA GLU A 393 -30.47 -22.01 13.99
C GLU A 393 -31.85 -22.49 14.47
N PRO A 394 -32.79 -21.59 14.76
CA PRO A 394 -34.13 -22.03 15.18
C PRO A 394 -35.02 -22.42 13.99
N LYS A 395 -34.82 -23.63 13.50
CA LYS A 395 -35.54 -24.15 12.35
C LYS A 395 -36.75 -24.96 12.80
N PRO A 396 -37.72 -25.18 11.91
CA PRO A 396 -38.95 -25.89 12.33
C PRO A 396 -38.68 -27.29 12.87
N THR A 397 -37.61 -27.95 12.42
CA THR A 397 -37.30 -29.29 12.87
C THR A 397 -36.55 -29.32 14.19
N LEU A 398 -36.22 -28.16 14.75
CA LEU A 398 -35.49 -28.12 16.02
C LEU A 398 -36.34 -28.64 17.15
N LYS A 399 -35.81 -29.58 17.92
CA LYS A 399 -36.52 -30.15 19.06
C LYS A 399 -35.51 -30.48 20.15
N TYR A 400 -35.92 -30.28 21.41
CA TYR A 400 -35.10 -30.60 22.57
C TYR A 400 -35.90 -31.53 23.47
N VAL A 401 -35.27 -32.62 23.90
CA VAL A 401 -35.90 -33.60 24.78
C VAL A 401 -35.00 -33.87 25.96
N SER A 402 -35.59 -34.02 27.14
CA SER A 402 -34.88 -34.32 28.37
C SER A 402 -35.49 -35.55 29.02
N PHE A 403 -34.64 -36.45 29.50
CA PHE A 403 -35.06 -37.65 30.20
C PHE A 403 -34.60 -37.56 31.65
N VAL A 404 -35.50 -37.88 32.58
CA VAL A 404 -35.17 -37.75 34.00
C VAL A 404 -34.00 -38.65 34.36
N ASP A 405 -33.96 -39.85 33.78
CA ASP A 405 -32.83 -40.74 34.06
C ASP A 405 -31.51 -40.16 33.55
N GLU A 406 -31.52 -39.58 32.35
CA GLU A 406 -30.32 -39.00 31.79
C GLU A 406 -30.07 -37.60 32.37
N PRO A 407 -28.81 -37.17 32.44
CA PRO A 407 -28.52 -35.86 33.04
C PRO A 407 -28.42 -34.72 32.03
N HIS A 408 -28.44 -35.05 30.74
CA HIS A 408 -28.30 -34.03 29.71
C HIS A 408 -29.52 -33.91 28.83
N ILE A 409 -29.42 -33.08 27.80
CA ILE A 409 -30.55 -32.86 26.91
C ILE A 409 -30.17 -33.35 25.53
N TRP A 410 -31.15 -33.68 24.72
CA TRP A 410 -30.89 -34.13 23.36
C TRP A 410 -31.50 -33.19 22.37
N MET A 411 -30.77 -32.89 21.32
CA MET A 411 -31.30 -32.01 20.28
C MET A 411 -31.65 -32.82 19.04
N VAL A 412 -32.93 -32.97 18.77
CA VAL A 412 -33.36 -33.66 17.57
C VAL A 412 -33.78 -32.61 16.56
N ASP A 413 -32.93 -32.37 15.56
CA ASP A 413 -33.22 -31.36 14.56
C ASP A 413 -33.58 -32.01 13.24
N GLN A 414 -33.87 -33.30 13.25
CA GLN A 414 -34.18 -34.03 12.02
C GLN A 414 -35.68 -34.15 11.85
N GLN A 415 -36.16 -34.26 10.61
CA GLN A 415 -37.59 -34.46 10.43
C GLN A 415 -38.02 -35.82 10.96
N LEU A 416 -39.24 -35.87 11.51
CA LEU A 416 -39.81 -37.11 12.05
C LEU A 416 -40.62 -37.77 10.95
N LEU A 417 -40.03 -38.78 10.31
CA LEU A 417 -40.69 -39.50 9.22
C LEU A 417 -41.37 -40.76 9.76
N GLY A 418 -42.33 -40.54 10.67
CA GLY A 418 -43.10 -41.60 11.28
C GLY A 418 -42.46 -42.21 12.51
N LYS A 419 -41.13 -42.28 12.55
CA LYS A 419 -40.46 -42.84 13.71
C LYS A 419 -40.74 -42.00 14.95
N SER A 420 -41.03 -42.68 16.06
CA SER A 420 -41.36 -41.97 17.30
C SER A 420 -40.17 -41.14 17.78
N LEU A 421 -40.48 -39.99 18.37
CA LEU A 421 -39.43 -39.11 18.87
C LEU A 421 -38.59 -39.80 19.94
N GLN A 422 -39.21 -40.68 20.73
CA GLN A 422 -38.45 -41.43 21.73
C GLN A 422 -37.39 -42.31 21.08
N ASP A 423 -37.76 -42.97 19.97
CA ASP A 423 -36.80 -43.84 19.29
C ASP A 423 -35.63 -43.03 18.72
N VAL A 424 -35.91 -41.85 18.18
CA VAL A 424 -34.85 -41.03 17.63
C VAL A 424 -33.83 -40.70 18.73
N LYS A 425 -32.57 -40.61 18.33
CA LYS A 425 -31.46 -40.40 19.27
C LYS A 425 -31.06 -38.93 19.38
N GLY A 426 -30.89 -38.24 18.26
CA GLY A 426 -30.43 -36.88 18.30
C GLY A 426 -28.97 -36.80 18.71
N GLN A 427 -28.57 -35.61 19.17
CA GLN A 427 -27.22 -35.37 19.65
C GLN A 427 -27.27 -34.74 21.03
N GLU A 428 -26.35 -35.16 21.90
CA GLU A 428 -26.39 -34.75 23.30
C GLU A 428 -25.82 -33.34 23.46
N VAL A 429 -26.45 -32.57 24.34
CA VAL A 429 -25.98 -31.23 24.71
C VAL A 429 -26.13 -31.03 26.20
N PRO A 430 -25.27 -30.19 26.79
CA PRO A 430 -25.27 -30.04 28.24
C PRO A 430 -26.41 -29.16 28.72
N ARG A 431 -26.68 -29.25 30.02
CA ARG A 431 -27.73 -28.48 30.67
C ARG A 431 -27.12 -27.26 31.34
N PRO A 432 -27.51 -26.04 30.97
CA PRO A 432 -26.93 -24.86 31.62
C PRO A 432 -27.30 -24.80 33.09
N GLN A 433 -26.42 -24.20 33.88
CA GLN A 433 -26.69 -24.02 35.31
C GLN A 433 -27.93 -23.15 35.50
N THR A 434 -28.75 -23.53 36.48
CA THR A 434 -30.05 -22.90 36.68
C THR A 434 -29.98 -21.68 37.59
N ASP A 435 -29.05 -20.77 37.30
CA ASP A 435 -28.98 -19.46 37.94
C ASP A 435 -29.16 -19.56 39.45
N PHE A 436 -28.18 -20.20 40.09
CA PHE A 436 -28.21 -20.41 41.53
C PHE A 436 -28.57 -19.13 42.28
N LEU A 437 -28.18 -17.98 41.75
CA LEU A 437 -28.54 -16.71 42.37
C LEU A 437 -30.05 -16.57 42.51
N GLU A 438 -30.78 -16.81 41.42
CA GLU A 438 -32.24 -16.77 41.47
C GLU A 438 -32.81 -18.02 42.15
N LEU A 439 -32.07 -19.12 42.17
CA LEU A 439 -32.52 -20.35 42.79
C LEU A 439 -32.27 -20.39 44.29
N SER A 440 -31.56 -19.40 44.84
CA SER A 440 -31.26 -19.35 46.27
C SER A 440 -32.46 -18.80 47.05
N ARG A 441 -33.58 -19.51 46.95
CA ARG A 441 -34.80 -19.16 47.66
C ARG A 441 -35.40 -20.44 48.23
N LEU A 442 -36.63 -20.34 48.73
CA LEU A 442 -37.32 -21.49 49.30
C LEU A 442 -37.69 -22.49 48.20
N ASP A 472 -52.62 -51.47 28.15
CA ASP A 472 -51.43 -51.07 28.89
C ASP A 472 -50.83 -49.80 28.30
N SER A 473 -49.66 -49.41 28.82
CA SER A 473 -48.99 -48.21 28.34
C SER A 473 -48.43 -48.46 26.94
N PRO A 474 -48.24 -47.39 26.16
CA PRO A 474 -47.67 -47.55 24.82
C PRO A 474 -46.32 -48.26 24.86
N ASP A 475 -45.91 -48.76 23.69
CA ASP A 475 -44.65 -49.49 23.60
C ASP A 475 -43.47 -48.58 23.94
N TRP A 476 -43.49 -47.34 23.44
CA TRP A 476 -42.39 -46.42 23.67
C TRP A 476 -42.37 -45.84 25.07
N CYS A 477 -43.45 -45.99 25.84
CA CYS A 477 -43.51 -45.45 27.19
C CYS A 477 -42.74 -46.35 28.15
N GLN A 478 -42.00 -45.71 29.07
CA GLN A 478 -41.25 -46.42 30.10
C GLN A 478 -41.62 -45.93 31.50
N CYS A 479 -42.78 -45.29 31.64
CA CYS A 479 -43.22 -44.75 32.93
C CYS A 479 -44.64 -45.14 33.32
N GLY A 480 -45.45 -45.65 32.38
CA GLY A 480 -46.79 -46.11 32.71
C GLY A 480 -47.84 -45.04 32.81
N ASN A 481 -47.50 -43.78 32.53
CA ASN A 481 -48.45 -42.67 32.61
C ASN A 481 -48.66 -41.98 31.28
N CYS A 482 -47.93 -42.34 30.23
CA CYS A 482 -48.09 -41.72 28.93
C CYS A 482 -49.31 -42.29 28.22
N LEU A 483 -49.83 -41.52 27.28
CA LEU A 483 -51.00 -41.88 26.49
C LEU A 483 -50.74 -41.61 25.02
N PRO A 484 -51.44 -42.29 24.12
CA PRO A 484 -51.26 -42.02 22.69
C PRO A 484 -51.68 -40.61 22.33
N SER A 485 -51.00 -40.06 21.33
CA SER A 485 -51.28 -38.70 20.90
C SER A 485 -52.60 -38.63 20.13
N GLN A 486 -53.29 -37.50 20.30
CA GLN A 486 -54.54 -37.23 19.59
C GLN A 486 -54.34 -36.44 18.30
N LEU A 487 -53.09 -36.14 17.94
CA LEU A 487 -52.80 -35.39 16.74
C LEU A 487 -52.98 -36.25 15.50
N PRO A 488 -53.06 -35.65 14.32
CA PRO A 488 -53.10 -36.44 13.09
C PRO A 488 -51.87 -37.34 12.97
N GLU A 489 -52.09 -38.52 12.40
CA GLU A 489 -51.01 -39.51 12.34
C GLU A 489 -49.79 -38.98 11.61
N ASN A 490 -49.97 -38.04 10.68
CA ASN A 490 -48.84 -37.50 9.93
C ASN A 490 -47.89 -36.71 10.83
N ARG A 491 -48.35 -36.24 11.99
CA ARG A 491 -47.53 -35.47 12.91
C ARG A 491 -47.69 -35.97 14.34
N ARG A 492 -47.85 -37.28 14.51
CA ARG A 492 -48.07 -37.86 15.83
C ARG A 492 -46.78 -38.29 16.52
N ALA A 493 -45.71 -38.54 15.77
CA ALA A 493 -44.45 -38.95 16.38
C ALA A 493 -43.85 -37.88 17.26
N LEU A 494 -44.26 -36.61 17.09
CA LEU A 494 -43.72 -35.55 17.93
C LEU A 494 -44.07 -35.75 19.39
N GLU A 495 -45.31 -36.15 19.66
CA GLU A 495 -45.79 -36.34 21.03
C GLU A 495 -45.57 -37.76 21.54
N GLU A 496 -44.98 -38.64 20.74
CA GLU A 496 -44.69 -40.01 21.18
C GLU A 496 -43.36 -40.03 21.93
N LEU A 497 -43.37 -39.35 23.08
CA LEU A 497 -42.17 -39.17 23.90
C LEU A 497 -42.51 -39.47 25.35
N CYS A 498 -41.60 -40.16 26.03
CA CYS A 498 -41.74 -40.50 27.43
C CYS A 498 -40.75 -39.70 28.27
N CYS A 499 -41.03 -39.63 29.57
CA CYS A 499 -40.18 -38.87 30.48
C CYS A 499 -38.83 -39.54 30.74
N ARG A 500 -38.64 -40.79 30.31
CA ARG A 500 -37.41 -41.50 30.58
C ARG A 500 -37.13 -42.48 29.45
N ARG A 501 -35.86 -42.90 29.36
CA ARG A 501 -35.43 -43.85 28.35
C ARG A 501 -35.49 -45.30 28.82
N LYS A 502 -35.58 -45.52 30.13
CA LYS A 502 -35.63 -46.86 30.71
C LYS A 502 -36.79 -46.93 31.69
N PRO A 503 -37.30 -48.14 31.94
CA PRO A 503 -38.43 -48.27 32.87
C PRO A 503 -38.09 -47.73 34.25
N GLY A 504 -39.09 -47.12 34.89
CA GLY A 504 -38.88 -46.55 36.21
C GLY A 504 -40.08 -45.70 36.60
N GLN A 505 -39.86 -44.85 37.61
CA GLN A 505 -40.92 -43.99 38.12
C GLN A 505 -41.04 -42.72 37.27
N CYS A 506 -42.26 -42.31 37.01
CA CYS A 506 -42.51 -41.11 36.22
C CYS A 506 -42.07 -39.86 36.96
N ILE A 507 -41.63 -38.87 36.20
CA ILE A 507 -41.22 -37.60 36.79
C ILE A 507 -42.40 -36.92 37.48
N THR A 508 -43.62 -37.22 37.03
CA THR A 508 -44.80 -36.61 37.64
C THR A 508 -44.93 -37.00 39.12
N THR A 509 -44.38 -38.16 39.50
CA THR A 509 -44.49 -38.60 40.89
C THR A 509 -43.75 -37.66 41.84
N SER A 510 -42.77 -36.92 41.36
CA SER A 510 -42.04 -35.99 42.21
C SER A 510 -42.95 -34.86 42.66
N GLU A 511 -42.77 -34.43 43.92
CA GLU A 511 -43.58 -33.33 44.44
C GLU A 511 -43.29 -32.03 43.73
N LEU A 512 -42.06 -31.84 43.23
CA LEU A 512 -41.73 -30.62 42.52
C LEU A 512 -42.58 -30.45 41.27
N PHE A 513 -43.00 -31.56 40.65
CA PHE A 513 -43.89 -31.46 39.50
C PHE A 513 -45.20 -30.78 39.87
N SER A 514 -45.78 -31.17 41.01
CA SER A 514 -47.03 -30.54 41.44
C SER A 514 -46.78 -29.11 41.90
N LYS A 515 -45.67 -28.88 42.61
CA LYS A 515 -45.39 -27.54 43.12
C LYS A 515 -45.19 -26.54 41.98
N ILE A 516 -44.48 -26.95 40.92
CA ILE A 516 -44.11 -26.04 39.85
C ILE A 516 -45.14 -26.07 38.73
N VAL A 517 -45.56 -27.25 38.30
CA VAL A 517 -46.38 -27.39 37.10
C VAL A 517 -47.86 -27.36 37.43
N LEU A 518 -48.33 -28.24 38.32
CA LEU A 518 -49.74 -28.37 38.59
C LEU A 518 -50.24 -27.44 39.69
N SER A 519 -49.36 -26.69 40.35
CA SER A 519 -49.77 -25.77 41.39
C SER A 519 -50.54 -24.62 40.76
N ARG A 520 -51.87 -24.62 40.93
CA ARG A 520 -52.69 -23.55 40.37
C ARG A 520 -52.30 -22.21 40.96
N GLU A 521 -51.97 -22.19 42.25
CA GLU A 521 -51.59 -20.93 42.90
C GLU A 521 -50.35 -20.34 42.26
N ALA A 522 -49.34 -21.16 42.00
CA ALA A 522 -48.10 -20.65 41.41
C ALA A 522 -48.33 -20.10 40.01
N LEU A 523 -49.09 -20.82 39.19
CA LEU A 523 -49.38 -20.34 37.83
C LEU A 523 -50.19 -19.05 37.88
N GLN A 524 -51.16 -18.97 38.78
CA GLN A 524 -51.93 -17.74 38.93
C GLN A 524 -51.04 -16.59 39.36
N LEU A 525 -50.10 -16.84 40.27
CA LEU A 525 -49.17 -15.81 40.70
C LEU A 525 -48.32 -15.33 39.53
N LEU A 526 -47.82 -16.26 38.72
CA LEU A 526 -47.04 -15.87 37.55
C LEU A 526 -47.87 -15.03 36.58
N LEU A 527 -49.10 -15.46 36.31
CA LEU A 527 -49.96 -14.72 35.39
C LEU A 527 -50.26 -13.32 35.92
N LEU A 528 -50.53 -13.20 37.22
CA LEU A 528 -50.77 -11.89 37.81
C LEU A 528 -49.52 -11.03 37.72
N TYR A 529 -48.34 -11.62 37.93
CA TYR A 529 -47.10 -10.88 37.75
C TYR A 529 -47.00 -10.33 36.33
N GLN A 530 -47.37 -11.14 35.34
CA GLN A 530 -47.41 -10.64 33.96
C GLN A 530 -48.62 -9.74 33.73
N GLU A 531 -49.78 -10.11 34.27
CA GLU A 531 -51.03 -9.35 34.07
C GLU A 531 -51.65 -9.10 35.43
N PRO A 532 -51.31 -7.99 36.09
CA PRO A 532 -51.80 -7.78 37.47
C PRO A 532 -53.31 -7.84 37.61
N LEU A 533 -54.06 -7.33 36.63
CA LEU A 533 -55.51 -7.29 36.70
C LEU A 533 -56.16 -8.39 35.87
N LEU A 534 -55.53 -9.56 35.79
CA LEU A 534 -56.08 -10.66 35.02
C LEU A 534 -57.37 -11.17 35.64
N ALA A 535 -58.31 -11.58 34.80
CA ALA A 535 -59.58 -12.13 35.23
C ALA A 535 -59.45 -13.64 35.34
N LEU A 536 -59.56 -14.17 36.56
CA LEU A 536 -59.41 -15.61 36.81
C LEU A 536 -60.77 -16.30 36.67
N GLU A 537 -61.24 -16.36 35.43
CA GLU A 537 -62.52 -16.99 35.13
C GLU A 537 -62.54 -17.41 33.67
N GLY A 538 -63.43 -18.35 33.36
CA GLY A 538 -63.62 -18.82 32.01
C GLY A 538 -62.58 -19.85 31.59
N GLU A 539 -62.72 -20.32 30.35
CA GLU A 539 -61.75 -21.25 29.79
C GLU A 539 -60.46 -20.56 29.37
N ALA A 540 -60.49 -19.24 29.20
CA ALA A 540 -59.27 -18.51 28.86
C ALA A 540 -58.22 -18.65 29.95
N ILE A 541 -58.65 -18.57 31.22
CA ILE A 541 -57.71 -18.77 32.32
C ILE A 541 -57.17 -20.18 32.31
N ASN A 542 -57.99 -21.16 31.93
CA ASN A 542 -57.52 -22.54 31.85
C ASN A 542 -56.44 -22.68 30.78
N SER A 543 -56.66 -22.07 29.61
CA SER A 543 -55.65 -22.13 28.55
C SER A 543 -54.37 -21.42 28.97
N LYS A 544 -54.51 -20.25 29.61
CA LYS A 544 -53.34 -19.54 30.12
C LYS A 544 -52.57 -20.38 31.13
N LEU A 545 -53.29 -21.05 32.04
CA LEU A 545 -52.63 -21.89 33.03
C LEU A 545 -51.94 -23.08 32.38
N ARG A 546 -52.56 -23.68 31.37
CA ARG A 546 -51.93 -24.80 30.67
C ARG A 546 -50.63 -24.35 29.99
N HIS A 547 -50.68 -23.20 29.31
CA HIS A 547 -49.48 -22.68 28.68
C HIS A 547 -48.40 -22.36 29.70
N CYS A 548 -48.80 -21.78 30.84
CA CYS A 548 -47.84 -21.47 31.89
C CYS A 548 -47.22 -22.74 32.46
N ALA A 549 -48.01 -23.80 32.61
CA ALA A 549 -47.47 -25.08 33.07
C ALA A 549 -46.48 -25.66 32.08
N TYR A 550 -46.80 -25.60 30.78
CA TYR A 550 -45.86 -26.05 29.77
C TYR A 550 -44.55 -25.26 29.88
N ARG A 551 -44.65 -23.93 29.99
CA ARG A 551 -43.46 -23.10 30.09
C ARG A 551 -42.66 -23.42 31.35
N SER A 552 -43.35 -23.65 32.47
CA SER A 552 -42.67 -23.95 33.72
C SER A 552 -41.91 -25.26 33.62
N TYR A 553 -42.54 -26.29 33.06
CA TYR A 553 -41.85 -27.57 32.90
C TYR A 553 -40.65 -27.42 31.97
N ALA A 554 -40.82 -26.69 30.87
CA ALA A 554 -39.72 -26.51 29.94
C ALA A 554 -38.55 -25.78 30.59
N THR A 555 -38.84 -24.72 31.34
CA THR A 555 -37.79 -23.99 32.03
C THR A 555 -37.12 -24.85 33.09
N TRP A 556 -37.90 -25.63 33.83
CA TRP A 556 -37.33 -26.47 34.89
C TRP A 556 -36.41 -27.54 34.32
N ARG A 557 -36.81 -28.18 33.22
CA ARG A 557 -36.04 -29.30 32.68
C ARG A 557 -35.06 -28.89 31.59
N PHE A 558 -35.09 -27.64 31.14
CA PHE A 558 -34.18 -27.19 30.08
C PHE A 558 -33.45 -25.91 30.45
N VAL A 559 -33.92 -25.20 31.48
CA VAL A 559 -33.23 -24.01 31.99
C VAL A 559 -33.20 -22.82 31.02
N SER A 560 -32.39 -22.92 29.97
CA SER A 560 -32.29 -21.84 29.01
C SER A 560 -33.59 -21.67 28.26
N GLN A 561 -34.03 -20.44 28.09
CA GLN A 561 -35.24 -20.20 27.32
C GLN A 561 -35.06 -20.56 25.85
N ASP A 562 -33.84 -20.48 25.34
CA ASP A 562 -33.59 -20.86 23.95
C ASP A 562 -33.96 -22.32 23.70
N MET A 563 -33.55 -23.20 24.62
CA MET A 563 -33.91 -24.61 24.52
C MET A 563 -35.35 -24.86 24.94
N ALA A 564 -35.84 -24.10 25.93
CA ALA A 564 -37.20 -24.31 26.41
C ALA A 564 -38.23 -24.02 25.33
N ASP A 565 -38.02 -22.96 24.55
CA ASP A 565 -38.96 -22.62 23.49
C ASP A 565 -39.08 -23.71 22.44
N PHE A 566 -38.06 -24.56 22.30
CA PHE A 566 -38.08 -25.65 21.34
C PHE A 566 -38.15 -27.01 22.02
N ALA A 567 -38.36 -27.06 23.33
CA ALA A 567 -38.46 -28.33 24.03
C ALA A 567 -39.75 -29.05 23.63
N ILE A 568 -39.80 -30.34 23.96
CA ILE A 568 -40.98 -31.17 23.71
C ILE A 568 -41.37 -31.83 25.03
N LEU A 569 -42.60 -31.61 25.46
CA LEU A 569 -43.05 -32.17 26.72
C LEU A 569 -43.30 -33.67 26.57
N PRO A 570 -43.00 -34.47 27.59
CA PRO A 570 -43.39 -35.88 27.55
C PRO A 570 -44.90 -36.03 27.57
N SER A 571 -45.37 -37.15 27.00
CA SER A 571 -46.80 -37.39 26.94
C SER A 571 -47.42 -37.44 28.33
N CYS A 572 -46.73 -38.08 29.28
CA CYS A 572 -47.27 -38.18 30.64
C CYS A 572 -47.49 -36.80 31.24
N CYS A 573 -46.45 -35.95 31.22
CA CYS A 573 -46.57 -34.63 31.81
C CYS A 573 -47.57 -33.76 31.04
N ARG A 574 -47.53 -33.84 29.71
CA ARG A 574 -48.47 -33.08 28.90
C ARG A 574 -49.91 -33.42 29.26
N TRP A 575 -50.22 -34.71 29.35
CA TRP A 575 -51.60 -35.12 29.61
C TRP A 575 -51.98 -34.89 31.06
N LYS A 576 -51.03 -34.96 32.00
CA LYS A 576 -51.35 -34.58 33.37
C LYS A 576 -51.69 -33.10 33.46
N ILE A 577 -50.92 -32.25 32.76
CA ILE A 577 -51.22 -30.83 32.74
C ILE A 577 -52.60 -30.58 32.15
N ARG A 578 -52.89 -31.25 31.03
CA ARG A 578 -54.20 -31.09 30.41
C ARG A 578 -55.32 -31.60 31.30
N LYS A 579 -55.08 -32.68 32.05
CA LYS A 579 -56.07 -33.19 32.98
C LYS A 579 -56.30 -32.23 34.14
N GLU A 580 -55.27 -31.45 34.51
CA GLU A 580 -55.46 -30.42 35.53
C GLU A 580 -56.21 -29.21 34.98
N PHE A 581 -56.01 -28.87 33.70
CA PHE A 581 -56.69 -27.75 33.06
C PHE A 581 -57.27 -28.22 31.73
N PRO A 582 -58.28 -29.08 31.77
CA PRO A 582 -58.84 -29.62 30.52
C PRO A 582 -59.43 -28.54 29.64
N LYS A 583 -59.37 -28.77 28.33
CA LYS A 583 -60.05 -27.94 27.35
C LYS A 583 -61.45 -28.49 27.13
N THR A 584 -62.46 -27.62 27.27
CA THR A 584 -63.84 -28.07 27.28
C THR A 584 -64.27 -28.73 25.97
N GLN A 585 -64.27 -27.97 24.88
CA GLN A 585 -64.81 -28.44 23.60
C GLN A 585 -63.87 -28.08 22.46
N GLY A 586 -62.58 -28.38 22.63
CA GLY A 586 -61.60 -28.10 21.60
C GLY A 586 -60.59 -29.21 21.49
N GLN A 587 -59.77 -29.12 20.44
CA GLN A 587 -58.70 -30.07 20.18
C GLN A 587 -57.36 -29.39 20.40
N TYR A 588 -56.45 -30.06 21.11
CA TYR A 588 -55.17 -29.47 21.44
C TYR A 588 -54.29 -29.37 20.21
N SER A 589 -53.72 -28.17 19.98
CA SER A 589 -52.85 -27.96 18.84
C SER A 589 -51.47 -28.56 19.04
N GLY A 590 -51.01 -28.64 20.28
CA GLY A 590 -49.68 -29.16 20.55
C GLY A 590 -48.60 -28.11 20.33
N PHE A 591 -47.38 -28.59 20.18
CA PHE A 591 -46.24 -27.70 19.99
C PHE A 591 -46.40 -26.91 18.69
N LYS A 592 -46.06 -25.62 18.74
CA LYS A 592 -46.13 -24.74 17.59
C LYS A 592 -44.78 -24.07 17.39
N TYR A 593 -44.38 -23.95 16.13
CA TYR A 593 -43.10 -23.33 15.80
C TYR A 593 -43.15 -21.84 16.11
N PRO A 594 -42.29 -21.31 16.98
CA PRO A 594 -42.37 -19.87 17.28
C PRO A 594 -42.17 -18.98 16.07
N TYR A 595 -41.32 -19.38 15.13
CA TYR A 595 -41.03 -18.55 13.95
C TYR A 595 -41.74 -19.09 12.72
N SER B 6 -17.92 -32.35 13.56
CA SER B 6 -16.99 -32.32 12.38
C SER B 6 -17.53 -31.39 11.30
N TRP B 7 -18.56 -31.85 10.59
CA TRP B 7 -19.15 -31.02 9.54
C TRP B 7 -19.77 -29.77 10.13
N ASN B 8 -20.45 -29.89 11.28
CA ASN B 8 -21.06 -28.73 11.91
C ASN B 8 -20.03 -27.69 12.33
N ASP B 9 -18.78 -28.10 12.58
CA ASP B 9 -17.75 -27.14 12.95
C ASP B 9 -17.51 -26.13 11.84
N VAL B 10 -17.47 -26.60 10.59
CA VAL B 10 -17.29 -25.69 9.45
C VAL B 10 -18.50 -24.77 9.34
N PHE B 11 -19.70 -25.28 9.61
CA PHE B 11 -20.94 -24.53 9.42
C PHE B 11 -21.25 -23.69 10.66
N GLN B 12 -20.33 -22.78 10.97
CA GLN B 12 -20.47 -21.86 12.10
C GLN B 12 -20.10 -20.45 11.66
N TYR B 13 -20.74 -19.47 12.29
CA TYR B 13 -20.42 -18.07 12.10
C TYR B 13 -20.42 -17.37 13.45
N GLU B 14 -19.36 -16.62 13.72
CA GLU B 14 -19.21 -15.89 14.97
C GLU B 14 -19.47 -14.40 14.72
N THR B 15 -20.39 -13.83 15.48
CA THR B 15 -20.72 -12.41 15.40
C THR B 15 -20.48 -11.77 16.77
N ASN B 16 -19.83 -10.61 16.75
CA ASN B 16 -19.50 -9.93 17.99
C ASN B 16 -20.76 -9.41 18.69
N LYS B 17 -20.79 -9.57 20.01
CA LYS B 17 -21.85 -8.98 20.82
C LYS B 17 -21.58 -7.49 20.97
N VAL B 18 -22.59 -6.66 20.72
CA VAL B 18 -22.43 -5.22 20.71
C VAL B 18 -23.52 -4.59 21.56
N THR B 19 -23.23 -3.39 22.06
CA THR B 19 -24.18 -2.55 22.76
C THR B 19 -24.34 -1.26 21.97
N ARG B 20 -25.56 -0.99 21.50
CA ARG B 20 -25.84 0.25 20.78
C ARG B 20 -26.33 1.30 21.77
N ILE B 21 -25.78 2.51 21.65
CA ILE B 21 -26.09 3.62 22.55
C ILE B 21 -26.83 4.67 21.74
N GLN B 22 -28.03 5.02 22.21
CA GLN B 22 -28.83 6.07 21.58
C GLN B 22 -28.37 7.41 22.11
N SER B 23 -27.17 7.80 21.68
CA SER B 23 -26.53 9.04 22.13
C SER B 23 -26.33 9.96 20.93
N VAL B 24 -26.81 11.20 21.05
CA VAL B 24 -26.64 12.17 19.98
C VAL B 24 -25.16 12.53 19.81
N ASN B 25 -24.46 12.77 20.92
CA ASN B 25 -23.06 13.20 20.83
C ASN B 25 -22.21 12.13 20.16
N TYR B 26 -22.34 10.87 20.60
CA TYR B 26 -21.49 9.81 20.08
C TYR B 26 -21.82 9.51 18.62
N GLY B 27 -23.09 9.47 18.26
CA GLY B 27 -23.45 9.27 16.87
C GLY B 27 -22.93 10.39 15.98
N THR B 28 -23.08 11.63 16.43
CA THR B 28 -22.58 12.77 15.65
C THR B 28 -21.06 12.68 15.48
N ILE B 29 -20.34 12.35 16.56
CA ILE B 29 -18.89 12.22 16.47
C ILE B 29 -18.50 11.12 15.51
N LYS B 30 -19.19 9.97 15.60
CA LYS B 30 -18.88 8.85 14.72
C LYS B 30 -19.08 9.23 13.26
N TRP B 31 -20.22 9.86 12.95
CA TRP B 31 -20.50 10.22 11.56
C TRP B 31 -19.53 11.29 11.06
N ILE B 32 -19.19 12.26 11.92
CA ILE B 32 -18.24 13.29 11.52
C ILE B 32 -16.89 12.69 11.21
N LEU B 33 -16.41 11.78 12.07
CA LEU B 33 -15.12 11.14 11.83
C LEU B 33 -15.15 10.27 10.58
N HIS B 34 -16.25 9.54 10.37
CA HIS B 34 -16.37 8.72 9.17
C HIS B 34 -16.31 9.59 7.92
N MET B 35 -17.05 10.71 7.91
CA MET B 35 -17.04 11.60 6.76
C MET B 35 -15.67 12.22 6.55
N THR B 36 -14.98 12.60 7.63
CA THR B 36 -13.65 13.17 7.50
C THR B 36 -12.70 12.15 6.87
N VAL B 37 -12.72 10.91 7.35
CA VAL B 37 -11.83 9.89 6.82
C VAL B 37 -12.15 9.62 5.35
N PHE B 38 -13.45 9.50 5.03
CA PHE B 38 -13.83 9.25 3.65
C PHE B 38 -13.42 10.39 2.74
N SER B 39 -13.62 11.63 3.19
CA SER B 39 -13.26 12.79 2.38
C SER B 39 -11.76 12.83 2.12
N TYR B 40 -10.96 12.61 3.16
CA TYR B 40 -9.51 12.63 2.96
C TYR B 40 -9.07 11.50 2.03
N VAL B 41 -9.62 10.31 2.21
CA VAL B 41 -9.24 9.17 1.37
C VAL B 41 -9.58 9.46 -0.09
N SER B 42 -10.80 9.95 -0.34
CA SER B 42 -11.20 10.24 -1.70
C SER B 42 -10.36 11.37 -2.31
N PHE B 43 -10.08 12.40 -1.52
CA PHE B 43 -9.26 13.50 -2.03
C PHE B 43 -7.87 13.02 -2.40
N ALA B 44 -7.25 12.20 -1.55
CA ALA B 44 -5.94 11.64 -1.88
C ALA B 44 -6.01 10.78 -3.15
N LEU B 45 -6.98 9.88 -3.19
CA LEU B 45 -7.08 8.98 -4.33
C LEU B 45 -7.23 9.78 -5.61
N MET B 46 -8.03 10.82 -5.57
CA MET B 46 -8.27 11.63 -6.77
C MET B 46 -7.11 12.57 -7.07
N SER B 47 -6.54 13.18 -6.04
CA SER B 47 -5.43 14.11 -6.23
C SER B 47 -4.17 13.39 -6.71
N ASP B 48 -3.87 12.22 -6.15
CA ASP B 48 -2.66 11.49 -6.52
C ASP B 48 -2.91 10.43 -7.57
N LYS B 49 -4.14 10.31 -8.04
CA LYS B 49 -4.48 9.28 -9.03
C LYS B 49 -3.93 7.94 -8.61
N LEU B 50 -4.10 7.59 -7.34
CA LEU B 50 -3.63 6.32 -6.83
C LEU B 50 -4.37 5.13 -7.42
N TYR B 51 -5.47 5.36 -8.13
CA TYR B 51 -6.15 4.31 -8.87
C TYR B 51 -5.51 4.04 -10.22
N GLN B 52 -4.47 4.80 -10.59
CA GLN B 52 -3.84 4.71 -11.89
C GLN B 52 -2.49 4.03 -11.78
N ARG B 53 -2.23 3.08 -12.68
CA ARG B 53 -0.90 2.50 -12.77
C ARG B 53 -0.14 3.48 -13.61
N LYS B 54 0.96 4.00 -13.10
CA LYS B 54 1.71 5.03 -13.81
C LYS B 54 2.97 4.49 -14.46
N GLU B 55 3.21 4.87 -15.72
CA GLU B 55 4.36 4.36 -16.47
C GLU B 55 5.26 5.45 -17.01
N PRO B 56 6.58 5.20 -17.02
CA PRO B 56 7.45 6.21 -17.64
C PRO B 56 7.45 6.09 -19.16
N LEU B 57 7.71 7.21 -19.82
CA LEU B 57 7.69 7.28 -21.27
C LEU B 57 9.05 6.99 -21.86
N ILE B 58 9.05 6.49 -23.10
CA ILE B 58 10.24 6.39 -23.93
C ILE B 58 10.11 7.43 -25.04
N SER B 59 11.16 8.23 -25.23
CA SER B 59 11.08 9.42 -26.06
C SER B 59 12.12 9.39 -27.17
N SER B 60 11.74 9.99 -28.31
CA SER B 60 12.64 10.25 -29.42
C SER B 60 12.51 11.71 -29.82
N VAL B 61 13.64 12.36 -30.06
CA VAL B 61 13.69 13.79 -30.34
C VAL B 61 14.38 14.00 -31.68
N HIS B 62 13.77 14.83 -32.52
CA HIS B 62 14.35 15.22 -33.82
C HIS B 62 14.36 16.73 -33.88
N THR B 63 15.56 17.31 -34.06
CA THR B 63 15.74 18.75 -34.03
C THR B 63 16.16 19.26 -35.41
N LYS B 64 15.65 20.43 -35.76
CA LYS B 64 16.01 21.09 -37.01
C LYS B 64 16.30 22.56 -36.72
N VAL B 65 17.53 22.99 -36.97
CA VAL B 65 17.96 24.36 -36.70
C VAL B 65 17.94 25.14 -37.99
N LYS B 66 17.35 26.33 -37.95
CA LYS B 66 17.28 27.24 -39.08
C LYS B 66 17.93 28.56 -38.71
N GLY B 67 18.77 29.07 -39.60
CA GLY B 67 19.44 30.34 -39.38
C GLY B 67 20.70 30.52 -40.21
N VAL B 68 20.96 31.76 -40.61
CA VAL B 68 22.14 32.11 -41.40
C VAL B 68 22.86 33.25 -40.71
N ALA B 69 24.19 33.18 -40.65
CA ALA B 69 25.00 34.16 -39.94
C ALA B 69 26.05 34.75 -40.86
N GLU B 70 26.36 36.02 -40.60
CA GLU B 70 27.34 36.79 -41.36
C GLU B 70 28.52 37.12 -40.45
N VAL B 71 29.73 37.03 -40.98
CA VAL B 71 30.94 37.40 -40.25
C VAL B 71 31.83 38.22 -41.18
N THR B 72 32.49 39.23 -40.63
CA THR B 72 33.48 40.04 -41.35
C THR B 72 34.69 40.15 -40.44
N GLU B 73 35.62 39.20 -40.56
CA GLU B 73 36.74 39.10 -39.66
C GLU B 73 38.01 38.84 -40.45
N ASN B 74 39.14 39.33 -39.92
CA ASN B 74 40.43 39.14 -40.54
C ASN B 74 40.97 37.75 -40.25
N THR B 81 46.94 39.14 -43.38
CA THR B 81 45.98 39.96 -42.66
C THR B 81 45.06 40.70 -43.63
N LYS B 82 43.95 40.05 -44.00
CA LYS B 82 42.98 40.62 -44.92
C LYS B 82 41.59 40.45 -44.35
N LEU B 83 40.71 41.41 -44.65
CA LEU B 83 39.33 41.34 -44.20
C LEU B 83 38.61 40.22 -44.95
N VAL B 84 38.17 39.20 -44.22
CA VAL B 84 37.54 38.02 -44.81
C VAL B 84 36.06 38.06 -44.49
N HIS B 85 35.23 37.93 -45.53
CA HIS B 85 33.79 37.86 -45.40
C HIS B 85 33.35 36.40 -45.39
N GLY B 86 32.56 36.02 -44.41
CA GLY B 86 32.20 34.62 -44.21
C GLY B 86 30.73 34.44 -43.98
N ILE B 87 30.19 33.37 -44.56
CA ILE B 87 28.78 33.01 -44.45
C ILE B 87 28.71 31.69 -43.69
N PHE B 88 27.87 31.64 -42.66
CA PHE B 88 27.70 30.45 -41.84
C PHE B 88 26.26 29.95 -41.98
N ASP B 89 26.11 28.71 -42.42
CA ASP B 89 24.83 28.03 -42.49
C ASP B 89 24.85 26.84 -41.53
N THR B 90 23.75 26.07 -41.54
CA THR B 90 23.60 24.97 -40.60
C THR B 90 24.80 24.02 -40.64
N ALA B 91 25.28 23.71 -41.84
CA ALA B 91 26.43 22.82 -41.97
C ALA B 91 27.72 23.43 -41.42
N ASP B 92 27.74 24.74 -41.19
CA ASP B 92 28.93 25.43 -40.70
C ASP B 92 28.93 25.67 -39.20
N TYR B 93 27.78 25.54 -38.53
CA TYR B 93 27.73 25.75 -37.09
C TYR B 93 26.93 24.68 -36.36
N THR B 94 26.51 23.61 -37.04
CA THR B 94 25.80 22.50 -36.41
C THR B 94 26.48 21.19 -36.76
N LEU B 95 26.53 20.29 -35.78
CA LEU B 95 27.04 18.95 -36.00
C LEU B 95 25.94 18.05 -36.56
N PRO B 96 26.30 16.93 -37.20
CA PRO B 96 25.26 16.07 -37.78
C PRO B 96 24.25 15.56 -36.77
N LEU B 97 24.65 15.39 -35.50
CA LEU B 97 23.73 14.91 -34.49
C LEU B 97 22.51 15.81 -34.39
N GLN B 98 21.32 15.19 -34.33
CA GLN B 98 20.06 15.92 -34.27
C GLN B 98 19.10 15.27 -33.29
N GLY B 99 19.63 14.65 -32.24
CA GLY B 99 18.79 13.92 -31.29
C GLY B 99 18.46 14.72 -30.05
N ASN B 100 18.71 14.13 -28.88
CA ASN B 100 18.37 14.78 -27.62
C ASN B 100 19.21 16.01 -27.34
N SER B 101 20.35 16.12 -28.02
CA SER B 101 21.20 17.31 -27.86
C SER B 101 21.69 17.84 -29.19
N PHE B 102 21.69 19.15 -29.35
CA PHE B 102 22.24 19.79 -30.54
C PHE B 102 23.06 21.00 -30.11
N PHE B 103 24.13 21.26 -30.84
CA PHE B 103 25.08 22.32 -30.54
C PHE B 103 25.03 23.39 -31.62
N VAL B 104 24.99 24.65 -31.19
CA VAL B 104 25.01 25.79 -32.09
C VAL B 104 26.25 26.62 -31.76
N MET B 105 27.10 26.85 -32.75
CA MET B 105 28.29 27.64 -32.55
C MET B 105 27.94 29.12 -32.40
N THR B 106 28.56 29.77 -31.44
CA THR B 106 28.38 31.20 -31.21
C THR B 106 29.67 32.00 -31.30
N ASN B 107 30.83 31.35 -31.24
CA ASN B 107 32.11 32.03 -31.35
C ASN B 107 33.14 30.99 -31.77
N TYR B 108 34.25 31.46 -32.32
CA TYR B 108 35.28 30.54 -32.77
C TYR B 108 36.62 31.23 -32.84
N LEU B 109 37.67 30.46 -32.54
CA LEU B 109 39.05 30.85 -32.75
C LEU B 109 39.66 29.93 -33.81
N LYS B 110 40.24 30.52 -34.85
CA LYS B 110 40.73 29.77 -36.00
C LYS B 110 42.25 29.77 -36.01
N SER B 111 42.84 28.59 -36.21
CA SER B 111 44.28 28.44 -36.42
C SER B 111 44.45 27.62 -37.70
N GLU B 112 44.86 28.29 -38.77
CA GLU B 112 44.89 27.68 -40.09
C GLU B 112 46.29 27.18 -40.43
N GLY B 113 46.34 26.14 -41.25
CA GLY B 113 47.59 25.63 -41.76
C GLY B 113 48.53 25.12 -40.69
N GLN B 114 48.02 24.31 -39.77
CA GLN B 114 48.85 23.73 -38.72
C GLN B 114 49.67 22.58 -39.27
N GLU B 115 50.91 22.48 -38.79
CA GLU B 115 51.80 21.38 -39.14
C GLU B 115 52.43 20.82 -37.88
N GLN B 116 52.68 19.51 -37.89
CA GLN B 116 53.28 18.84 -36.74
C GLN B 116 54.77 19.15 -36.73
N LYS B 117 55.19 20.09 -35.89
CA LYS B 117 56.57 20.54 -35.85
C LYS B 117 56.78 21.32 -34.55
N LEU B 118 57.95 21.93 -34.42
CA LEU B 118 58.30 22.69 -33.23
C LEU B 118 57.84 24.14 -33.37
N CYS B 119 57.44 24.73 -32.24
CA CYS B 119 57.00 26.12 -32.22
C CYS B 119 56.93 26.58 -30.77
N PRO B 120 57.00 27.89 -30.54
CA PRO B 120 56.76 28.41 -29.19
C PRO B 120 55.31 28.26 -28.80
N GLU B 121 55.08 28.08 -27.49
CA GLU B 121 53.73 27.96 -26.97
C GLU B 121 53.15 29.34 -26.71
N TYR B 122 51.83 29.44 -26.86
CA TYR B 122 51.15 30.72 -26.70
C TYR B 122 51.32 31.22 -25.26
N PRO B 123 51.64 32.51 -25.06
CA PRO B 123 51.85 33.02 -23.69
C PRO B 123 50.54 33.37 -22.98
N SER B 124 49.91 32.36 -22.39
CA SER B 124 48.62 32.50 -21.72
C SER B 124 48.80 32.34 -20.22
N ARG B 125 48.36 33.35 -19.47
CA ARG B 125 48.30 33.28 -18.00
C ARG B 125 49.65 32.90 -17.41
N GLY B 126 50.63 33.78 -17.61
CA GLY B 126 51.94 33.59 -17.02
C GLY B 126 52.65 32.35 -17.52
N LYS B 127 52.61 32.14 -18.83
CA LYS B 127 53.27 31.00 -19.46
C LYS B 127 54.69 31.32 -19.90
N GLN B 128 55.20 32.50 -19.59
CA GLN B 128 56.50 32.94 -20.08
C GLN B 128 57.62 32.18 -19.38
N CYS B 129 58.77 32.13 -20.04
CA CYS B 129 59.98 31.54 -19.50
C CYS B 129 61.15 32.49 -19.70
N HIS B 130 62.12 32.40 -18.79
CA HIS B 130 63.30 33.25 -18.83
C HIS B 130 64.59 32.47 -19.02
N SER B 131 64.50 31.15 -19.25
CA SER B 131 65.69 30.33 -19.42
C SER B 131 65.28 28.98 -19.99
N ASP B 132 66.20 28.38 -20.74
CA ASP B 132 65.93 27.05 -21.31
C ASP B 132 65.76 26.02 -20.21
N GLN B 133 66.59 26.08 -19.17
CA GLN B 133 66.51 25.10 -18.09
C GLN B 133 65.17 25.17 -17.36
N GLY B 134 64.55 26.34 -17.33
CA GLY B 134 63.28 26.47 -16.63
C GLY B 134 62.20 25.57 -17.19
N CYS B 135 62.10 25.50 -18.51
CA CYS B 135 61.09 24.67 -19.15
C CYS B 135 61.56 23.22 -19.21
N ILE B 136 60.63 22.30 -18.95
CA ILE B 136 60.97 20.88 -18.90
C ILE B 136 61.16 20.33 -20.31
N LYS B 137 61.84 19.20 -20.39
CA LYS B 137 62.04 18.47 -21.64
C LYS B 137 61.27 17.16 -21.59
N GLY B 138 60.46 16.90 -22.62
CA GLY B 138 59.67 15.71 -22.68
C GLY B 138 58.40 15.74 -21.84
N TRP B 139 58.11 16.85 -21.17
CA TRP B 139 56.91 16.96 -20.37
C TRP B 139 55.71 17.24 -21.26
N MET B 140 54.65 16.47 -21.08
CA MET B 140 53.44 16.63 -21.88
C MET B 140 52.50 17.58 -21.16
N ASP B 141 52.18 18.69 -21.81
CA ASP B 141 51.35 19.73 -21.22
C ASP B 141 50.00 19.76 -21.92
N PRO B 142 48.94 19.22 -21.31
CA PRO B 142 47.61 19.30 -21.93
C PRO B 142 47.15 20.73 -22.15
N GLN B 143 47.63 21.67 -21.35
CA GLN B 143 47.26 23.07 -21.56
C GLN B 143 47.83 23.58 -22.88
N SER B 144 49.13 23.38 -23.10
CA SER B 144 49.75 23.79 -24.36
C SER B 144 49.52 22.78 -25.48
N LYS B 145 49.15 21.55 -25.15
CA LYS B 145 48.89 20.51 -26.15
C LYS B 145 50.14 20.21 -26.97
N GLY B 146 51.27 20.06 -26.31
CA GLY B 146 52.51 19.79 -27.00
C GLY B 146 53.54 19.21 -26.08
N ILE B 147 54.62 18.70 -26.65
CA ILE B 147 55.69 18.11 -25.85
C ILE B 147 56.87 19.05 -25.82
N GLN B 148 57.26 19.47 -24.63
CA GLN B 148 58.35 20.44 -24.52
C GLN B 148 59.70 19.89 -24.90
N THR B 149 60.55 20.73 -25.50
CA THR B 149 61.91 20.33 -25.83
C THR B 149 62.94 20.83 -24.84
N GLY B 150 62.51 21.49 -23.76
CA GLY B 150 63.44 21.98 -22.77
C GLY B 150 64.12 23.28 -23.13
N ARG B 151 63.64 24.00 -24.12
CA ARG B 151 64.22 25.27 -24.54
C ARG B 151 63.18 26.38 -24.44
N CYS B 152 63.65 27.57 -24.06
CA CYS B 152 62.84 28.78 -24.07
C CYS B 152 63.19 29.58 -25.31
N ILE B 153 62.21 29.79 -26.17
CA ILE B 153 62.42 30.43 -27.47
C ILE B 153 61.54 31.66 -27.53
N PRO B 154 61.90 32.64 -28.37
CA PRO B 154 61.17 33.92 -28.41
C PRO B 154 59.87 33.79 -29.19
N TYR B 155 58.74 33.84 -28.46
CA TYR B 155 57.45 33.90 -29.13
C TYR B 155 57.32 35.18 -29.95
N ASP B 156 57.80 36.30 -29.41
CA ASP B 156 57.80 37.57 -30.10
C ASP B 156 59.03 38.36 -29.63
N GLN B 157 59.05 39.65 -29.92
CA GLN B 157 60.19 40.47 -29.55
C GLN B 157 60.34 40.59 -28.03
N LYS B 158 59.23 40.73 -27.31
CA LYS B 158 59.29 41.07 -25.89
C LYS B 158 59.22 39.85 -24.98
N ARG B 159 58.42 38.85 -25.33
CA ARG B 159 58.24 37.68 -24.46
C ARG B 159 58.70 36.40 -25.11
N LYS B 160 59.17 35.45 -24.30
CA LYS B 160 59.64 34.18 -24.81
C LYS B 160 58.90 33.04 -24.14
N THR B 161 58.62 31.98 -24.91
CA THR B 161 57.89 30.84 -24.39
C THR B 161 58.61 29.57 -24.74
N CYS B 162 58.38 28.50 -24.00
CA CYS B 162 59.08 27.24 -24.23
C CYS B 162 58.69 26.62 -25.56
N GLU B 163 59.67 26.04 -26.23
CA GLU B 163 59.41 25.32 -27.47
C GLU B 163 58.66 24.03 -27.20
N ILE B 164 57.79 23.64 -28.11
CA ILE B 164 57.04 22.39 -27.97
C ILE B 164 56.79 21.74 -29.31
N PHE B 165 56.77 20.42 -29.36
CA PHE B 165 56.42 19.73 -30.59
C PHE B 165 54.91 19.65 -30.58
N ALA B 166 54.27 20.18 -31.61
CA ALA B 166 52.82 20.22 -31.61
C ALA B 166 52.30 20.68 -32.94
N TRP B 167 51.00 20.90 -33.05
CA TRP B 167 50.45 21.49 -34.26
C TRP B 167 50.79 22.96 -34.19
N CYS B 168 51.50 23.48 -35.19
CA CYS B 168 51.99 24.85 -35.18
C CYS B 168 51.45 25.60 -36.40
N PRO B 169 51.07 26.88 -36.24
CA PRO B 169 51.16 27.68 -35.02
C PRO B 169 50.17 27.27 -33.94
N ALA B 170 50.55 27.42 -32.68
CA ALA B 170 49.74 27.04 -31.54
C ALA B 170 49.13 28.28 -30.91
N GLU B 171 47.80 28.28 -30.77
CA GLU B 171 47.07 29.41 -30.20
C GLU B 171 46.31 29.03 -28.95
N GLU B 172 46.52 27.84 -28.40
CA GLU B 172 45.82 27.43 -27.20
C GLU B 172 46.11 28.40 -26.07
N GLY B 173 45.06 28.78 -25.33
CA GLY B 173 45.14 29.79 -24.31
C GLY B 173 44.63 31.15 -24.73
N LYS B 174 44.47 31.38 -26.04
CA LYS B 174 43.91 32.63 -26.52
C LYS B 174 42.48 32.80 -26.04
N GLU B 175 42.16 34.00 -25.58
CA GLU B 175 40.83 34.29 -25.06
C GLU B 175 39.80 34.30 -26.18
N ALA B 176 38.58 33.90 -25.83
CA ALA B 176 37.51 33.90 -26.82
C ALA B 176 37.23 35.33 -27.28
N PRO B 177 37.03 35.56 -28.57
CA PRO B 177 36.77 36.93 -29.05
C PRO B 177 35.53 37.53 -28.38
N ARG B 178 35.62 38.82 -28.08
CA ARG B 178 34.52 39.57 -27.48
C ARG B 178 34.34 40.85 -28.28
N PRO B 179 33.14 41.13 -28.81
CA PRO B 179 31.90 40.35 -28.72
C PRO B 179 31.91 39.08 -29.54
N ALA B 180 31.00 38.15 -29.24
CA ALA B 180 30.95 36.89 -29.97
C ALA B 180 30.66 37.14 -31.44
N LEU B 181 31.40 36.42 -32.30
CA LEU B 181 31.25 36.63 -33.75
C LEU B 181 29.86 36.24 -34.22
N LEU B 182 29.34 35.10 -33.77
CA LEU B 182 28.02 34.63 -34.19
C LEU B 182 26.97 35.01 -33.16
N ARG B 183 26.87 36.31 -32.90
CA ARG B 183 25.81 36.82 -32.04
C ARG B 183 24.44 36.60 -32.66
N SER B 184 24.35 36.73 -33.99
CA SER B 184 23.09 36.53 -34.69
C SER B 184 22.48 35.16 -34.44
N ALA B 185 23.21 34.24 -33.81
CA ALA B 185 22.63 32.96 -33.43
C ALA B 185 21.44 33.13 -32.50
N GLU B 186 21.34 34.26 -31.80
CA GLU B 186 20.16 34.50 -30.96
C GLU B 186 18.90 34.54 -31.80
N ASN B 187 19.03 34.92 -33.06
CA ASN B 187 17.89 34.96 -33.97
C ASN B 187 17.59 33.62 -34.62
N PHE B 188 18.45 32.61 -34.43
CA PHE B 188 18.19 31.30 -35.00
C PHE B 188 16.98 30.67 -34.36
N THR B 189 16.34 29.75 -35.09
CA THR B 189 15.18 29.04 -34.61
C THR B 189 15.47 27.54 -34.61
N VAL B 190 14.80 26.82 -33.72
CA VAL B 190 14.91 25.37 -33.66
C VAL B 190 13.50 24.77 -33.60
N LEU B 191 13.24 23.80 -34.46
CA LEU B 191 12.01 23.02 -34.44
C LEU B 191 12.30 21.67 -33.79
N ILE B 192 11.54 21.33 -32.76
CA ILE B 192 11.73 20.11 -32.00
C ILE B 192 10.50 19.23 -32.20
N LYS B 193 10.72 18.01 -32.69
CA LYS B 193 9.67 17.00 -32.82
C LYS B 193 9.95 15.92 -31.79
N ASN B 194 9.00 15.72 -30.87
CA ASN B 194 9.16 14.77 -29.78
C ASN B 194 8.08 13.71 -29.90
N ASN B 195 8.50 12.45 -30.02
CA ASN B 195 7.60 11.31 -30.06
C ASN B 195 7.77 10.53 -28.76
N ILE B 196 6.69 10.39 -28.01
CA ILE B 196 6.71 9.70 -26.73
C ILE B 196 5.79 8.50 -26.79
N ASP B 197 6.20 7.44 -26.11
CA ASP B 197 5.41 6.23 -26.08
C ASP B 197 5.35 5.67 -24.68
N PHE B 198 4.19 5.16 -24.28
CA PHE B 198 4.07 4.47 -23.00
C PHE B 198 3.89 3.03 -23.40
N PRO B 199 4.99 2.27 -23.48
CA PRO B 199 4.92 0.89 -23.99
C PRO B 199 3.96 -0.03 -23.23
N GLY B 200 3.91 0.08 -21.91
CA GLY B 200 2.97 -0.70 -21.12
C GLY B 200 1.51 -0.35 -21.35
N HIS B 201 1.21 0.92 -21.55
CA HIS B 201 -0.16 1.35 -21.81
C HIS B 201 -0.52 1.28 -23.28
N ASN B 202 0.41 0.83 -24.13
CA ASN B 202 0.17 0.75 -25.58
C ASN B 202 -0.33 2.06 -26.13
N TYR B 203 0.36 3.14 -25.80
CA TYR B 203 -0.03 4.47 -26.23
C TYR B 203 1.19 5.17 -26.82
N THR B 204 0.95 6.03 -27.81
CA THR B 204 2.03 6.80 -28.41
C THR B 204 1.47 8.11 -28.95
N THR B 205 2.24 9.18 -28.80
CA THR B 205 1.81 10.49 -29.29
C THR B 205 3.04 11.31 -29.63
N ARG B 206 2.80 12.50 -30.19
CA ARG B 206 3.87 13.40 -30.58
C ARG B 206 3.46 14.83 -30.22
N ASN B 207 4.46 15.70 -30.13
CA ASN B 207 4.24 17.08 -29.72
C ASN B 207 3.62 17.96 -30.81
N ILE B 208 3.52 17.46 -32.03
CA ILE B 208 2.92 18.20 -33.14
C ILE B 208 1.74 17.40 -33.67
N LEU B 209 0.59 18.04 -33.76
CA LEU B 209 -0.64 17.43 -34.21
C LEU B 209 -1.23 18.21 -35.38
N PRO B 210 -2.10 17.59 -36.18
CA PRO B 210 -2.66 18.29 -37.34
C PRO B 210 -3.40 19.56 -36.93
N GLY B 211 -3.31 20.57 -37.78
CA GLY B 211 -3.95 21.85 -37.54
C GLY B 211 -3.10 22.86 -36.80
N MET B 212 -1.84 22.56 -36.54
CA MET B 212 -0.98 23.47 -35.81
C MET B 212 -0.44 24.55 -36.75
N ASN B 213 -0.34 25.77 -36.22
CA ASN B 213 0.24 26.87 -36.98
C ASN B 213 1.72 26.59 -37.26
N ILE B 214 2.13 26.86 -38.51
CA ILE B 214 3.52 26.66 -38.91
C ILE B 214 4.35 27.94 -38.82
N SER B 215 3.71 29.11 -38.79
CA SER B 215 4.40 30.37 -38.62
C SER B 215 4.55 30.77 -37.15
N CYS B 216 4.10 29.91 -36.24
CA CYS B 216 4.14 30.24 -34.82
C CYS B 216 5.57 30.19 -34.28
N THR B 217 5.78 30.92 -33.19
CA THR B 217 6.99 30.82 -32.38
C THR B 217 6.58 30.68 -30.92
N PHE B 218 7.35 29.89 -30.18
CA PHE B 218 6.93 29.52 -28.83
C PHE B 218 6.84 30.74 -27.92
N HIS B 219 5.80 30.77 -27.11
CA HIS B 219 5.66 31.74 -26.03
C HIS B 219 4.97 31.06 -24.86
N LYS B 220 5.30 31.50 -23.65
CA LYS B 220 4.78 30.83 -22.46
C LYS B 220 3.26 30.91 -22.40
N THR B 221 2.69 32.06 -22.75
CA THR B 221 1.26 32.28 -22.65
C THR B 221 0.55 32.28 -24.00
N TRP B 222 1.07 33.00 -24.99
CA TRP B 222 0.36 33.13 -26.25
C TRP B 222 0.38 31.83 -27.03
N ASN B 223 1.56 31.21 -27.16
CA ASN B 223 1.74 29.98 -27.93
C ASN B 223 2.56 28.98 -27.13
N PRO B 224 1.98 28.42 -26.07
CA PRO B 224 2.72 27.44 -25.26
C PRO B 224 2.91 26.09 -25.93
N GLN B 225 2.21 25.82 -27.02
CA GLN B 225 2.30 24.54 -27.70
C GLN B 225 3.08 24.59 -29.01
N CYS B 226 3.63 25.75 -29.36
CA CYS B 226 4.41 25.86 -30.59
C CYS B 226 5.78 25.22 -30.38
N PRO B 227 6.17 24.22 -31.18
CA PRO B 227 7.46 23.56 -30.94
C PRO B 227 8.63 24.24 -31.64
N ILE B 228 8.42 25.47 -32.08
CA ILE B 228 9.46 26.28 -32.72
C ILE B 228 9.92 27.31 -31.70
N PHE B 229 11.22 27.30 -31.39
CA PHE B 229 11.78 28.12 -30.33
C PHE B 229 12.89 29.00 -30.89
N ARG B 230 12.85 30.28 -30.52
CA ARG B 230 13.96 31.19 -30.79
C ARG B 230 14.95 31.12 -29.63
N LEU B 231 16.23 30.96 -29.95
CA LEU B 231 17.24 30.76 -28.90
C LEU B 231 17.32 31.97 -27.97
N GLY B 232 17.29 33.18 -28.54
CA GLY B 232 17.26 34.36 -27.71
C GLY B 232 16.05 34.40 -26.80
N ASP B 233 14.89 33.99 -27.32
CA ASP B 233 13.69 33.91 -26.49
C ASP B 233 13.87 32.87 -25.39
N ILE B 234 14.51 31.74 -25.71
CA ILE B 234 14.78 30.72 -24.70
C ILE B 234 15.60 31.32 -23.57
N PHE B 235 16.66 32.04 -23.92
CA PHE B 235 17.51 32.62 -22.89
C PHE B 235 16.78 33.70 -22.08
N GLN B 236 15.98 34.53 -22.75
CA GLN B 236 15.30 35.61 -22.05
C GLN B 236 14.19 35.09 -21.15
N GLU B 237 13.58 33.95 -21.49
CA GLU B 237 12.49 33.43 -20.68
C GLU B 237 12.92 33.17 -19.24
N ILE B 238 14.20 32.84 -19.02
CA ILE B 238 14.72 32.51 -17.71
C ILE B 238 15.78 33.52 -17.26
N GLY B 239 15.76 34.73 -17.82
CA GLY B 239 16.68 35.77 -17.39
C GLY B 239 18.14 35.47 -17.67
N GLU B 240 18.45 34.91 -18.84
CA GLU B 240 19.81 34.65 -19.26
C GLU B 240 20.16 35.54 -20.44
N ASN B 241 21.39 36.05 -20.45
CA ASN B 241 21.86 36.97 -21.48
C ASN B 241 22.58 36.17 -22.56
N PHE B 242 21.95 36.06 -23.74
CA PHE B 242 22.54 35.29 -24.82
C PHE B 242 23.83 35.92 -25.30
N THR B 243 23.89 37.25 -25.34
CA THR B 243 25.08 37.94 -25.86
C THR B 243 26.31 37.59 -25.03
N GLU B 244 26.17 37.57 -23.69
CA GLU B 244 27.31 37.26 -22.84
C GLU B 244 27.68 35.79 -22.91
N VAL B 245 26.68 34.91 -22.88
CA VAL B 245 26.96 33.47 -22.92
C VAL B 245 27.58 33.08 -24.25
N ALA B 246 27.29 33.82 -25.32
CA ALA B 246 27.84 33.47 -26.63
C ALA B 246 29.35 33.56 -26.65
N VAL B 247 29.95 34.40 -25.80
CA VAL B 247 31.39 34.60 -25.84
C VAL B 247 32.12 33.31 -25.47
N GLN B 248 31.71 32.67 -24.38
CA GLN B 248 32.36 31.45 -23.90
C GLN B 248 31.48 30.21 -24.04
N GLY B 249 30.20 30.36 -24.31
CA GLY B 249 29.32 29.22 -24.47
C GLY B 249 28.71 28.76 -23.17
N GLY B 250 27.91 27.70 -23.29
CA GLY B 250 27.24 27.14 -22.13
C GLY B 250 26.38 25.96 -22.54
N ILE B 251 25.57 25.50 -21.59
CA ILE B 251 24.64 24.41 -21.81
C ILE B 251 23.26 24.85 -21.33
N MET B 252 22.26 24.74 -22.20
CA MET B 252 20.89 25.05 -21.87
C MET B 252 20.04 23.81 -22.08
N GLY B 253 19.18 23.51 -21.11
CA GLY B 253 18.30 22.35 -21.18
C GLY B 253 16.88 22.78 -21.47
N ILE B 254 16.29 22.15 -22.48
CA ILE B 254 14.90 22.36 -22.85
C ILE B 254 14.13 21.17 -22.32
N GLU B 255 13.42 21.38 -21.21
CA GLU B 255 12.66 20.32 -20.55
C GLU B 255 11.27 20.21 -21.17
N ILE B 256 10.92 18.99 -21.59
CA ILE B 256 9.58 18.68 -22.09
C ILE B 256 8.96 17.71 -21.10
N TYR B 257 7.93 18.14 -20.39
CA TYR B 257 7.27 17.35 -19.37
C TYR B 257 5.93 16.84 -19.90
N TRP B 258 5.70 15.54 -19.75
CA TRP B 258 4.48 14.89 -20.23
C TRP B 258 3.71 14.37 -19.02
N ASP B 259 2.79 15.17 -18.50
CA ASP B 259 1.85 14.74 -17.46
C ASP B 259 0.61 14.23 -18.19
N CYS B 260 0.64 12.96 -18.58
CA CYS B 260 -0.35 12.39 -19.48
C CYS B 260 -1.33 11.51 -18.71
N ASN B 261 -2.62 11.75 -18.90
CA ASN B 261 -3.68 10.90 -18.38
C ASN B 261 -4.30 10.18 -19.57
N LEU B 262 -4.27 8.84 -19.54
CA LEU B 262 -4.70 8.02 -20.66
C LEU B 262 -6.10 7.46 -20.46
N ASP B 263 -6.80 7.86 -19.42
CA ASP B 263 -8.19 7.44 -19.25
C ASP B 263 -9.06 8.11 -20.31
N SER B 264 -10.01 7.33 -20.85
CA SER B 264 -10.85 7.84 -21.93
C SER B 264 -11.66 9.05 -21.47
N TRP B 265 -12.24 8.98 -20.26
CA TRP B 265 -13.06 10.06 -19.75
C TRP B 265 -12.25 11.27 -19.30
N SER B 266 -10.94 11.12 -19.10
CA SER B 266 -10.07 12.21 -18.67
C SER B 266 -8.77 12.18 -19.46
N HIS B 267 -8.86 11.98 -20.78
CA HIS B 267 -7.66 11.88 -21.59
C HIS B 267 -7.02 13.26 -21.75
N ARG B 268 -5.75 13.36 -21.36
CA ARG B 268 -5.02 14.62 -21.45
C ARG B 268 -3.53 14.28 -21.50
N CYS B 269 -2.95 14.36 -22.70
CA CYS B 269 -1.54 14.08 -22.93
C CYS B 269 -0.96 15.23 -23.75
N GLN B 270 -0.46 16.26 -23.06
CA GLN B 270 0.08 17.44 -23.69
C GLN B 270 1.46 17.75 -23.12
N PRO B 271 2.39 18.24 -23.94
CA PRO B 271 3.71 18.59 -23.42
C PRO B 271 3.74 19.98 -22.81
N LYS B 272 4.57 20.12 -21.79
CA LYS B 272 4.85 21.40 -21.15
C LYS B 272 6.33 21.71 -21.34
N TYR B 273 6.62 22.89 -21.88
CA TYR B 273 7.98 23.29 -22.22
C TYR B 273 8.55 24.22 -21.16
N SER B 274 9.80 23.98 -20.78
CA SER B 274 10.50 24.81 -19.82
C SER B 274 11.97 24.86 -20.20
N PHE B 275 12.68 25.81 -19.61
CA PHE B 275 14.09 26.02 -19.92
C PHE B 275 14.89 26.16 -18.63
N ARG B 276 16.12 25.67 -18.64
CA ARG B 276 16.96 25.70 -17.44
C ARG B 276 18.43 25.69 -17.86
N ARG B 277 19.19 26.66 -17.36
CA ARG B 277 20.63 26.65 -17.62
C ARG B 277 21.26 25.48 -16.87
N LEU B 278 22.08 24.70 -17.59
CA LEU B 278 22.66 23.48 -17.04
C LEU B 278 24.12 23.64 -16.64
N ASP B 279 24.82 24.64 -17.17
CA ASP B 279 26.21 24.89 -16.81
C ASP B 279 26.29 25.97 -15.75
N ASP B 280 27.19 25.77 -14.79
CA ASP B 280 27.33 26.70 -13.69
C ASP B 280 27.83 28.05 -14.19
N LYS B 281 27.17 29.12 -13.78
CA LYS B 281 27.56 30.45 -14.22
C LYS B 281 28.87 30.90 -13.59
N TYR B 282 29.21 30.39 -12.42
CA TYR B 282 30.37 30.81 -11.65
C TYR B 282 31.41 29.70 -11.55
N THR B 283 31.62 28.97 -12.63
CA THR B 283 32.63 27.92 -12.65
C THR B 283 34.02 28.53 -12.54
N ASN B 284 34.89 27.86 -11.80
CA ASN B 284 36.26 28.33 -11.65
C ASN B 284 36.97 28.34 -13.00
N GLU B 285 37.85 29.32 -13.18
CA GLU B 285 38.55 29.47 -14.45
C GLU B 285 39.38 28.23 -14.80
N SER B 286 39.76 27.43 -13.82
CA SER B 286 40.55 26.22 -14.05
C SER B 286 39.69 25.02 -14.38
N LEU B 287 38.36 25.13 -14.31
CA LEU B 287 37.45 24.04 -14.58
C LEU B 287 36.73 24.20 -15.91
N PHE B 288 37.35 24.92 -16.84
CA PHE B 288 36.80 25.07 -18.19
C PHE B 288 35.42 25.69 -18.16
N PRO B 289 35.30 26.97 -17.81
CA PRO B 289 33.99 27.62 -17.82
C PRO B 289 33.39 27.66 -19.22
N GLY B 290 32.07 27.60 -19.29
CA GLY B 290 31.39 27.63 -20.56
C GLY B 290 31.42 26.27 -21.25
N TYR B 291 31.14 26.30 -22.55
CA TYR B 291 31.14 25.09 -23.38
C TYR B 291 31.88 25.38 -24.66
N ASN B 292 32.88 24.56 -24.97
CA ASN B 292 33.63 24.69 -26.21
C ASN B 292 34.29 23.36 -26.54
N PHE B 293 34.64 23.20 -27.80
CA PHE B 293 35.40 22.03 -28.23
C PHE B 293 36.21 22.37 -29.46
N ARG B 294 37.22 21.55 -29.72
CA ARG B 294 38.17 21.78 -30.81
C ARG B 294 37.81 20.88 -31.99
N TYR B 295 37.62 21.50 -33.16
CA TYR B 295 37.20 20.82 -34.37
C TYR B 295 38.32 20.94 -35.41
N ALA B 296 38.77 19.80 -35.92
CA ALA B 296 39.93 19.74 -36.80
C ALA B 296 39.50 19.45 -38.23
N LYS B 297 40.01 20.21 -39.18
CA LYS B 297 39.82 19.97 -40.60
C LYS B 297 41.17 19.65 -41.21
N TYR B 298 41.33 18.42 -41.68
CA TYR B 298 42.59 17.95 -42.25
C TYR B 298 42.55 18.06 -43.77
N TYR B 299 43.63 18.57 -44.35
CA TYR B 299 43.73 18.67 -45.80
C TYR B 299 45.17 18.49 -46.23
N LYS B 300 45.35 18.01 -47.45
CA LYS B 300 46.67 17.78 -48.02
C LYS B 300 47.01 18.93 -48.95
N GLU B 301 48.08 19.66 -48.62
CA GLU B 301 48.56 20.78 -49.42
C GLU B 301 49.91 20.39 -50.02
N ASN B 302 50.00 20.46 -51.35
CA ASN B 302 51.20 20.02 -52.04
C ASN B 302 51.42 18.53 -51.76
N GLY B 303 52.26 18.21 -50.77
CA GLY B 303 52.46 16.83 -50.37
C GLY B 303 52.59 16.70 -48.87
N MET B 304 51.99 17.65 -48.15
CA MET B 304 52.07 17.71 -46.70
C MET B 304 50.67 17.72 -46.10
N GLU B 305 50.55 17.11 -44.93
CA GLU B 305 49.28 17.05 -44.20
C GLU B 305 49.18 18.25 -43.27
N LYS B 306 48.15 19.06 -43.46
CA LYS B 306 47.93 20.27 -42.68
C LYS B 306 46.57 20.20 -42.01
N ARG B 307 46.44 20.93 -40.89
CA ARG B 307 45.23 20.91 -40.08
C ARG B 307 44.81 22.34 -39.77
N THR B 308 43.52 22.61 -39.93
CA THR B 308 42.91 23.85 -39.46
C THR B 308 42.11 23.53 -38.20
N LEU B 309 42.50 24.16 -37.10
CA LEU B 309 41.85 23.91 -35.84
C LEU B 309 40.86 25.01 -35.49
N ILE B 310 39.63 24.62 -35.17
CA ILE B 310 38.63 25.60 -34.76
C ILE B 310 38.28 25.39 -33.32
N LYS B 311 38.54 26.38 -32.48
CA LYS B 311 38.10 26.29 -31.11
C LYS B 311 36.72 26.90 -31.14
N ALA B 312 35.69 26.06 -31.10
CA ALA B 312 34.33 26.54 -31.24
C ALA B 312 33.69 26.62 -29.85
N PHE B 313 33.24 27.83 -29.49
CA PHE B 313 32.44 28.06 -28.30
C PHE B 313 30.98 28.22 -28.71
N GLY B 314 30.10 27.58 -27.97
CA GLY B 314 28.69 27.67 -28.31
C GLY B 314 27.82 27.16 -27.19
N VAL B 315 26.53 27.07 -27.48
CA VAL B 315 25.53 26.62 -26.52
C VAL B 315 25.06 25.24 -26.95
N ARG B 316 25.28 24.26 -26.08
CA ARG B 316 24.76 22.91 -26.30
C ARG B 316 23.37 22.83 -25.70
N PHE B 317 22.38 22.56 -26.54
CA PHE B 317 20.98 22.52 -26.13
C PHE B 317 20.60 21.07 -25.85
N ASP B 318 20.41 20.74 -24.57
CA ASP B 318 20.02 19.41 -24.16
C ASP B 318 18.51 19.35 -24.01
N ILE B 319 17.86 18.52 -24.83
CA ILE B 319 16.42 18.36 -24.81
C ILE B 319 16.09 17.21 -23.86
N LEU B 320 15.57 17.55 -22.69
CA LEU B 320 15.26 16.58 -21.65
C LEU B 320 13.76 16.30 -21.68
N VAL B 321 13.39 15.05 -21.93
CA VAL B 321 12.00 14.63 -22.03
C VAL B 321 11.72 13.66 -20.90
N PHE B 322 10.71 13.96 -20.09
CA PHE B 322 10.35 13.13 -18.96
C PHE B 322 8.85 13.25 -18.73
N GLY B 323 8.30 12.28 -18.02
CA GLY B 323 6.89 12.29 -17.69
C GLY B 323 6.40 10.87 -17.45
N THR B 324 5.12 10.80 -17.06
CA THR B 324 4.48 9.53 -16.76
C THR B 324 3.09 9.51 -17.35
N GLY B 325 2.64 8.31 -17.73
CA GLY B 325 1.30 8.08 -18.22
C GLY B 325 0.54 7.20 -17.24
N GLY B 326 -0.63 7.67 -16.84
CA GLY B 326 -1.45 6.99 -15.85
C GLY B 326 -2.71 6.42 -16.49
N LYS B 327 -2.99 5.15 -16.20
CA LYS B 327 -4.19 4.50 -16.69
C LYS B 327 -4.83 3.69 -15.56
N PHE B 328 -6.16 3.71 -15.52
CA PHE B 328 -6.87 3.06 -14.42
C PHE B 328 -6.48 1.59 -14.32
N ASP B 329 -6.20 1.16 -13.10
CA ASP B 329 -5.87 -0.23 -12.80
C ASP B 329 -6.70 -0.69 -11.61
N ILE B 330 -7.34 -1.85 -11.75
CA ILE B 330 -8.17 -2.38 -10.68
C ILE B 330 -7.32 -2.77 -9.48
N ILE B 331 -6.15 -3.36 -9.72
CA ILE B 331 -5.32 -3.85 -8.61
C ILE B 331 -4.84 -2.69 -7.76
N GLN B 332 -4.41 -1.60 -8.38
CA GLN B 332 -3.94 -0.45 -7.61
C GLN B 332 -5.06 0.15 -6.76
N LEU B 333 -6.25 0.28 -7.34
CA LEU B 333 -7.38 0.81 -6.58
C LEU B 333 -7.73 -0.11 -5.42
N VAL B 334 -7.73 -1.42 -5.65
CA VAL B 334 -8.03 -2.36 -4.58
C VAL B 334 -7.00 -2.26 -3.46
N VAL B 335 -5.72 -2.15 -3.83
CA VAL B 335 -4.66 -2.05 -2.83
C VAL B 335 -4.83 -0.77 -2.01
N TYR B 336 -5.11 0.34 -2.68
CA TYR B 336 -5.28 1.60 -1.95
C TYR B 336 -6.48 1.54 -1.01
N ILE B 337 -7.60 0.97 -1.48
CA ILE B 337 -8.79 0.87 -0.64
C ILE B 337 -8.51 -0.02 0.56
N GLY B 338 -7.81 -1.15 0.35
CA GLY B 338 -7.45 -2.00 1.46
C GLY B 338 -6.55 -1.30 2.46
N SER B 339 -5.60 -0.50 1.96
CA SER B 339 -4.71 0.24 2.85
C SER B 339 -5.49 1.25 3.68
N THR B 340 -6.46 1.93 3.07
CA THR B 340 -7.18 2.99 3.76
C THR B 340 -8.41 2.51 4.54
N LEU B 341 -8.78 1.24 4.41
CA LEU B 341 -9.97 0.74 5.09
C LEU B 341 -9.83 0.86 6.61
N SER B 342 -8.66 0.51 7.14
CA SER B 342 -8.50 0.47 8.59
C SER B 342 -8.68 1.83 9.24
N TYR B 343 -8.59 2.92 8.47
CA TYR B 343 -8.76 4.25 9.03
C TYR B 343 -10.20 4.55 9.42
N PHE B 344 -11.16 3.72 9.00
CA PHE B 344 -12.55 3.94 9.36
C PHE B 344 -12.87 3.47 10.78
N GLY B 345 -11.94 2.80 11.45
CA GLY B 345 -12.10 2.46 12.85
C GLY B 345 -11.72 3.56 13.81
N LEU B 346 -11.36 4.74 13.28
CA LEU B 346 -10.97 5.85 14.15
C LEU B 346 -12.11 6.28 15.05
N ALA B 347 -13.33 6.32 14.51
CA ALA B 347 -14.48 6.71 15.32
C ALA B 347 -14.67 5.74 16.49
N THR B 348 -14.63 4.45 16.20
CA THR B 348 -14.78 3.46 17.27
C THR B 348 -13.67 3.60 18.29
N VAL B 349 -12.43 3.75 17.84
CA VAL B 349 -11.30 3.87 18.75
C VAL B 349 -11.48 5.07 19.67
N CYS B 350 -11.80 6.22 19.09
CA CYS B 350 -11.92 7.45 19.87
C CYS B 350 -13.08 7.36 20.86
N ILE B 351 -14.23 6.86 20.42
CA ILE B 351 -15.39 6.82 21.30
C ILE B 351 -15.18 5.81 22.42
N ASP B 352 -14.57 4.66 22.11
CA ASP B 352 -14.26 3.68 23.16
C ASP B 352 -13.26 4.25 24.15
N LEU B 353 -12.27 4.99 23.66
CA LEU B 353 -11.32 5.63 24.56
C LEU B 353 -12.02 6.65 25.47
N ILE B 354 -12.94 7.43 24.91
CA ILE B 354 -13.70 8.39 25.71
C ILE B 354 -14.49 7.66 26.79
N ILE B 355 -15.16 6.57 26.40
CA ILE B 355 -15.98 5.83 27.36
C ILE B 355 -15.11 5.27 28.48
N ASN B 356 -13.96 4.68 28.13
CA ASN B 356 -13.09 4.11 29.15
C ASN B 356 -12.51 5.19 30.06
N THR B 357 -12.11 6.33 29.48
CA THR B 357 -11.48 7.37 30.28
C THR B 357 -12.47 8.03 31.23
N TYR B 358 -13.68 8.30 30.75
CA TYR B 358 -14.69 8.97 31.58
C TYR B 358 -15.38 8.02 32.53
N ALA B 359 -15.09 6.73 32.46
CA ALA B 359 -15.67 5.75 33.39
C ALA B 359 -14.82 5.66 34.66
N SER B 360 -13.56 6.10 34.56
CA SER B 360 -12.64 6.07 35.70
C SER B 360 -13.21 6.98 36.90
N THR B 361 -13.04 6.53 38.14
CA THR B 361 -13.55 7.27 39.29
C THR B 361 -12.75 8.56 39.52
N CYS B 362 -11.53 8.60 39.00
CA CYS B 362 -10.66 9.72 39.18
C CYS B 362 -11.24 11.07 38.78
N CYS B 363 -12.06 11.03 37.74
CA CYS B 363 -12.66 12.24 37.20
C CYS B 363 -13.80 12.79 38.05
N ARG B 364 -14.43 11.89 38.78
CA ARG B 364 -15.53 12.27 39.68
C ARG B 364 -14.99 12.97 40.92
N SER B 365 -13.87 12.45 41.44
CA SER B 365 -13.30 13.00 42.67
C SER B 365 -12.56 14.30 42.41
N ARG B 366 -11.87 14.42 41.28
CA ARG B 366 -10.98 15.55 41.02
C ARG B 366 -11.47 16.43 39.88
N VAL B 367 -11.69 15.87 38.70
CA VAL B 367 -11.97 16.69 37.52
C VAL B 367 -13.34 17.34 37.64
N TYR B 368 -14.36 16.57 38.00
CA TYR B 368 -15.72 17.08 37.98
C TYR B 368 -15.92 18.25 38.94
N PRO B 369 -15.49 18.17 40.21
CA PRO B 369 -15.66 19.35 41.09
C PRO B 369 -14.98 20.59 40.57
N SER B 370 -13.80 20.44 39.96
CA SER B 370 -13.10 21.60 39.41
C SER B 370 -13.83 22.16 38.19
N CYS B 371 -14.29 21.29 37.30
CA CYS B 371 -14.99 21.68 36.09
C CYS B 371 -16.34 20.99 36.06
N LYS B 372 -17.41 21.78 36.16
CA LYS B 372 -18.77 21.24 36.14
C LYS B 372 -19.31 21.04 34.73
N CYS B 373 -18.58 21.46 33.70
CA CYS B 373 -19.03 21.30 32.33
C CYS B 373 -18.87 19.85 31.87
N CYS B 374 -17.88 19.17 32.43
CA CYS B 374 -17.61 17.78 32.10
C CYS B 374 -18.35 16.79 33.01
N GLU B 375 -19.33 17.33 33.72
CA GLU B 375 -20.12 16.54 34.66
C GLU B 375 -21.10 15.60 33.96
N PRO B 376 -21.84 16.11 32.95
CA PRO B 376 -22.81 15.24 32.27
C PRO B 376 -22.20 13.99 31.63
N CYS B 377 -20.88 13.97 31.48
CA CYS B 377 -20.21 12.85 30.90
C CYS B 377 -19.95 11.70 31.87
N ALA B 378 -20.62 11.77 33.02
CA ALA B 378 -20.55 10.72 34.02
C ALA B 378 -21.36 9.50 33.55
N VAL B 379 -22.19 9.70 32.53
CA VAL B 379 -22.95 8.61 31.96
C VAL B 379 -22.04 7.54 31.38
N ASN B 380 -20.78 7.87 31.11
CA ASN B 380 -19.85 6.91 30.54
C ASN B 380 -19.61 5.72 31.48
N GLU B 381 -19.84 5.90 32.79
CA GLU B 381 -19.73 4.77 33.71
C GLU B 381 -20.77 3.70 33.38
N TYR B 382 -22.00 4.12 33.09
CA TYR B 382 -23.04 3.17 32.71
C TYR B 382 -22.67 2.46 31.41
N TYR B 383 -22.16 3.20 30.43
CA TYR B 383 -21.74 2.57 29.18
C TYR B 383 -20.63 1.56 29.41
N TYR B 384 -19.66 1.92 30.25
CA TYR B 384 -18.54 1.00 30.52
C TYR B 384 -19.03 -0.25 31.22
N ARG B 385 -19.91 -0.11 32.21
CA ARG B 385 -20.43 -1.29 32.91
C ARG B 385 -21.29 -2.14 32.01
N LYS B 386 -21.95 -1.54 31.01
CA LYS B 386 -22.72 -2.30 30.04
C LYS B 386 -21.85 -2.85 28.91
N LYS B 387 -20.60 -2.42 28.80
CA LYS B 387 -19.71 -2.82 27.71
C LYS B 387 -18.70 -3.88 28.12
N CYS B 388 -18.08 -3.74 29.29
CA CYS B 388 -16.99 -4.61 29.71
C CYS B 388 -17.40 -5.43 30.93
N GLU B 389 -16.98 -6.69 30.95
CA GLU B 389 -17.18 -7.58 32.08
C GLU B 389 -15.82 -8.03 32.60
N PRO B 390 -15.26 -7.38 33.63
CA PRO B 390 -13.93 -7.77 34.09
C PRO B 390 -13.94 -9.12 34.78
N ILE B 391 -12.93 -9.93 34.47
CA ILE B 391 -12.72 -11.21 35.12
C ILE B 391 -11.23 -11.35 35.46
N VAL B 392 -10.94 -12.27 36.37
CA VAL B 392 -9.58 -12.51 36.83
C VAL B 392 -9.20 -13.96 36.55
N GLU B 393 -7.91 -14.21 36.50
CA GLU B 393 -7.42 -15.55 36.24
C GLU B 393 -7.80 -16.48 37.38
N PRO B 394 -8.48 -17.60 37.11
CA PRO B 394 -8.82 -18.53 38.21
C PRO B 394 -7.66 -19.45 38.57
N LYS B 395 -6.74 -18.93 39.36
CA LYS B 395 -5.55 -19.65 39.77
C LYS B 395 -5.77 -20.32 41.12
N PRO B 396 -4.95 -21.32 41.47
CA PRO B 396 -5.17 -22.03 42.74
C PRO B 396 -5.12 -21.13 43.96
N THR B 397 -4.37 -20.04 43.92
CA THR B 397 -4.27 -19.14 45.06
C THR B 397 -5.42 -18.15 45.15
N LEU B 398 -6.34 -18.16 44.19
CA LEU B 398 -7.46 -17.22 44.21
C LEU B 398 -8.39 -17.53 45.37
N LYS B 399 -8.71 -16.51 46.16
CA LYS B 399 -9.61 -16.64 47.30
C LYS B 399 -10.41 -15.36 47.45
N TYR B 400 -11.68 -15.51 47.84
CA TYR B 400 -12.56 -14.39 48.09
C TYR B 400 -13.13 -14.54 49.50
N VAL B 401 -13.07 -13.45 50.28
CA VAL B 401 -13.57 -13.44 51.65
C VAL B 401 -14.48 -12.25 51.84
N SER B 402 -15.57 -12.44 52.57
CA SER B 402 -16.53 -11.40 52.88
C SER B 402 -16.73 -11.33 54.38
N PHE B 403 -16.78 -10.11 54.91
CA PHE B 403 -17.01 -9.87 56.33
C PHE B 403 -18.34 -9.14 56.48
N VAL B 404 -19.17 -9.61 57.42
CA VAL B 404 -20.50 -9.04 57.58
C VAL B 404 -20.41 -7.56 57.95
N ASP B 405 -19.41 -7.19 58.76
CA ASP B 405 -19.24 -5.79 59.12
C ASP B 405 -18.88 -4.95 57.89
N GLU B 406 -17.98 -5.47 57.05
CA GLU B 406 -17.58 -4.73 55.85
C GLU B 406 -18.61 -4.90 54.74
N PRO B 407 -18.72 -3.93 53.83
CA PRO B 407 -19.74 -4.04 52.78
C PRO B 407 -19.22 -4.62 51.46
N HIS B 408 -17.91 -4.81 51.37
CA HIS B 408 -17.31 -5.31 50.14
C HIS B 408 -16.65 -6.65 50.31
N ILE B 409 -16.00 -7.14 49.26
CA ILE B 409 -15.36 -8.43 49.30
C ILE B 409 -13.87 -8.23 49.14
N TRP B 410 -13.07 -9.18 49.61
CA TRP B 410 -11.63 -9.08 49.47
C TRP B 410 -11.12 -10.23 48.65
N MET B 411 -10.18 -9.94 47.75
CA MET B 411 -9.60 -10.99 46.93
C MET B 411 -8.19 -11.29 47.39
N VAL B 412 -7.99 -12.44 48.01
CA VAL B 412 -6.66 -12.85 48.43
C VAL B 412 -6.15 -13.86 47.43
N ASP B 413 -5.25 -13.43 46.55
CA ASP B 413 -4.72 -14.30 45.52
C ASP B 413 -3.28 -14.70 45.84
N GLN B 414 -2.85 -14.46 47.06
CA GLN B 414 -1.47 -14.74 47.45
C GLN B 414 -1.39 -16.09 48.16
N GLN B 415 -0.24 -16.76 48.09
CA GLN B 415 -0.13 -18.01 48.85
C GLN B 415 -0.16 -17.74 50.34
N LEU B 416 -0.75 -18.69 51.08
CA LEU B 416 -0.84 -18.60 52.53
C LEU B 416 0.36 -19.33 53.13
N LEU B 417 1.37 -18.57 53.54
CA LEU B 417 2.59 -19.14 54.11
C LEU B 417 2.50 -19.15 55.64
N GLY B 418 1.50 -19.87 56.15
CA GLY B 418 1.27 -20.01 57.56
C GLY B 418 0.41 -18.92 58.16
N LYS B 419 0.50 -17.69 57.66
CA LYS B 419 -0.30 -16.60 58.19
C LYS B 419 -1.79 -16.89 57.96
N SER B 420 -2.58 -16.62 58.99
CA SER B 420 -4.02 -16.89 58.91
C SER B 420 -4.66 -16.04 57.83
N LEU B 421 -5.67 -16.61 57.16
CA LEU B 421 -6.37 -15.89 56.11
C LEU B 421 -7.03 -14.62 56.64
N GLN B 422 -7.49 -14.65 57.89
CA GLN B 422 -8.07 -13.46 58.49
C GLN B 422 -7.05 -12.33 58.58
N ASP B 423 -5.81 -12.66 58.96
CA ASP B 423 -4.78 -11.63 59.08
C ASP B 423 -4.45 -11.04 57.71
N VAL B 424 -4.41 -11.86 56.67
CA VAL B 424 -4.11 -11.35 55.34
C VAL B 424 -5.16 -10.31 54.95
N LYS B 425 -4.73 -9.30 54.19
CA LYS B 425 -5.58 -8.18 53.81
C LYS B 425 -6.20 -8.36 52.43
N GLY B 426 -5.39 -8.73 51.43
CA GLY B 426 -5.90 -8.83 50.08
C GLY B 426 -6.17 -7.45 49.50
N GLN B 427 -7.00 -7.44 48.46
CA GLN B 427 -7.42 -6.21 47.81
C GLN B 427 -8.94 -6.17 47.70
N GLU B 428 -9.51 -4.99 47.91
CA GLU B 428 -10.95 -4.85 47.99
C GLU B 428 -11.58 -4.84 46.60
N VAL B 429 -12.73 -5.48 46.49
CA VAL B 429 -13.53 -5.49 45.25
C VAL B 429 -14.99 -5.35 45.60
N PRO B 430 -15.76 -4.76 44.69
CA PRO B 430 -17.18 -4.48 44.98
C PRO B 430 -18.04 -5.73 44.89
N ARG B 431 -19.24 -5.61 45.48
CA ARG B 431 -20.21 -6.69 45.47
C ARG B 431 -21.23 -6.45 44.36
N PRO B 432 -21.37 -7.35 43.40
CA PRO B 432 -22.36 -7.13 42.34
C PRO B 432 -23.78 -7.15 42.89
N GLN B 433 -24.66 -6.40 42.22
CA GLN B 433 -26.06 -6.37 42.62
C GLN B 433 -26.67 -7.76 42.49
N THR B 434 -27.51 -8.13 43.46
CA THR B 434 -28.03 -9.49 43.55
C THR B 434 -29.33 -9.66 42.77
N ASP B 435 -29.31 -9.25 41.50
CA ASP B 435 -30.38 -9.53 40.54
C ASP B 435 -31.76 -9.31 41.16
N PHE B 436 -32.02 -8.03 41.46
CA PHE B 436 -33.29 -7.64 42.08
C PHE B 436 -34.49 -8.27 41.38
N LEU B 437 -34.38 -8.49 40.07
CA LEU B 437 -35.46 -9.15 39.34
C LEU B 437 -35.77 -10.51 39.94
N GLU B 438 -34.73 -11.33 40.13
CA GLU B 438 -34.93 -12.64 40.76
C GLU B 438 -35.14 -12.52 42.26
N LEU B 439 -34.69 -11.42 42.88
CA LEU B 439 -34.85 -11.22 44.31
C LEU B 439 -36.20 -10.62 44.68
N SER B 440 -37.01 -10.24 43.69
CA SER B 440 -38.32 -9.65 43.94
C SER B 440 -39.37 -10.74 44.23
N ARG B 441 -39.10 -11.50 45.30
CA ARG B 441 -39.99 -12.56 45.74
C ARG B 441 -40.09 -12.48 47.27
N LEU B 442 -40.69 -13.49 47.87
CA LEU B 442 -40.85 -13.53 49.32
C LEU B 442 -39.50 -13.74 50.01
N ASP B 472 -11.50 -20.78 75.14
CA ASP B 472 -12.25 -19.70 74.50
C ASP B 472 -12.11 -19.77 72.98
N SER B 473 -12.64 -18.77 72.30
CA SER B 473 -12.58 -18.74 70.85
C SER B 473 -11.15 -18.47 70.38
N PRO B 474 -10.81 -18.88 69.17
CA PRO B 474 -9.45 -18.64 68.65
C PRO B 474 -9.12 -17.15 68.67
N ASP B 475 -7.82 -16.87 68.57
CA ASP B 475 -7.35 -15.49 68.60
C ASP B 475 -7.90 -14.70 67.41
N TRP B 476 -7.90 -15.31 66.22
CA TRP B 476 -8.35 -14.61 65.03
C TRP B 476 -9.87 -14.50 64.95
N CYS B 477 -10.61 -15.22 65.78
CA CYS B 477 -12.07 -15.15 65.75
C CYS B 477 -12.56 -13.90 66.46
N GLN B 478 -13.58 -13.27 65.87
CA GLN B 478 -14.21 -12.09 66.44
C GLN B 478 -15.72 -12.27 66.62
N CYS B 479 -16.19 -13.52 66.62
CA CYS B 479 -17.60 -13.81 66.74
C CYS B 479 -17.94 -14.84 67.81
N GLY B 480 -16.97 -15.59 68.32
CA GLY B 480 -17.21 -16.53 69.39
C GLY B 480 -17.79 -17.86 68.97
N ASN B 481 -17.97 -18.10 67.67
CA ASN B 481 -18.54 -19.35 67.18
C ASN B 481 -17.58 -20.12 66.29
N CYS B 482 -16.42 -19.57 65.96
CA CYS B 482 -15.46 -20.27 65.13
C CYS B 482 -14.69 -21.30 65.94
N LEU B 483 -14.14 -22.29 65.23
CA LEU B 483 -13.39 -23.39 65.81
C LEU B 483 -12.11 -23.59 65.03
N PRO B 484 -11.09 -24.18 65.64
CA PRO B 484 -9.84 -24.45 64.91
C PRO B 484 -10.07 -25.46 63.79
N SER B 485 -9.28 -25.29 62.73
CA SER B 485 -9.42 -26.16 61.56
C SER B 485 -8.86 -27.54 61.87
N GLN B 486 -9.47 -28.56 61.25
CA GLN B 486 -9.03 -29.94 61.37
C GLN B 486 -8.12 -30.36 60.23
N LEU B 487 -7.79 -29.45 59.32
CA LEU B 487 -6.93 -29.76 58.19
C LEU B 487 -5.48 -29.89 58.64
N PRO B 488 -4.62 -30.46 57.80
CA PRO B 488 -3.19 -30.49 58.13
C PRO B 488 -2.64 -29.08 58.31
N GLU B 489 -1.69 -28.95 59.24
CA GLU B 489 -1.17 -27.64 59.59
C GLU B 489 -0.59 -26.91 58.39
N ASN B 490 -0.10 -27.65 57.39
CA ASN B 490 0.49 -27.02 56.21
C ASN B 490 -0.55 -26.26 55.39
N ARG B 491 -1.84 -26.58 55.54
CA ARG B 491 -2.90 -25.92 54.81
C ARG B 491 -4.06 -25.53 55.73
N ARG B 492 -3.74 -25.14 56.96
CA ARG B 492 -4.76 -24.81 57.94
C ARG B 492 -5.13 -23.33 57.93
N ALA B 493 -4.25 -22.46 57.45
CA ALA B 493 -4.56 -21.03 57.44
C ALA B 493 -5.72 -20.69 56.52
N LEU B 494 -6.07 -21.58 55.58
CA LEU B 494 -7.18 -21.31 54.69
C LEU B 494 -8.50 -21.21 55.45
N GLU B 495 -8.70 -22.09 56.42
CA GLU B 495 -9.94 -22.12 57.20
C GLU B 495 -9.87 -21.26 58.45
N GLU B 496 -8.75 -20.58 58.70
CA GLU B 496 -8.62 -19.71 59.87
C GLU B 496 -9.20 -18.33 59.52
N LEU B 497 -10.51 -18.32 59.29
CA LEU B 497 -11.23 -17.13 58.87
C LEU B 497 -12.50 -16.98 59.70
N CYS B 498 -12.78 -15.74 60.08
CA CYS B 498 -13.97 -15.41 60.85
C CYS B 498 -14.96 -14.64 59.99
N CYS B 499 -16.21 -14.59 60.44
CA CYS B 499 -17.25 -13.90 59.70
C CYS B 499 -17.13 -12.39 59.74
N ARG B 500 -16.26 -11.85 60.59
CA ARG B 500 -16.14 -10.41 60.74
C ARG B 500 -14.70 -10.05 61.10
N ARG B 501 -14.36 -8.78 60.87
CA ARG B 501 -13.04 -8.27 61.19
C ARG B 501 -12.94 -7.66 62.58
N LYS B 502 -14.08 -7.35 63.21
CA LYS B 502 -14.13 -6.75 64.52
C LYS B 502 -15.10 -7.51 65.40
N PRO B 503 -14.94 -7.46 66.72
CA PRO B 503 -15.84 -8.20 67.60
C PRO B 503 -17.29 -7.78 67.40
N GLY B 504 -18.19 -8.75 67.51
CA GLY B 504 -19.61 -8.48 67.33
C GLY B 504 -20.39 -9.78 67.26
N GLN B 505 -21.62 -9.67 66.74
CA GLN B 505 -22.49 -10.83 66.63
C GLN B 505 -22.19 -11.60 65.36
N CYS B 506 -22.21 -12.93 65.48
CA CYS B 506 -21.93 -13.79 64.32
C CYS B 506 -23.05 -13.69 63.29
N ILE B 507 -22.68 -13.86 62.02
CA ILE B 507 -23.66 -13.84 60.95
C ILE B 507 -24.64 -14.98 61.10
N THR B 508 -24.23 -16.08 61.76
CA THR B 508 -25.12 -17.21 61.95
C THR B 508 -26.35 -16.84 62.77
N THR B 509 -26.23 -15.81 63.62
CA THR B 509 -27.36 -15.42 64.46
C THR B 509 -28.52 -14.89 63.63
N SER B 510 -28.27 -14.41 62.42
CA SER B 510 -29.33 -13.91 61.57
C SER B 510 -30.26 -15.04 61.15
N GLU B 511 -31.55 -14.74 61.07
CA GLU B 511 -32.52 -15.76 60.66
C GLU B 511 -32.31 -16.17 59.20
N LEU B 512 -31.83 -15.26 58.37
CA LEU B 512 -31.59 -15.60 56.97
C LEU B 512 -30.56 -16.72 56.83
N PHE B 513 -29.62 -16.82 57.77
CA PHE B 513 -28.66 -17.92 57.73
C PHE B 513 -29.37 -19.26 57.84
N SER B 514 -30.32 -19.36 58.77
CA SER B 514 -31.07 -20.62 58.92
C SER B 514 -32.01 -20.84 57.74
N LYS B 515 -32.64 -19.77 57.25
CA LYS B 515 -33.59 -19.91 56.15
C LYS B 515 -32.89 -20.37 54.88
N ILE B 516 -31.71 -19.84 54.60
CA ILE B 516 -31.01 -20.10 53.35
C ILE B 516 -30.06 -21.28 53.48
N VAL B 517 -29.26 -21.30 54.55
CA VAL B 517 -28.16 -22.27 54.67
C VAL B 517 -28.61 -23.53 55.39
N LEU B 518 -29.15 -23.39 56.60
CA LEU B 518 -29.48 -24.55 57.42
C LEU B 518 -30.88 -25.09 57.17
N SER B 519 -31.69 -24.43 56.35
CA SER B 519 -33.04 -24.90 56.07
C SER B 519 -32.95 -26.18 55.24
N ARG B 520 -33.20 -27.32 55.88
CA ARG B 520 -33.16 -28.59 55.17
C ARG B 520 -34.17 -28.63 54.03
N GLU B 521 -35.35 -28.04 54.25
CA GLU B 521 -36.38 -28.03 53.22
C GLU B 521 -35.91 -27.29 51.98
N ALA B 522 -35.26 -26.13 52.15
CA ALA B 522 -34.80 -25.36 51.00
C ALA B 522 -33.73 -26.11 50.22
N LEU B 523 -32.77 -26.70 50.92
CA LEU B 523 -31.72 -27.46 50.23
C LEU B 523 -32.30 -28.67 49.51
N GLN B 524 -33.25 -29.35 50.14
CA GLN B 524 -33.91 -30.47 49.48
C GLN B 524 -34.65 -30.01 48.23
N LEU B 525 -35.33 -28.86 48.32
CA LEU B 525 -36.03 -28.33 47.15
C LEU B 525 -35.05 -28.02 46.02
N LEU B 526 -33.91 -27.42 46.34
CA LEU B 526 -32.90 -27.14 45.33
C LEU B 526 -32.40 -28.43 44.68
N LEU B 527 -32.09 -29.43 45.52
CA LEU B 527 -31.59 -30.69 44.98
C LEU B 527 -32.61 -31.38 44.10
N LEU B 528 -33.89 -31.36 44.51
CA LEU B 528 -34.94 -31.93 43.67
C LEU B 528 -35.06 -31.16 42.36
N TYR B 529 -34.94 -29.83 42.42
CA TYR B 529 -34.94 -29.04 41.18
C TYR B 529 -33.83 -29.51 40.26
N GLN B 530 -32.64 -29.76 40.81
CA GLN B 530 -31.56 -30.31 40.00
C GLN B 530 -31.78 -31.79 39.69
N GLU B 531 -32.24 -32.56 40.67
CA GLU B 531 -32.45 -34.00 40.52
C GLU B 531 -33.86 -34.35 41.00
N PRO B 532 -34.84 -34.31 40.09
CA PRO B 532 -36.24 -34.50 40.54
C PRO B 532 -36.48 -35.79 41.30
N LEU B 533 -35.83 -36.89 40.91
CA LEU B 533 -36.04 -38.18 41.54
C LEU B 533 -34.92 -38.54 42.50
N LEU B 534 -34.35 -37.55 43.19
CA LEU B 534 -33.27 -37.80 44.13
C LEU B 534 -33.78 -38.61 45.32
N ALA B 535 -32.92 -39.50 45.83
CA ALA B 535 -33.23 -40.32 46.99
C ALA B 535 -32.75 -39.60 48.24
N LEU B 536 -33.70 -39.22 49.11
CA LEU B 536 -33.39 -38.48 50.33
C LEU B 536 -33.12 -39.46 51.47
N GLU B 537 -31.98 -40.15 51.36
CA GLU B 537 -31.59 -41.12 52.36
C GLU B 537 -30.08 -41.34 52.30
N GLY B 538 -29.54 -41.84 53.39
CA GLY B 538 -28.12 -42.14 53.47
C GLY B 538 -27.27 -40.92 53.75
N GLU B 539 -25.96 -41.16 53.85
CA GLU B 539 -25.01 -40.07 54.04
C GLU B 539 -24.77 -39.28 52.76
N ALA B 540 -25.10 -39.85 51.60
CA ALA B 540 -24.94 -39.12 50.35
C ALA B 540 -25.81 -37.87 50.34
N ILE B 541 -27.05 -37.98 50.84
CA ILE B 541 -27.92 -36.82 50.92
C ILE B 541 -27.34 -35.78 51.87
N ASN B 542 -26.71 -36.25 52.95
CA ASN B 542 -26.07 -35.32 53.88
C ASN B 542 -24.94 -34.55 53.22
N SER B 543 -24.10 -35.25 52.45
CA SER B 543 -23.01 -34.58 51.74
C SER B 543 -23.55 -33.60 50.70
N LYS B 544 -24.58 -34.02 49.96
CA LYS B 544 -25.22 -33.13 48.99
C LYS B 544 -25.77 -31.89 49.67
N LEU B 545 -26.43 -32.05 50.82
CA LEU B 545 -26.98 -30.91 51.54
C LEU B 545 -25.88 -29.99 52.06
N ARG B 546 -24.78 -30.55 52.54
CA ARG B 546 -23.66 -29.73 52.99
C ARG B 546 -23.08 -28.91 51.84
N HIS B 547 -22.89 -29.55 50.69
CA HIS B 547 -22.38 -28.82 49.53
C HIS B 547 -23.37 -27.74 49.08
N CYS B 548 -24.67 -28.04 49.11
CA CYS B 548 -25.66 -27.05 48.74
C CYS B 548 -25.68 -25.89 49.71
N ALA B 549 -25.47 -26.16 51.01
CA ALA B 549 -25.39 -25.08 51.99
C ALA B 549 -24.17 -24.20 51.74
N TYR B 550 -23.03 -24.82 51.45
CA TYR B 550 -21.85 -24.04 51.11
C TYR B 550 -22.12 -23.14 49.90
N ARG B 551 -22.72 -23.71 48.86
CA ARG B 551 -23.02 -22.93 47.66
C ARG B 551 -24.00 -21.81 47.96
N SER B 552 -25.02 -22.08 48.78
CA SER B 552 -26.01 -21.06 49.11
C SER B 552 -25.36 -19.91 49.86
N TYR B 553 -24.51 -20.21 50.85
CA TYR B 553 -23.83 -19.15 51.57
C TYR B 553 -22.92 -18.35 50.64
N ALA B 554 -22.17 -19.04 49.77
CA ALA B 554 -21.28 -18.34 48.85
C ALA B 554 -22.06 -17.42 47.92
N THR B 555 -23.18 -17.91 47.37
CA THR B 555 -24.00 -17.08 46.50
C THR B 555 -24.60 -15.90 47.25
N TRP B 556 -25.07 -16.12 48.48
CA TRP B 556 -25.68 -15.05 49.25
C TRP B 556 -24.68 -13.95 49.57
N ARG B 557 -23.46 -14.32 49.98
CA ARG B 557 -22.48 -13.34 50.42
C ARG B 557 -21.54 -12.87 49.32
N PHE B 558 -21.59 -13.48 48.14
CA PHE B 558 -20.69 -13.09 47.05
C PHE B 558 -21.46 -12.85 45.75
N VAL B 559 -22.71 -13.30 45.66
CA VAL B 559 -23.56 -13.01 44.49
C VAL B 559 -23.10 -13.65 43.19
N SER B 560 -22.02 -13.15 42.60
CA SER B 560 -21.52 -13.69 41.35
C SER B 560 -21.00 -15.09 41.56
N GLN B 561 -21.35 -15.99 40.66
CA GLN B 561 -20.82 -17.36 40.76
C GLN B 561 -19.32 -17.40 40.56
N ASP B 562 -18.76 -16.46 39.79
CA ASP B 562 -17.32 -16.44 39.59
C ASP B 562 -16.59 -16.25 40.91
N MET B 563 -17.07 -15.33 41.75
CA MET B 563 -16.48 -15.14 43.08
C MET B 563 -16.91 -16.23 44.05
N ALA B 564 -18.14 -16.73 43.92
CA ALA B 564 -18.63 -17.76 44.84
C ALA B 564 -17.83 -19.04 44.72
N ASP B 565 -17.47 -19.44 43.50
CA ASP B 565 -16.71 -20.66 43.30
C ASP B 565 -15.34 -20.60 43.97
N PHE B 566 -14.81 -19.40 44.20
CA PHE B 566 -13.52 -19.23 44.85
C PHE B 566 -13.64 -18.61 46.23
N ALA B 567 -14.86 -18.47 46.75
CA ALA B 567 -15.05 -17.92 48.08
C ALA B 567 -14.53 -18.89 49.14
N ILE B 568 -14.36 -18.37 50.35
CA ILE B 568 -13.92 -19.15 51.50
C ILE B 568 -14.93 -18.94 52.63
N LEU B 569 -15.52 -20.02 53.10
CA LEU B 569 -16.52 -19.92 54.15
C LEU B 569 -15.85 -19.61 55.49
N PRO B 570 -16.47 -18.79 56.34
CA PRO B 570 -15.93 -18.61 57.70
C PRO B 570 -16.02 -19.90 58.49
N SER B 571 -15.13 -20.03 59.48
CA SER B 571 -15.11 -21.24 60.29
C SER B 571 -16.42 -21.44 61.03
N CYS B 572 -17.01 -20.36 61.54
CA CYS B 572 -18.28 -20.47 62.27
C CYS B 572 -19.36 -21.06 61.38
N CYS B 573 -19.57 -20.46 60.20
CA CYS B 573 -20.62 -20.93 59.31
C CYS B 573 -20.31 -22.32 58.78
N ARG B 574 -19.05 -22.58 58.44
CA ARG B 574 -18.66 -23.90 57.96
C ARG B 574 -18.99 -24.98 58.98
N TRP B 575 -18.61 -24.74 60.24
CA TRP B 575 -18.83 -25.75 61.27
C TRP B 575 -20.29 -25.84 61.69
N LYS B 576 -21.05 -24.75 61.61
CA LYS B 576 -22.49 -24.85 61.83
C LYS B 576 -23.14 -25.70 60.75
N ILE B 577 -22.74 -25.49 59.49
CA ILE B 577 -23.28 -26.31 58.40
C ILE B 577 -22.94 -27.77 58.62
N ARG B 578 -21.69 -28.06 58.99
CA ARG B 578 -21.28 -29.43 59.24
C ARG B 578 -22.02 -30.03 60.44
N LYS B 579 -22.29 -29.22 61.46
CA LYS B 579 -23.05 -29.69 62.62
C LYS B 579 -24.50 -29.99 62.24
N GLU B 580 -25.03 -29.27 61.24
CA GLU B 580 -26.37 -29.60 60.76
C GLU B 580 -26.39 -30.86 59.90
N PHE B 581 -25.31 -31.11 59.15
CA PHE B 581 -25.19 -32.30 58.30
C PHE B 581 -23.84 -32.95 58.55
N PRO B 582 -23.63 -33.52 59.74
CA PRO B 582 -22.34 -34.10 60.07
C PRO B 582 -21.97 -35.26 59.15
N LYS B 583 -20.67 -35.42 58.93
CA LYS B 583 -20.12 -36.58 58.23
C LYS B 583 -19.84 -37.68 59.25
N THR B 584 -20.37 -38.88 59.00
CA THR B 584 -20.34 -39.94 59.99
C THR B 584 -18.92 -40.37 60.35
N GLN B 585 -18.19 -40.92 59.38
CA GLN B 585 -16.89 -41.53 59.63
C GLN B 585 -15.88 -41.10 58.57
N GLY B 586 -15.81 -39.79 58.31
CA GLY B 586 -14.88 -39.26 57.33
C GLY B 586 -14.28 -37.95 57.81
N GLN B 587 -13.28 -37.51 57.06
CA GLN B 587 -12.59 -36.24 57.31
C GLN B 587 -12.93 -35.26 56.21
N TYR B 588 -13.26 -34.03 56.59
CA TYR B 588 -13.67 -33.03 55.63
C TYR B 588 -12.49 -32.57 54.78
N SER B 589 -12.68 -32.57 53.46
CA SER B 589 -11.63 -32.15 52.55
C SER B 589 -11.47 -30.64 52.51
N GLY B 590 -12.55 -29.89 52.76
CA GLY B 590 -12.48 -28.45 52.69
C GLY B 590 -12.59 -27.94 51.25
N PHE B 591 -12.16 -26.69 51.08
CA PHE B 591 -12.22 -26.06 49.77
C PHE B 591 -11.32 -26.80 48.78
N LYS B 592 -11.82 -26.97 47.56
CA LYS B 592 -11.09 -27.66 46.49
C LYS B 592 -11.02 -26.75 45.28
N TYR B 593 -9.87 -26.73 44.62
CA TYR B 593 -9.69 -25.90 43.44
C TYR B 593 -10.53 -26.46 42.29
N PRO B 594 -11.46 -25.67 41.72
CA PRO B 594 -12.28 -26.21 40.61
C PRO B 594 -11.47 -26.67 39.42
N TYR B 595 -10.37 -25.98 39.10
CA TYR B 595 -9.58 -26.31 37.92
C TYR B 595 -8.29 -27.03 38.33
N SER C 6 -2.15 -0.36 39.32
CA SER C 6 -1.00 0.19 38.54
C SER C 6 -0.38 -0.91 37.67
N TRP C 7 0.37 -1.81 38.30
CA TRP C 7 0.98 -2.91 37.56
C TRP C 7 -0.09 -3.80 36.94
N ASN C 8 -1.15 -4.09 37.69
CA ASN C 8 -2.21 -4.94 37.16
C ASN C 8 -2.90 -4.32 35.95
N ASP C 9 -2.87 -2.99 35.81
CA ASP C 9 -3.49 -2.36 34.66
C ASP C 9 -2.80 -2.78 33.36
N VAL C 10 -1.47 -2.86 33.38
CA VAL C 10 -0.75 -3.33 32.20
C VAL C 10 -1.07 -4.78 31.91
N PHE C 11 -1.24 -5.59 32.95
CA PHE C 11 -1.43 -7.02 32.81
C PHE C 11 -2.91 -7.35 32.60
N GLN C 12 -3.47 -6.80 31.51
CA GLN C 12 -4.85 -7.02 31.15
C GLN C 12 -4.94 -7.33 29.66
N TYR C 13 -5.93 -8.14 29.30
CA TYR C 13 -6.24 -8.44 27.90
C TYR C 13 -7.74 -8.39 27.72
N GLU C 14 -8.19 -7.68 26.69
CA GLU C 14 -9.61 -7.54 26.36
C GLU C 14 -9.93 -8.40 25.16
N THR C 15 -10.93 -9.28 25.31
CA THR C 15 -11.41 -10.12 24.23
C THR C 15 -12.88 -9.84 23.97
N ASN C 16 -13.24 -9.72 22.71
CA ASN C 16 -14.62 -9.39 22.35
C ASN C 16 -15.55 -10.55 22.68
N LYS C 17 -16.72 -10.22 23.22
CA LYS C 17 -17.77 -11.21 23.42
C LYS C 17 -18.44 -11.50 22.09
N VAL C 18 -18.59 -12.78 21.76
CA VAL C 18 -19.11 -13.21 20.47
C VAL C 18 -20.21 -14.23 20.66
N THR C 19 -21.09 -14.30 19.66
CA THR C 19 -22.13 -15.32 19.58
C THR C 19 -21.87 -16.14 18.33
N ARG C 20 -21.65 -17.44 18.50
CA ARG C 20 -21.45 -18.34 17.37
C ARG C 20 -22.79 -18.95 16.98
N ILE C 21 -23.08 -18.95 15.68
CA ILE C 21 -24.34 -19.45 15.15
C ILE C 21 -24.05 -20.71 14.35
N GLN C 22 -24.71 -21.81 14.71
CA GLN C 22 -24.56 -23.08 14.00
C GLN C 22 -25.52 -23.05 12.81
N SER C 23 -25.17 -22.23 11.82
CA SER C 23 -25.97 -22.03 10.63
C SER C 23 -25.18 -22.49 9.41
N VAL C 24 -25.80 -23.36 8.61
CA VAL C 24 -25.15 -23.83 7.39
C VAL C 24 -25.00 -22.69 6.38
N ASN C 25 -26.05 -21.90 6.20
CA ASN C 25 -26.01 -20.84 5.20
C ASN C 25 -24.93 -19.81 5.52
N TYR C 26 -24.89 -19.35 6.77
CA TYR C 26 -23.95 -18.30 7.13
C TYR C 26 -22.52 -18.80 7.11
N GLY C 27 -22.28 -20.02 7.60
CA GLY C 27 -20.94 -20.59 7.51
C GLY C 27 -20.48 -20.77 6.08
N THR C 28 -21.37 -21.27 5.21
CA THR C 28 -21.02 -21.43 3.80
C THR C 28 -20.71 -20.09 3.16
N ILE C 29 -21.52 -19.07 3.45
CA ILE C 29 -21.28 -17.74 2.87
C ILE C 29 -19.94 -17.20 3.36
N LYS C 30 -19.67 -17.34 4.65
CA LYS C 30 -18.41 -16.84 5.21
C LYS C 30 -17.22 -17.51 4.55
N TRP C 31 -17.26 -18.83 4.43
CA TRP C 31 -16.13 -19.54 3.83
C TRP C 31 -15.98 -19.20 2.35
N ILE C 32 -17.10 -19.07 1.63
CA ILE C 32 -17.03 -18.73 0.21
C ILE C 32 -16.41 -17.35 0.04
N LEU C 33 -16.83 -16.38 0.85
CA LEU C 33 -16.27 -15.04 0.76
C LEU C 33 -14.80 -15.02 1.13
N HIS C 34 -14.42 -15.76 2.17
CA HIS C 34 -13.02 -15.83 2.57
C HIS C 34 -12.17 -16.40 1.44
N MET C 35 -12.64 -17.50 0.82
CA MET C 35 -11.90 -18.10 -0.28
C MET C 35 -11.82 -17.16 -1.48
N THR C 36 -12.91 -16.45 -1.78
CA THR C 36 -12.87 -15.50 -2.90
C THR C 36 -11.85 -14.40 -2.65
N VAL C 37 -11.85 -13.83 -1.44
CA VAL C 37 -10.91 -12.77 -1.12
C VAL C 37 -9.47 -13.29 -1.19
N PHE C 38 -9.23 -14.47 -0.61
CA PHE C 38 -7.89 -15.04 -0.63
C PHE C 38 -7.44 -15.32 -2.06
N SER C 39 -8.32 -15.88 -2.88
CA SER C 39 -7.96 -16.20 -4.26
C SER C 39 -7.62 -14.93 -5.03
N TYR C 40 -8.43 -13.88 -4.90
CA TYR C 40 -8.15 -12.65 -5.61
C TYR C 40 -6.83 -12.03 -5.13
N VAL C 41 -6.61 -12.03 -3.82
CA VAL C 41 -5.38 -11.44 -3.28
C VAL C 41 -4.16 -12.19 -3.80
N SER C 42 -4.21 -13.52 -3.75
CA SER C 42 -3.08 -14.32 -4.23
C SER C 42 -2.87 -14.14 -5.72
N PHE C 43 -3.95 -14.10 -6.50
CA PHE C 43 -3.82 -13.91 -7.94
C PHE C 43 -3.18 -12.57 -8.25
N ALA C 44 -3.62 -11.50 -7.57
CA ALA C 44 -3.00 -10.20 -7.79
C ALA C 44 -1.52 -10.22 -7.40
N LEU C 45 -1.23 -10.75 -6.23
CA LEU C 45 0.15 -10.76 -5.76
C LEU C 45 1.04 -11.49 -6.74
N MET C 46 0.55 -12.60 -7.26
CA MET C 46 1.33 -13.40 -8.19
C MET C 46 1.37 -12.79 -9.58
N SER C 47 0.24 -12.29 -10.06
CA SER C 47 0.17 -11.69 -11.38
C SER C 47 0.98 -10.40 -11.48
N ASP C 48 0.91 -9.56 -10.46
CA ASP C 48 1.62 -8.28 -10.48
C ASP C 48 2.96 -8.34 -9.79
N LYS C 49 3.35 -9.49 -9.29
CA LYS C 49 4.61 -9.63 -8.56
C LYS C 49 4.76 -8.52 -7.53
N LEU C 50 3.70 -8.26 -6.79
CA LEU C 50 3.72 -7.22 -5.77
C LEU C 50 4.64 -7.56 -4.61
N TYR C 51 5.13 -8.80 -4.53
CA TYR C 51 6.14 -9.18 -3.56
C TYR C 51 7.55 -8.82 -4.01
N GLN C 52 7.70 -8.26 -5.22
CA GLN C 52 8.99 -7.97 -5.81
C GLN C 52 9.25 -6.47 -5.79
N ARG C 53 10.45 -6.08 -5.38
CA ARG C 53 10.85 -4.69 -5.50
C ARG C 53 11.33 -4.58 -6.92
N LYS C 54 10.76 -3.68 -7.70
CA LYS C 54 11.11 -3.58 -9.11
C LYS C 54 12.01 -2.39 -9.41
N GLU C 55 13.05 -2.62 -10.20
CA GLU C 55 14.03 -1.56 -10.49
C GLU C 55 14.20 -1.30 -11.98
N PRO C 56 14.42 -0.03 -12.36
CA PRO C 56 14.69 0.22 -13.78
C PRO C 56 16.14 -0.09 -14.12
N LEU C 57 16.36 -0.44 -15.38
CA LEU C 57 17.68 -0.83 -15.86
C LEU C 57 18.45 0.37 -16.40
N ILE C 58 19.78 0.27 -16.34
CA ILE C 58 20.68 1.18 -17.03
C ILE C 58 21.32 0.40 -18.18
N SER C 59 21.28 0.99 -19.37
CA SER C 59 21.61 0.27 -20.59
C SER C 59 22.73 0.95 -21.36
N SER C 60 23.54 0.13 -22.03
CA SER C 60 24.55 0.58 -22.98
C SER C 60 24.37 -0.20 -24.27
N VAL C 61 24.45 0.50 -25.40
CA VAL C 61 24.19 -0.07 -26.71
C VAL C 61 25.41 0.16 -27.59
N HIS C 62 25.85 -0.90 -28.28
CA HIS C 62 26.94 -0.84 -29.24
C HIS C 62 26.45 -1.42 -30.56
N THR C 63 26.49 -0.62 -31.61
CA THR C 63 25.97 -1.01 -32.91
C THR C 63 27.08 -1.15 -33.94
N LYS C 64 26.94 -2.14 -34.81
CA LYS C 64 27.88 -2.36 -35.90
C LYS C 64 27.10 -2.60 -37.18
N VAL C 65 27.27 -1.73 -38.16
CA VAL C 65 26.56 -1.80 -39.43
C VAL C 65 27.47 -2.43 -40.47
N LYS C 66 26.94 -3.40 -41.21
CA LYS C 66 27.66 -4.08 -42.27
C LYS C 66 26.88 -3.93 -43.57
N GLY C 67 27.58 -3.57 -44.64
CA GLY C 67 26.97 -3.40 -45.95
C GLY C 67 27.78 -2.55 -46.90
N VAL C 68 27.71 -2.88 -48.18
CA VAL C 68 28.42 -2.15 -49.23
C VAL C 68 27.41 -1.79 -50.31
N ALA C 69 27.49 -0.56 -50.82
CA ALA C 69 26.55 -0.05 -51.79
C ALA C 69 27.26 0.45 -53.04
N GLU C 70 26.58 0.29 -54.17
CA GLU C 70 27.08 0.71 -55.48
C GLU C 70 26.21 1.83 -56.02
N VAL C 71 26.85 2.83 -56.64
CA VAL C 71 26.13 3.93 -57.27
C VAL C 71 26.76 4.20 -58.63
N THR C 72 25.93 4.53 -59.61
CA THR C 72 26.38 4.93 -60.94
C THR C 72 25.60 6.18 -61.31
N GLU C 73 26.14 7.34 -60.95
CA GLU C 73 25.43 8.60 -61.09
C GLU C 73 26.36 9.66 -61.67
N ASN C 74 25.78 10.58 -62.43
CA ASN C 74 26.53 11.67 -63.02
C ASN C 74 26.82 12.76 -61.99
N THR C 81 29.70 16.83 -66.75
CA THR C 81 28.65 15.83 -66.79
C THR C 81 29.20 14.50 -67.30
N LYS C 82 29.68 13.67 -66.38
CA LYS C 82 30.25 12.37 -66.70
C LYS C 82 29.67 11.32 -65.76
N LEU C 83 29.53 10.11 -66.28
CA LEU C 83 29.02 9.00 -65.48
C LEU C 83 30.07 8.60 -64.44
N VAL C 84 29.74 8.78 -63.16
CA VAL C 84 30.65 8.53 -62.06
C VAL C 84 30.23 7.27 -61.34
N HIS C 85 31.18 6.35 -61.17
CA HIS C 85 30.96 5.11 -60.44
C HIS C 85 31.46 5.29 -59.01
N GLY C 86 30.61 4.95 -58.05
CA GLY C 86 30.92 5.22 -56.65
C GLY C 86 30.65 4.02 -55.78
N ILE C 87 31.54 3.82 -54.80
CA ILE C 87 31.45 2.73 -53.83
C ILE C 87 31.23 3.34 -52.46
N PHE C 88 30.22 2.84 -51.74
CA PHE C 88 29.88 3.35 -50.41
C PHE C 88 30.08 2.23 -49.40
N ASP C 89 30.93 2.47 -48.41
CA ASP C 89 31.14 1.58 -47.28
C ASP C 89 30.68 2.27 -46.01
N THR C 90 30.89 1.60 -44.88
CA THR C 90 30.39 2.11 -43.60
C THR C 90 30.89 3.52 -43.34
N ALA C 91 32.15 3.80 -43.65
CA ALA C 91 32.69 5.13 -43.44
C ALA C 91 32.07 6.17 -44.36
N ASP C 92 31.37 5.74 -45.41
CA ASP C 92 30.78 6.65 -46.38
C ASP C 92 29.29 6.91 -46.12
N TYR C 93 28.62 6.08 -45.31
CA TYR C 93 27.20 6.28 -45.04
C TYR C 93 26.86 6.16 -43.56
N THR C 94 27.84 6.03 -42.68
CA THR C 94 27.61 5.97 -41.24
C THR C 94 28.47 7.01 -40.53
N LEU C 95 27.90 7.62 -39.51
CA LEU C 95 28.63 8.54 -38.66
C LEU C 95 29.38 7.78 -37.57
N PRO C 96 30.42 8.40 -36.98
CA PRO C 96 31.19 7.67 -35.96
C PRO C 96 30.36 7.19 -34.79
N LEU C 97 29.28 7.91 -34.45
CA LEU C 97 28.44 7.51 -33.33
C LEU C 97 27.92 6.09 -33.53
N GLN C 98 28.00 5.28 -32.46
CA GLN C 98 27.56 3.89 -32.50
C GLN C 98 26.81 3.51 -31.24
N GLY C 99 26.11 4.46 -30.62
CA GLY C 99 25.44 4.21 -29.37
C GLY C 99 23.96 3.90 -29.52
N ASN C 100 23.12 4.62 -28.79
CA ASN C 100 21.69 4.35 -28.80
C ASN C 100 21.05 4.69 -30.14
N SER C 101 21.72 5.51 -30.95
CA SER C 101 21.22 5.85 -32.27
C SER C 101 22.29 5.78 -33.34
N PHE C 102 21.96 5.25 -34.50
CA PHE C 102 22.87 5.21 -35.63
C PHE C 102 22.10 5.57 -36.90
N PHE C 103 22.78 6.27 -37.80
CA PHE C 103 22.18 6.77 -39.03
C PHE C 103 22.78 6.06 -40.23
N VAL C 104 21.92 5.63 -41.15
CA VAL C 104 22.33 5.01 -42.40
C VAL C 104 21.82 5.86 -43.55
N MET C 105 22.73 6.31 -44.41
CA MET C 105 22.35 7.11 -45.55
C MET C 105 21.65 6.26 -46.60
N THR C 106 20.56 6.79 -47.15
CA THR C 106 19.80 6.13 -48.21
C THR C 106 19.71 6.95 -49.48
N ASN C 107 19.99 8.25 -49.43
CA ASN C 107 19.94 9.11 -50.59
C ASN C 107 20.80 10.34 -50.30
N TYR C 108 21.23 11.02 -51.35
CA TYR C 108 22.07 12.18 -51.16
C TYR C 108 21.98 13.10 -52.36
N LEU C 109 22.08 14.41 -52.07
CA LEU C 109 22.25 15.44 -53.08
C LEU C 109 23.60 16.09 -52.89
N LYS C 110 24.40 16.14 -53.95
CA LYS C 110 25.78 16.60 -53.88
C LYS C 110 25.91 17.96 -54.56
N SER C 111 26.58 18.90 -53.88
CA SER C 111 26.95 20.19 -54.44
C SER C 111 28.45 20.36 -54.20
N GLU C 112 29.24 20.22 -55.27
CA GLU C 112 30.68 20.18 -55.16
C GLU C 112 31.29 21.54 -55.45
N GLY C 113 32.44 21.80 -54.83
CA GLY C 113 33.20 23.01 -55.11
C GLY C 113 32.48 24.29 -54.77
N GLN C 114 31.87 24.34 -53.59
CA GLN C 114 31.18 25.55 -53.15
C GLN C 114 32.18 26.61 -52.71
N GLU C 115 31.87 27.87 -53.03
CA GLU C 115 32.67 29.01 -52.61
C GLU C 115 31.76 30.08 -52.03
N GLN C 116 32.27 30.81 -51.03
CA GLN C 116 31.50 31.86 -50.39
C GLN C 116 31.51 33.08 -51.31
N LYS C 117 30.41 33.27 -52.04
CA LYS C 117 30.32 34.35 -53.03
C LYS C 117 28.85 34.54 -53.39
N LEU C 118 28.60 35.38 -54.39
CA LEU C 118 27.25 35.67 -54.83
C LEU C 118 26.80 34.66 -55.90
N CYS C 119 25.51 34.35 -55.89
CA CYS C 119 24.95 33.42 -56.86
C CYS C 119 23.43 33.51 -56.79
N PRO C 120 22.74 33.13 -57.87
CA PRO C 120 21.27 33.02 -57.80
C PRO C 120 20.85 31.87 -56.91
N GLU C 121 19.69 32.05 -56.27
CA GLU C 121 19.13 31.01 -55.42
C GLU C 121 18.34 30.00 -56.26
N TYR C 122 18.35 28.76 -55.80
CA TYR C 122 17.67 27.70 -56.53
C TYR C 122 16.17 27.99 -56.61
N PRO C 123 15.54 27.83 -57.78
CA PRO C 123 14.08 28.13 -57.90
C PRO C 123 13.20 26.99 -57.41
N SER C 124 12.97 26.96 -56.10
CA SER C 124 12.20 25.91 -55.45
C SER C 124 10.87 26.47 -54.95
N ARG C 125 9.77 25.86 -55.38
CA ARG C 125 8.43 26.17 -54.87
C ARG C 125 8.13 27.67 -54.96
N GLY C 126 8.07 28.16 -56.21
CA GLY C 126 7.71 29.53 -56.45
C GLY C 126 8.68 30.53 -55.86
N LYS C 127 9.98 30.28 -56.06
CA LYS C 127 11.03 31.16 -55.57
C LYS C 127 11.44 32.20 -56.60
N GLN C 128 10.75 32.26 -57.73
CA GLN C 128 11.15 33.15 -58.81
C GLN C 128 10.87 34.61 -58.47
N CYS C 129 11.61 35.50 -59.12
CA CYS C 129 11.42 36.94 -59.00
C CYS C 129 11.35 37.57 -60.38
N HIS C 130 10.62 38.67 -60.48
CA HIS C 130 10.44 39.39 -61.72
C HIS C 130 11.01 40.81 -61.68
N SER C 131 11.69 41.18 -60.61
CA SER C 131 12.25 42.52 -60.48
C SER C 131 13.24 42.54 -59.34
N ASP C 132 14.23 43.43 -59.44
CA ASP C 132 15.21 43.57 -58.37
C ASP C 132 14.56 44.06 -57.09
N GLN C 133 13.64 45.02 -57.20
CA GLN C 133 13.01 45.58 -56.01
C GLN C 133 12.19 44.52 -55.26
N GLY C 134 11.68 43.52 -55.98
CA GLY C 134 10.88 42.51 -55.32
C GLY C 134 11.63 41.75 -54.24
N CYS C 135 12.88 41.38 -54.54
CA CYS C 135 13.70 40.66 -53.58
C CYS C 135 14.32 41.62 -52.58
N ILE C 136 14.35 41.20 -51.31
CA ILE C 136 14.84 42.06 -50.24
C ILE C 136 16.36 42.12 -50.27
N LYS C 137 16.92 43.15 -49.63
CA LYS C 137 18.35 43.31 -49.49
C LYS C 137 18.73 43.15 -48.02
N GLY C 138 19.70 42.29 -47.75
CA GLY C 138 20.13 42.02 -46.39
C GLY C 138 19.25 41.07 -45.62
N TRP C 139 18.20 40.55 -46.24
CA TRP C 139 17.31 39.61 -45.56
C TRP C 139 17.94 38.23 -45.54
N MET C 140 17.98 37.62 -44.36
CA MET C 140 18.55 36.29 -44.18
C MET C 140 17.45 35.25 -44.37
N ASP C 141 17.62 34.39 -45.36
CA ASP C 141 16.63 33.38 -45.70
C ASP C 141 17.16 32.00 -45.32
N PRO C 142 16.70 31.41 -44.21
CA PRO C 142 17.15 30.05 -43.90
C PRO C 142 16.79 29.03 -44.95
N GLN C 143 15.74 29.27 -45.74
CA GLN C 143 15.40 28.36 -46.82
C GLN C 143 16.47 28.37 -47.89
N SER C 144 16.86 29.55 -48.36
CA SER C 144 17.92 29.66 -49.36
C SER C 144 19.32 29.59 -48.74
N LYS C 145 19.43 29.82 -47.42
CA LYS C 145 20.72 29.74 -46.73
C LYS C 145 21.69 30.79 -47.28
N GLY C 146 21.22 32.01 -47.45
CA GLY C 146 22.06 33.05 -47.97
C GLY C 146 21.51 34.41 -47.66
N ILE C 147 22.31 35.45 -47.88
CA ILE C 147 21.88 36.81 -47.61
C ILE C 147 21.59 37.50 -48.92
N GLN C 148 20.37 37.97 -49.10
CA GLN C 148 20.00 38.59 -50.37
C GLN C 148 20.67 39.92 -50.62
N THR C 149 20.98 40.22 -51.88
CA THR C 149 21.56 41.51 -52.24
C THR C 149 20.53 42.47 -52.83
N GLY C 150 19.26 42.08 -52.88
CA GLY C 150 18.23 42.96 -53.41
C GLY C 150 18.13 42.98 -54.92
N ARG C 151 18.75 42.03 -55.60
CA ARG C 151 18.73 41.97 -57.06
C ARG C 151 18.14 40.65 -57.52
N CYS C 152 17.40 40.69 -58.62
CA CYS C 152 16.89 39.50 -59.29
C CYS C 152 17.78 39.21 -60.48
N ILE C 153 18.42 38.05 -60.48
CA ILE C 153 19.40 37.70 -61.50
C ILE C 153 18.94 36.42 -62.18
N PRO C 154 19.38 36.17 -63.42
CA PRO C 154 18.89 35.02 -64.18
C PRO C 154 19.56 33.72 -63.72
N TYR C 155 18.78 32.87 -63.06
CA TYR C 155 19.26 31.53 -62.73
C TYR C 155 19.55 30.74 -64.01
N ASP C 156 18.68 30.86 -65.00
CA ASP C 156 18.86 30.21 -66.29
C ASP C 156 18.23 31.11 -67.35
N GLN C 157 18.02 30.56 -68.55
CA GLN C 157 17.47 31.35 -69.64
C GLN C 157 16.03 31.79 -69.34
N LYS C 158 15.22 30.91 -68.77
CA LYS C 158 13.79 31.16 -68.66
C LYS C 158 13.39 31.78 -67.32
N ARG C 159 14.01 31.37 -66.23
CA ARG C 159 13.61 31.86 -64.91
C ARG C 159 14.72 32.62 -64.21
N LYS C 160 14.35 33.59 -63.39
CA LYS C 160 15.34 34.38 -62.66
C LYS C 160 15.08 34.31 -61.17
N THR C 161 16.16 34.30 -60.39
CA THR C 161 16.03 34.21 -58.94
C THR C 161 16.89 35.26 -58.28
N CYS C 162 16.56 35.63 -57.05
CA CYS C 162 17.30 36.69 -56.37
C CYS C 162 18.73 36.27 -56.06
N GLU C 163 19.64 37.22 -56.21
CA GLU C 163 21.04 36.98 -55.86
C GLU C 163 21.20 36.88 -54.34
N ILE C 164 22.11 36.02 -53.89
CA ILE C 164 22.37 35.88 -52.47
C ILE C 164 23.83 35.59 -52.20
N PHE C 165 24.36 36.09 -51.09
CA PHE C 165 25.73 35.73 -50.72
C PHE C 165 25.62 34.43 -49.98
N ALA C 166 26.34 33.41 -50.44
CA ALA C 166 26.20 32.10 -49.84
C ALA C 166 27.23 31.15 -50.40
N TRP C 167 27.14 29.88 -50.03
CA TRP C 167 28.00 28.88 -50.64
C TRP C 167 27.43 28.64 -52.03
N CYS C 168 28.21 28.84 -53.07
CA CYS C 168 27.76 28.74 -54.44
C CYS C 168 28.55 27.70 -55.20
N PRO C 169 27.91 26.91 -56.07
CA PRO C 169 26.48 26.96 -56.43
C PRO C 169 25.57 26.47 -55.32
N ALA C 170 24.37 27.05 -55.25
CA ALA C 170 23.38 26.74 -54.22
C ALA C 170 22.30 25.85 -54.82
N GLU C 171 22.06 24.70 -54.19
CA GLU C 171 21.06 23.75 -54.67
C GLU C 171 19.97 23.49 -53.63
N GLU C 172 19.92 24.28 -52.55
CA GLU C 172 18.90 24.09 -51.54
C GLU C 172 17.52 24.23 -52.15
N GLY C 173 16.61 23.31 -51.80
CA GLY C 173 15.30 23.24 -52.39
C GLY C 173 15.16 22.15 -53.44
N LYS C 174 16.27 21.63 -53.94
CA LYS C 174 16.22 20.53 -54.89
C LYS C 174 15.57 19.31 -54.26
N GLU C 175 14.69 18.66 -55.01
CA GLU C 175 13.99 17.48 -54.51
C GLU C 175 14.95 16.29 -54.40
N ALA C 176 14.67 15.45 -53.41
CA ALA C 176 15.49 14.26 -53.23
C ALA C 176 15.37 13.35 -54.46
N PRO C 177 16.48 12.78 -54.93
CA PRO C 177 16.39 11.92 -56.13
C PRO C 177 15.46 10.74 -55.89
N ARG C 178 14.71 10.38 -56.93
CA ARG C 178 13.79 9.25 -56.90
C ARG C 178 14.05 8.40 -58.14
N PRO C 179 14.34 7.10 -58.01
CA PRO C 179 14.43 6.31 -56.77
C PRO C 179 15.67 6.64 -55.95
N ALA C 180 15.65 6.26 -54.67
CA ALA C 180 16.79 6.52 -53.80
C ALA C 180 18.03 5.82 -54.31
N LEU C 181 19.15 6.55 -54.29
CA LEU C 181 20.40 6.02 -54.82
C LEU C 181 20.88 4.80 -54.02
N LEU C 182 20.84 4.89 -52.70
CA LEU C 182 21.28 3.80 -51.83
C LEU C 182 20.10 2.95 -51.38
N ARG C 183 19.38 2.41 -52.37
CA ARG C 183 18.30 1.48 -52.07
C ARG C 183 18.85 0.19 -51.46
N SER C 184 20.03 -0.24 -51.93
CA SER C 184 20.65 -1.45 -51.41
C SER C 184 20.87 -1.41 -49.90
N ALA C 185 20.69 -0.25 -49.27
CA ALA C 185 20.76 -0.20 -47.81
C ALA C 185 19.73 -1.11 -47.15
N GLU C 186 18.66 -1.47 -47.86
CA GLU C 186 17.69 -2.43 -47.30
C GLU C 186 18.35 -3.77 -47.02
N ASN C 187 19.40 -4.07 -47.77
CA ASN C 187 20.12 -5.33 -47.57
C ASN C 187 21.21 -5.22 -46.50
N PHE C 188 21.47 -4.04 -45.97
CA PHE C 188 22.46 -3.89 -44.92
C PHE C 188 21.99 -4.58 -43.64
N THR C 189 22.95 -4.96 -42.81
CA THR C 189 22.68 -5.61 -41.54
C THR C 189 23.25 -4.77 -40.40
N VAL C 190 22.64 -4.89 -39.23
CA VAL C 190 23.11 -4.22 -38.03
C VAL C 190 23.17 -5.23 -36.89
N LEU C 191 24.30 -5.29 -36.20
CA LEU C 191 24.47 -6.09 -35.00
C LEU C 191 24.39 -5.15 -33.80
N ILE C 192 23.50 -5.46 -32.86
CA ILE C 192 23.25 -4.64 -31.68
C ILE C 192 23.66 -5.45 -30.46
N LYS C 193 24.58 -4.90 -29.66
CA LYS C 193 24.98 -5.48 -28.39
C LYS C 193 24.45 -4.57 -27.29
N ASN C 194 23.58 -5.13 -26.43
CA ASN C 194 22.94 -4.38 -25.37
C ASN C 194 23.35 -4.95 -24.03
N ASN C 195 23.96 -4.12 -23.19
CA ASN C 195 24.34 -4.49 -21.84
C ASN C 195 23.44 -3.74 -20.86
N ILE C 196 22.69 -4.48 -20.04
CA ILE C 196 21.77 -3.89 -19.09
C ILE C 196 22.20 -4.26 -17.69
N ASP C 197 21.98 -3.33 -16.76
CA ASP C 197 22.34 -3.56 -15.39
C ASP C 197 21.23 -3.08 -14.47
N PHE C 198 20.96 -3.83 -13.40
CA PHE C 198 20.01 -3.37 -12.40
C PHE C 198 20.90 -3.07 -11.22
N PRO C 199 21.35 -1.82 -11.08
CA PRO C 199 22.32 -1.46 -10.03
C PRO C 199 21.87 -1.78 -8.60
N GLY C 200 20.60 -1.58 -8.28
CA GLY C 200 20.07 -1.93 -6.97
C GLY C 200 20.04 -3.42 -6.69
N HIS C 201 19.74 -4.23 -7.69
CA HIS C 201 19.72 -5.67 -7.53
C HIS C 201 21.08 -6.31 -7.75
N ASN C 202 22.11 -5.50 -8.03
CA ASN C 202 23.46 -6.02 -8.29
C ASN C 202 23.44 -7.11 -9.34
N TYR C 203 22.79 -6.82 -10.45
CA TYR C 203 22.68 -7.78 -11.53
C TYR C 203 23.07 -7.11 -12.85
N THR C 204 23.65 -7.87 -13.76
CA THR C 204 24.01 -7.35 -15.07
C THR C 204 23.99 -8.48 -16.08
N THR C 205 23.52 -8.17 -17.29
CA THR C 205 23.45 -9.16 -18.35
C THR C 205 23.57 -8.46 -19.70
N ARG C 206 23.64 -9.26 -20.75
CA ARG C 206 23.75 -8.75 -22.11
C ARG C 206 22.86 -9.58 -23.03
N ASN C 207 22.55 -9.01 -24.19
CA ASN C 207 21.64 -9.64 -25.14
C ASN C 207 22.28 -10.78 -25.92
N ILE C 208 23.58 -10.97 -25.82
CA ILE C 208 24.30 -12.04 -26.51
C ILE C 208 24.97 -12.91 -25.47
N LEU C 209 24.74 -14.21 -25.53
CA LEU C 209 25.26 -15.18 -24.60
C LEU C 209 26.02 -16.27 -25.35
N PRO C 210 26.91 -16.99 -24.67
CA PRO C 210 27.69 -18.03 -25.37
C PRO C 210 26.79 -19.08 -26.00
N GLY C 211 27.22 -19.60 -27.14
CA GLY C 211 26.47 -20.60 -27.87
C GLY C 211 25.48 -20.07 -28.88
N MET C 212 25.45 -18.76 -29.10
CA MET C 212 24.52 -18.18 -30.05
C MET C 212 25.02 -18.33 -31.47
N ASN C 213 24.10 -18.58 -32.39
CA ASN C 213 24.45 -18.66 -33.80
C ASN C 213 24.94 -17.30 -34.31
N ILE C 214 26.02 -17.33 -35.08
CA ILE C 214 26.58 -16.10 -35.64
C ILE C 214 26.10 -15.83 -37.07
N SER C 215 25.59 -16.86 -37.76
CA SER C 215 25.03 -16.69 -39.09
C SER C 215 23.54 -16.37 -39.05
N CYS C 216 22.96 -16.22 -37.87
CA CYS C 216 21.53 -15.98 -37.74
C CYS C 216 21.17 -14.57 -38.17
N THR C 217 19.91 -14.40 -38.57
CA THR C 217 19.30 -13.10 -38.77
C THR C 217 17.96 -13.08 -38.04
N PHE C 218 17.62 -11.91 -37.50
CA PHE C 218 16.48 -11.83 -36.59
C PHE C 218 15.17 -12.17 -37.32
N HIS C 219 14.32 -12.92 -36.64
CA HIS C 219 12.96 -13.17 -37.08
C HIS C 219 12.07 -13.25 -35.85
N LYS C 220 10.81 -12.85 -36.02
CA LYS C 220 9.91 -12.79 -34.87
C LYS C 220 9.70 -14.16 -34.25
N THR C 221 9.54 -15.19 -35.07
CA THR C 221 9.26 -16.53 -34.60
C THR C 221 10.46 -17.47 -34.68
N TRP C 222 11.15 -17.52 -35.82
CA TRP C 222 12.22 -18.49 -35.99
C TRP C 222 13.43 -18.15 -35.13
N ASN C 223 13.86 -16.89 -35.15
CA ASN C 223 15.05 -16.44 -34.42
C ASN C 223 14.74 -15.14 -33.71
N PRO C 224 13.91 -15.19 -32.65
CA PRO C 224 13.58 -13.96 -31.91
C PRO C 224 14.71 -13.43 -31.06
N GLN C 225 15.76 -14.20 -30.84
CA GLN C 225 16.88 -13.78 -29.99
C GLN C 225 18.12 -13.41 -30.77
N CYS C 226 18.08 -13.44 -32.10
CA CYS C 226 19.24 -13.07 -32.90
C CYS C 226 19.39 -11.56 -32.91
N PRO C 227 20.52 -11.00 -32.46
CA PRO C 227 20.65 -9.54 -32.41
C PRO C 227 21.14 -8.93 -33.71
N ILE C 228 21.09 -9.69 -34.79
CA ILE C 228 21.48 -9.22 -36.12
C ILE C 228 20.19 -8.97 -36.90
N PHE C 229 20.01 -7.74 -37.37
CA PHE C 229 18.77 -7.31 -37.99
C PHE C 229 19.05 -6.79 -39.40
N ARG C 230 18.23 -7.22 -40.36
CA ARG C 230 18.25 -6.64 -41.69
C ARG C 230 17.27 -5.47 -41.73
N LEU C 231 17.74 -4.34 -42.25
CA LEU C 231 16.93 -3.12 -42.23
C LEU C 231 15.63 -3.30 -43.00
N GLY C 232 15.70 -3.92 -44.19
CA GLY C 232 14.50 -4.21 -44.93
C GLY C 232 13.54 -5.10 -44.16
N ASP C 233 14.08 -6.10 -43.45
CA ASP C 233 13.24 -6.93 -42.61
C ASP C 233 12.62 -6.13 -41.48
N ILE C 234 13.38 -5.20 -40.90
CA ILE C 234 12.85 -4.33 -39.86
C ILE C 234 11.65 -3.56 -40.39
N PHE C 235 11.78 -2.98 -41.57
CA PHE C 235 10.69 -2.20 -42.14
C PHE C 235 9.49 -3.08 -42.49
N GLN C 236 9.74 -4.27 -43.04
CA GLN C 236 8.64 -5.14 -43.45
C GLN C 236 7.90 -5.72 -42.25
N GLU C 237 8.58 -5.90 -41.11
CA GLU C 237 7.93 -6.49 -39.94
C GLU C 237 6.73 -5.66 -39.50
N ILE C 238 6.76 -4.35 -39.73
CA ILE C 238 5.70 -3.45 -39.29
C ILE C 238 5.00 -2.79 -40.47
N GLY C 239 5.08 -3.40 -41.65
CA GLY C 239 4.38 -2.88 -42.81
C GLY C 239 4.87 -1.53 -43.28
N GLU C 240 6.18 -1.31 -43.30
CA GLU C 240 6.77 -0.08 -43.81
C GLU C 240 7.57 -0.39 -45.06
N ASN C 241 7.49 0.50 -46.04
CA ASN C 241 8.15 0.33 -47.33
C ASN C 241 9.50 1.04 -47.29
N PHE C 242 10.57 0.23 -47.26
CA PHE C 242 11.91 0.81 -47.19
C PHE C 242 12.24 1.61 -48.45
N THR C 243 11.78 1.14 -49.61
CA THR C 243 12.10 1.83 -50.86
C THR C 243 11.56 3.25 -50.87
N GLU C 244 10.32 3.44 -50.40
CA GLU C 244 9.74 4.77 -50.39
C GLU C 244 10.38 5.65 -49.32
N VAL C 245 10.59 5.10 -48.13
CA VAL C 245 11.17 5.90 -47.04
C VAL C 245 12.61 6.31 -47.38
N ALA C 246 13.30 5.51 -48.20
CA ALA C 246 14.69 5.83 -48.53
C ALA C 246 14.80 7.15 -49.29
N VAL C 247 13.75 7.55 -50.00
CA VAL C 247 13.83 8.75 -50.83
C VAL C 247 14.03 9.98 -49.95
N GLN C 248 13.22 10.12 -48.90
CA GLN C 248 13.27 11.28 -48.02
C GLN C 248 13.78 10.95 -46.62
N GLY C 249 13.87 9.67 -46.25
CA GLY C 249 14.37 9.30 -44.95
C GLY C 249 13.28 9.22 -43.90
N GLY C 250 13.72 8.90 -42.69
CA GLY C 250 12.79 8.78 -41.58
C GLY C 250 13.53 8.38 -40.32
N ILE C 251 12.75 8.05 -39.30
CA ILE C 251 13.28 7.58 -38.02
C ILE C 251 12.56 6.30 -37.64
N MET C 252 13.33 5.25 -37.36
CA MET C 252 12.80 3.96 -36.93
C MET C 252 13.38 3.64 -35.56
N GLY C 253 12.52 3.22 -34.63
CA GLY C 253 12.94 2.87 -33.29
C GLY C 253 12.93 1.36 -33.11
N ILE C 254 14.05 0.84 -32.62
CA ILE C 254 14.20 -0.57 -32.29
C ILE C 254 14.08 -0.68 -30.77
N GLU C 255 12.93 -1.13 -30.31
CA GLU C 255 12.64 -1.24 -28.89
C GLU C 255 13.14 -2.58 -28.36
N ILE C 256 13.95 -2.53 -27.31
CA ILE C 256 14.41 -3.72 -26.60
C ILE C 256 13.80 -3.67 -25.20
N TYR C 257 12.90 -4.60 -24.91
CA TYR C 257 12.19 -4.65 -23.64
C TYR C 257 12.77 -5.76 -22.78
N TRP C 258 13.09 -5.45 -21.53
CA TRP C 258 13.66 -6.39 -20.58
C TRP C 258 12.67 -6.59 -19.44
N ASP C 259 11.81 -7.60 -19.56
CA ASP C 259 10.94 -8.03 -18.46
C ASP C 259 11.70 -9.12 -17.70
N CYS C 260 12.53 -8.69 -16.75
CA CYS C 260 13.49 -9.56 -16.11
C CYS C 260 13.02 -9.92 -14.70
N ASN C 261 13.01 -11.21 -14.39
CA ASN C 261 12.75 -11.71 -13.06
C ASN C 261 14.06 -12.26 -12.51
N LEU C 262 14.52 -11.70 -11.38
CA LEU C 262 15.83 -12.03 -10.83
C LEU C 262 15.74 -13.02 -9.67
N ASP C 263 14.56 -13.56 -9.40
CA ASP C 263 14.46 -14.61 -8.38
C ASP C 263 15.12 -15.88 -8.87
N SER C 264 15.83 -16.55 -7.96
CA SER C 264 16.57 -17.75 -8.34
C SER C 264 15.64 -18.84 -8.86
N TRP C 265 14.50 -19.04 -8.19
CA TRP C 265 13.56 -20.08 -8.59
C TRP C 265 12.77 -19.71 -9.84
N SER C 266 12.74 -18.45 -10.23
CA SER C 266 12.02 -18.00 -11.41
C SER C 266 12.86 -17.00 -12.19
N HIS C 267 14.14 -17.30 -12.38
CA HIS C 267 15.04 -16.39 -13.07
C HIS C 267 14.73 -16.37 -14.56
N ARG C 268 14.43 -15.19 -15.09
CA ARG C 268 14.11 -15.05 -16.50
C ARG C 268 14.41 -13.60 -16.90
N CYS C 269 15.55 -13.39 -17.57
CA CYS C 269 15.97 -12.06 -18.03
C CYS C 269 16.35 -12.19 -19.51
N GLN C 270 15.38 -11.98 -20.38
CA GLN C 270 15.57 -12.10 -21.82
C GLN C 270 15.05 -10.85 -22.52
N PRO C 271 15.71 -10.40 -23.58
CA PRO C 271 15.20 -9.23 -24.31
C PRO C 271 14.13 -9.61 -25.34
N LYS C 272 13.19 -8.68 -25.51
CA LYS C 272 12.16 -8.78 -26.53
C LYS C 272 12.35 -7.63 -27.50
N TYR C 273 12.43 -7.95 -28.78
CA TYR C 273 12.71 -6.96 -29.82
C TYR C 273 11.43 -6.56 -30.55
N SER C 274 11.28 -5.26 -30.79
CA SER C 274 10.14 -4.74 -31.52
C SER C 274 10.59 -3.53 -32.32
N PHE C 275 9.76 -3.13 -33.28
CA PHE C 275 10.08 -2.02 -34.16
C PHE C 275 8.89 -1.07 -34.25
N ARG C 276 9.19 0.22 -34.38
CA ARG C 276 8.14 1.24 -34.42
C ARG C 276 8.64 2.45 -35.18
N ARG C 277 7.89 2.88 -36.20
CA ARG C 277 8.24 4.11 -36.89
C ARG C 277 8.05 5.30 -35.97
N LEU C 278 9.06 6.15 -35.88
CA LEU C 278 9.04 7.28 -34.94
C LEU C 278 8.74 8.61 -35.60
N ASP C 279 8.92 8.73 -36.92
CA ASP C 279 8.60 9.95 -37.63
C ASP C 279 7.23 9.86 -38.28
N ASP C 280 6.49 10.96 -38.22
CA ASP C 280 5.13 10.97 -38.75
C ASP C 280 5.15 10.80 -40.26
N LYS C 281 4.32 9.88 -40.75
CA LYS C 281 4.28 9.61 -42.19
C LYS C 281 3.64 10.76 -42.96
N TYR C 282 2.76 11.53 -42.32
CA TYR C 282 1.99 12.58 -42.96
C TYR C 282 2.38 13.97 -42.46
N THR C 283 3.68 14.18 -42.25
CA THR C 283 4.16 15.48 -41.82
C THR C 283 3.95 16.51 -42.92
N ASN C 284 3.58 17.73 -42.52
CA ASN C 284 3.37 18.80 -43.47
C ASN C 284 4.68 19.12 -44.19
N GLU C 285 4.56 19.49 -45.47
CA GLU C 285 5.75 19.76 -46.28
C GLU C 285 6.59 20.89 -45.71
N SER C 286 6.00 21.77 -44.90
CA SER C 286 6.73 22.88 -44.30
C SER C 286 7.40 22.51 -42.99
N LEU C 287 7.19 21.29 -42.49
CA LEU C 287 7.77 20.85 -41.23
C LEU C 287 8.89 19.83 -41.44
N PHE C 288 9.53 19.88 -42.60
CA PHE C 288 10.69 19.02 -42.89
C PHE C 288 10.31 17.56 -42.79
N PRO C 289 9.50 17.04 -43.72
CA PRO C 289 9.17 15.62 -43.69
C PRO C 289 10.41 14.75 -43.89
N GLY C 290 10.38 13.57 -43.27
CA GLY C 290 11.51 12.66 -43.35
C GLY C 290 12.64 13.06 -42.44
N TYR C 291 13.81 12.49 -42.71
CA TYR C 291 15.01 12.76 -41.94
C TYR C 291 16.16 13.01 -42.90
N ASN C 292 16.83 14.15 -42.72
CA ASN C 292 17.99 14.49 -43.55
C ASN C 292 18.83 15.51 -42.80
N PHE C 293 20.10 15.60 -43.20
CA PHE C 293 20.98 16.62 -42.67
C PHE C 293 22.07 16.94 -43.68
N ARG C 294 22.70 18.09 -43.51
CA ARG C 294 23.69 18.60 -44.44
C ARG C 294 25.08 18.34 -43.87
N TYR C 295 25.92 17.68 -44.66
CA TYR C 295 27.27 17.28 -44.26
C TYR C 295 28.27 18.00 -45.15
N ALA C 296 29.20 18.72 -44.54
CA ALA C 296 30.13 19.57 -45.27
C ALA C 296 31.54 18.97 -45.24
N LYS C 297 32.17 18.92 -46.40
CA LYS C 297 33.56 18.50 -46.54
C LYS C 297 34.36 19.70 -47.04
N TYR C 298 35.26 20.21 -46.22
CA TYR C 298 36.06 21.38 -46.54
C TYR C 298 37.43 20.96 -47.06
N TYR C 299 37.87 21.59 -48.14
CA TYR C 299 39.17 21.29 -48.70
C TYR C 299 39.76 22.56 -49.32
N LYS C 300 41.09 22.62 -49.35
CA LYS C 300 41.80 23.76 -49.91
C LYS C 300 42.27 23.41 -51.31
N GLU C 301 41.78 24.14 -52.30
CA GLU C 301 42.15 23.96 -53.70
C GLU C 301 42.96 25.17 -54.14
N ASN C 302 44.18 24.93 -54.63
CA ASN C 302 45.08 26.01 -54.99
C ASN C 302 45.39 26.85 -53.76
N GLY C 303 44.66 27.95 -53.56
CA GLY C 303 44.80 28.76 -52.36
C GLY C 303 43.46 29.26 -51.87
N MET C 304 42.40 28.53 -52.19
CA MET C 304 41.04 28.91 -51.85
C MET C 304 40.37 27.79 -51.06
N GLU C 305 39.49 28.19 -50.14
CA GLU C 305 38.74 27.26 -49.32
C GLU C 305 37.43 26.92 -50.01
N LYS C 306 37.22 25.63 -50.30
CA LYS C 306 36.04 25.16 -51.00
C LYS C 306 35.33 24.13 -50.14
N ARG C 307 34.03 23.97 -50.37
CA ARG C 307 33.19 23.10 -49.57
C ARG C 307 32.33 22.25 -50.49
N THR C 308 32.28 20.95 -50.21
CA THR C 308 31.34 20.03 -50.85
C THR C 308 30.23 19.74 -49.86
N LEU C 309 29.01 20.10 -50.23
CA LEU C 309 27.87 19.90 -49.36
C LEU C 309 27.07 18.68 -49.75
N ILE C 310 26.81 17.80 -48.79
CA ILE C 310 26.00 16.63 -49.05
C ILE C 310 24.70 16.72 -48.29
N LYS C 311 23.59 16.78 -48.99
CA LYS C 311 22.30 16.73 -48.32
C LYS C 311 22.00 15.25 -48.23
N ALA C 312 22.19 14.67 -47.06
CA ALA C 312 22.02 13.23 -46.90
C ALA C 312 20.66 12.96 -46.28
N PHE C 313 19.85 12.17 -46.99
CA PHE C 313 18.59 11.64 -46.48
C PHE C 313 18.80 10.19 -46.09
N GLY C 314 18.27 9.80 -44.94
CA GLY C 314 18.44 8.44 -44.50
C GLY C 314 17.52 8.13 -43.35
N VAL C 315 17.72 6.93 -42.79
CA VAL C 315 16.91 6.43 -41.68
C VAL C 315 17.78 6.46 -40.43
N ARG C 316 17.36 7.22 -39.44
CA ARG C 316 18.01 7.23 -38.14
C ARG C 316 17.37 6.15 -37.27
N PHE C 317 18.17 5.18 -36.86
CA PHE C 317 17.67 4.04 -36.08
C PHE C 317 17.92 4.33 -34.60
N ASP C 318 16.84 4.58 -33.87
CA ASP C 318 16.92 4.84 -32.44
C ASP C 318 16.68 3.55 -31.67
N ILE C 319 17.69 3.11 -30.93
CA ILE C 319 17.61 1.87 -30.15
C ILE C 319 17.12 2.25 -28.76
N LEU C 320 15.87 1.93 -28.46
CA LEU C 320 15.24 2.26 -27.19
C LEU C 320 15.25 1.03 -26.30
N VAL C 321 15.92 1.11 -25.16
CA VAL C 321 16.04 0.01 -24.22
C VAL C 321 15.32 0.41 -22.93
N PHE C 322 14.39 -0.43 -22.51
CA PHE C 322 13.61 -0.18 -21.31
C PHE C 322 13.23 -1.50 -20.68
N GLY C 323 12.89 -1.46 -19.40
CA GLY C 323 12.46 -2.64 -18.69
C GLY C 323 12.71 -2.48 -17.20
N THR C 324 12.28 -3.50 -16.46
CA THR C 324 12.41 -3.52 -15.02
C THR C 324 12.86 -4.89 -14.56
N GLY C 325 13.61 -4.91 -13.46
CA GLY C 325 14.04 -6.14 -12.82
C GLY C 325 13.39 -6.25 -11.45
N GLY C 326 12.74 -7.38 -11.19
CA GLY C 326 12.02 -7.62 -9.97
C GLY C 326 12.73 -8.68 -9.13
N LYS C 327 12.88 -8.37 -7.84
CA LYS C 327 13.49 -9.30 -6.90
C LYS C 327 12.69 -9.30 -5.61
N PHE C 328 12.52 -10.49 -5.01
CA PHE C 328 11.69 -10.62 -3.83
C PHE C 328 12.17 -9.68 -2.72
N ASP C 329 11.21 -8.97 -2.11
CA ASP C 329 11.48 -8.07 -1.00
C ASP C 329 10.48 -8.36 0.11
N ILE C 330 10.98 -8.51 1.34
CA ILE C 330 10.11 -8.82 2.46
C ILE C 330 9.21 -7.63 2.78
N ILE C 331 9.75 -6.41 2.69
CA ILE C 331 8.98 -5.22 3.06
C ILE C 331 7.79 -5.04 2.12
N GLN C 332 8.00 -5.23 0.82
CA GLN C 332 6.91 -5.07 -0.13
C GLN C 332 5.81 -6.10 0.11
N LEU C 333 6.20 -7.35 0.35
CA LEU C 333 5.21 -8.39 0.63
C LEU C 333 4.43 -8.08 1.90
N VAL C 334 5.13 -7.63 2.95
CA VAL C 334 4.47 -7.29 4.20
C VAL C 334 3.48 -6.15 3.97
N VAL C 335 3.88 -5.13 3.21
CA VAL C 335 3.00 -3.99 2.95
C VAL C 335 1.76 -4.45 2.19
N TYR C 336 1.95 -5.29 1.17
CA TYR C 336 0.80 -5.76 0.40
C TYR C 336 -0.14 -6.58 1.27
N ILE C 337 0.41 -7.47 2.09
CA ILE C 337 -0.43 -8.29 2.97
C ILE C 337 -1.20 -7.42 3.95
N GLY C 338 -0.53 -6.43 4.53
CA GLY C 338 -1.22 -5.51 5.43
C GLY C 338 -2.33 -4.74 4.72
N SER C 339 -2.08 -4.32 3.48
CA SER C 339 -3.11 -3.61 2.73
C SER C 339 -4.31 -4.50 2.46
N THR C 340 -4.08 -5.77 2.13
CA THR C 340 -5.16 -6.67 1.75
C THR C 340 -5.80 -7.39 2.93
N LEU C 341 -5.24 -7.26 4.14
CA LEU C 341 -5.80 -7.98 5.28
C LEU C 341 -7.23 -7.55 5.57
N SER C 342 -7.50 -6.25 5.51
CA SER C 342 -8.82 -5.75 5.90
C SER C 342 -9.94 -6.28 5.01
N TYR C 343 -9.61 -6.81 3.83
CA TYR C 343 -10.63 -7.34 2.95
C TYR C 343 -11.22 -8.65 3.44
N PHE C 344 -10.61 -9.29 4.44
CA PHE C 344 -11.14 -10.54 4.99
C PHE C 344 -12.30 -10.32 5.94
N GLY C 345 -12.60 -9.07 6.30
CA GLY C 345 -13.79 -8.75 7.07
C GLY C 345 -15.04 -8.61 6.25
N LEU C 346 -14.97 -8.86 4.94
CA LEU C 346 -16.13 -8.74 4.08
C LEU C 346 -17.23 -9.73 4.49
N ALA C 347 -16.85 -10.96 4.84
CA ALA C 347 -17.83 -11.94 5.26
C ALA C 347 -18.58 -11.47 6.50
N THR C 348 -17.83 -11.00 7.50
CA THR C 348 -18.46 -10.50 8.72
C THR C 348 -19.38 -9.33 8.42
N VAL C 349 -18.91 -8.39 7.59
CA VAL C 349 -19.71 -7.21 7.28
C VAL C 349 -21.01 -7.63 6.61
N CYS C 350 -20.93 -8.49 5.59
CA CYS C 350 -22.11 -8.90 4.85
C CYS C 350 -23.08 -9.67 5.72
N ILE C 351 -22.59 -10.61 6.53
CA ILE C 351 -23.49 -11.42 7.34
C ILE C 351 -24.13 -10.58 8.44
N ASP C 352 -23.38 -9.67 9.05
CA ASP C 352 -23.96 -8.77 10.04
C ASP C 352 -25.01 -7.88 9.41
N LEU C 353 -24.75 -7.38 8.20
CA LEU C 353 -25.74 -6.57 7.51
C LEU C 353 -27.00 -7.37 7.23
N ILE C 354 -26.85 -8.63 6.81
CA ILE C 354 -28.01 -9.48 6.57
C ILE C 354 -28.80 -9.66 7.86
N ILE C 355 -28.11 -9.94 8.96
CA ILE C 355 -28.79 -10.15 10.23
C ILE C 355 -29.55 -8.91 10.65
N ASN C 356 -28.91 -7.73 10.54
CA ASN C 356 -29.58 -6.50 10.94
C ASN C 356 -30.77 -6.19 10.03
N THR C 357 -30.63 -6.41 8.73
CA THR C 357 -31.69 -6.07 7.79
C THR C 357 -32.89 -6.97 7.96
N TYR C 358 -32.65 -8.28 8.12
CA TYR C 358 -33.75 -9.24 8.25
C TYR C 358 -34.35 -9.28 9.64
N ALA C 359 -33.77 -8.53 10.59
CA ALA C 359 -34.32 -8.45 11.93
C ALA C 359 -35.40 -7.38 12.01
N SER C 360 -35.36 -6.44 11.07
CA SER C 360 -36.35 -5.34 11.01
C SER C 360 -37.82 -5.92 10.86
N THR C 361 -38.79 -5.31 11.52
CA THR C 361 -40.17 -5.78 11.46
C THR C 361 -40.79 -5.51 10.09
N CYS C 362 -40.23 -4.56 9.36
CA CYS C 362 -40.74 -4.17 8.07
C CYS C 362 -40.91 -5.30 7.07
N CYS C 363 -39.99 -6.27 7.16
CA CYS C 363 -39.99 -7.39 6.25
C CYS C 363 -41.07 -8.43 6.53
N ARG C 364 -41.47 -8.48 7.80
CA ARG C 364 -42.52 -9.39 8.22
C ARG C 364 -43.89 -8.89 7.77
N SER C 365 -44.10 -7.57 7.86
CA SER C 365 -45.39 -7.00 7.51
C SER C 365 -45.58 -6.90 5.99
N ARG C 366 -44.51 -6.59 5.26
CA ARG C 366 -44.61 -6.29 3.83
C ARG C 366 -43.91 -7.33 2.96
N VAL C 367 -42.62 -7.57 3.19
CA VAL C 367 -41.86 -8.42 2.27
C VAL C 367 -42.32 -9.86 2.36
N TYR C 368 -42.45 -10.39 3.58
CA TYR C 368 -42.74 -11.82 3.73
C TYR C 368 -44.07 -12.21 3.11
N PRO C 369 -45.18 -11.52 3.36
CA PRO C 369 -46.45 -11.92 2.71
C PRO C 369 -46.36 -11.90 1.20
N SER C 370 -45.65 -10.94 0.62
CA SER C 370 -45.51 -10.89 -0.84
C SER C 370 -44.64 -12.03 -1.35
N CYS C 371 -43.53 -12.31 -0.66
CA CYS C 371 -42.60 -13.37 -1.05
C CYS C 371 -42.44 -14.32 0.13
N LYS C 372 -42.91 -15.56 -0.04
CA LYS C 372 -42.81 -16.56 1.00
C LYS C 372 -41.48 -17.30 1.00
N CYS C 373 -40.62 -17.03 0.02
CA CYS C 373 -39.31 -17.70 -0.05
C CYS C 373 -38.34 -17.10 0.97
N CYS C 374 -38.53 -15.83 1.27
CA CYS C 374 -37.71 -15.13 2.23
C CYS C 374 -38.23 -15.20 3.66
N GLU C 375 -39.18 -16.13 3.85
CA GLU C 375 -39.82 -16.31 5.15
C GLU C 375 -38.91 -16.98 6.18
N PRO C 376 -38.21 -18.06 5.78
CA PRO C 376 -37.34 -18.76 6.74
C PRO C 376 -36.24 -17.88 7.33
N CYS C 377 -36.00 -16.73 6.72
CA CYS C 377 -34.98 -15.82 7.21
C CYS C 377 -35.45 -14.92 8.35
N ALA C 378 -36.59 -15.28 8.92
CA ALA C 378 -37.12 -14.59 10.08
C ALA C 378 -36.32 -14.94 11.32
N VAL C 379 -35.51 -16.00 11.22
CA VAL C 379 -34.64 -16.40 12.32
C VAL C 379 -33.63 -15.31 12.65
N ASN C 380 -33.40 -14.38 11.73
CA ASN C 380 -32.45 -13.29 11.97
C ASN C 380 -32.87 -12.41 13.14
N GLU C 381 -34.16 -12.38 13.48
CA GLU C 381 -34.58 -11.64 14.66
C GLU C 381 -33.97 -12.22 15.93
N TYR C 382 -33.96 -13.55 16.03
CA TYR C 382 -33.35 -14.21 17.18
C TYR C 382 -31.86 -13.90 17.25
N TYR C 383 -31.17 -13.96 16.10
CA TYR C 383 -29.75 -13.63 16.07
C TYR C 383 -29.51 -12.19 16.50
N TYR C 384 -30.33 -11.26 16.02
CA TYR C 384 -30.16 -9.86 16.38
C TYR C 384 -30.38 -9.65 17.87
N ARG C 385 -31.43 -10.26 18.44
CA ARG C 385 -31.69 -10.10 19.86
C ARG C 385 -30.61 -10.76 20.71
N LYS C 386 -29.96 -11.80 20.19
CA LYS C 386 -28.84 -12.42 20.88
C LYS C 386 -27.52 -11.70 20.64
N LYS C 387 -27.49 -10.77 19.68
CA LYS C 387 -26.26 -10.07 19.30
C LYS C 387 -26.16 -8.66 19.87
N CYS C 388 -27.24 -7.90 19.83
CA CYS C 388 -27.23 -6.49 20.21
C CYS C 388 -28.09 -6.27 21.44
N GLU C 389 -27.60 -5.40 22.33
CA GLU C 389 -28.35 -4.96 23.52
C GLU C 389 -28.54 -3.46 23.44
N PRO C 390 -29.69 -2.98 22.95
CA PRO C 390 -29.87 -1.53 22.82
C PRO C 390 -30.02 -0.86 24.18
N ILE C 391 -29.36 0.29 24.33
CA ILE C 391 -29.47 1.13 25.52
C ILE C 391 -29.61 2.58 25.07
N VAL C 392 -30.09 3.41 25.99
CA VAL C 392 -30.32 4.82 25.72
C VAL C 392 -29.50 5.64 26.71
N GLU C 393 -29.25 6.89 26.33
CA GLU C 393 -28.47 7.79 27.17
C GLU C 393 -29.23 8.07 28.47
N PRO C 394 -28.63 7.83 29.64
CA PRO C 394 -29.32 8.14 30.90
C PRO C 394 -29.22 9.62 31.28
N LYS C 395 -30.08 10.42 30.65
CA LYS C 395 -30.10 11.85 30.86
C LYS C 395 -31.13 12.23 31.92
N PRO C 396 -31.01 13.43 32.50
CA PRO C 396 -31.95 13.80 33.59
C PRO C 396 -33.41 13.77 33.17
N THR C 397 -33.71 14.01 31.90
CA THR C 397 -35.08 14.03 31.42
C THR C 397 -35.62 12.64 31.12
N LEU C 398 -34.80 11.60 31.26
CA LEU C 398 -35.25 10.24 30.96
C LEU C 398 -36.29 9.79 31.98
N LYS C 399 -37.44 9.29 31.48
CA LYS C 399 -38.51 8.81 32.34
C LYS C 399 -39.18 7.63 31.66
N TYR C 400 -39.59 6.65 32.46
CA TYR C 400 -40.31 5.49 31.98
C TYR C 400 -41.61 5.35 32.76
N VAL C 401 -42.71 5.17 32.05
CA VAL C 401 -44.04 5.05 32.67
C VAL C 401 -44.72 3.81 32.12
N SER C 402 -45.42 3.09 32.98
CA SER C 402 -46.17 1.89 32.61
C SER C 402 -47.61 2.03 33.09
N PHE C 403 -48.54 1.65 32.24
CA PHE C 403 -49.96 1.67 32.55
C PHE C 403 -50.47 0.24 32.57
N VAL C 404 -51.25 -0.10 33.60
CA VAL C 404 -51.72 -1.47 33.76
C VAL C 404 -52.59 -1.87 32.57
N ASP C 405 -53.41 -0.94 32.07
CA ASP C 405 -54.23 -1.24 30.90
C ASP C 405 -53.36 -1.53 29.68
N GLU C 406 -52.32 -0.73 29.46
CA GLU C 406 -51.45 -0.92 28.31
C GLU C 406 -50.44 -2.03 28.59
N PRO C 407 -49.96 -2.72 27.55
CA PRO C 407 -49.04 -3.83 27.76
C PRO C 407 -47.56 -3.45 27.64
N HIS C 408 -47.30 -2.22 27.19
CA HIS C 408 -45.92 -1.78 26.99
C HIS C 408 -45.54 -0.64 27.89
N ILE C 409 -44.33 -0.12 27.69
CA ILE C 409 -43.84 0.97 28.52
C ILE C 409 -43.64 2.18 27.64
N TRP C 410 -43.67 3.37 28.23
CA TRP C 410 -43.45 4.59 27.48
C TRP C 410 -42.23 5.31 27.97
N MET C 411 -41.43 5.81 27.06
CA MET C 411 -40.25 6.55 27.44
C MET C 411 -40.45 8.03 27.20
N VAL C 412 -40.58 8.80 28.27
CA VAL C 412 -40.71 10.24 28.16
C VAL C 412 -39.37 10.86 28.49
N ASP C 413 -38.64 11.29 27.47
CA ASP C 413 -37.32 11.86 27.67
C ASP C 413 -37.35 13.37 27.45
N GLN C 414 -38.54 13.96 27.43
CA GLN C 414 -38.68 15.38 27.18
C GLN C 414 -38.84 16.14 28.49
N GLN C 415 -38.44 17.41 28.54
CA GLN C 415 -38.66 18.16 29.76
C GLN C 415 -40.16 18.38 29.99
N LEU C 416 -40.54 18.39 31.26
CA LEU C 416 -41.93 18.61 31.66
C LEU C 416 -42.12 20.10 31.93
N LEU C 417 -42.68 20.81 30.96
CA LEU C 417 -42.92 22.24 31.07
C LEU C 417 -44.33 22.52 31.58
N GLY C 418 -44.62 22.02 32.78
CA GLY C 418 -45.90 22.19 33.42
C GLY C 418 -46.93 21.14 33.05
N LYS C 419 -46.90 20.64 31.82
CA LYS C 419 -47.84 19.62 31.41
C LYS C 419 -47.66 18.35 32.24
N SER C 420 -48.78 17.78 32.67
CA SER C 420 -48.72 16.58 33.51
C SER C 420 -48.08 15.42 32.76
N LEU C 421 -47.33 14.60 33.49
CA LEU C 421 -46.68 13.45 32.87
C LEU C 421 -47.69 12.49 32.26
N GLN C 422 -48.88 12.38 32.86
CA GLN C 422 -49.92 11.54 32.27
C GLN C 422 -50.32 12.05 30.90
N ASP C 423 -50.47 13.36 30.74
CA ASP C 423 -50.86 13.92 29.45
C ASP C 423 -49.80 13.66 28.40
N VAL C 424 -48.53 13.78 28.77
CA VAL C 424 -47.45 13.53 27.81
C VAL C 424 -47.56 12.10 27.27
N LYS C 425 -47.20 11.94 26.01
CA LYS C 425 -47.32 10.66 25.32
C LYS C 425 -46.02 9.85 25.33
N GLY C 426 -44.90 10.48 25.00
CA GLY C 426 -43.65 9.75 24.90
C GLY C 426 -43.64 8.84 23.69
N GLN C 427 -42.74 7.86 23.74
CA GLN C 427 -42.62 6.85 22.68
C GLN C 427 -42.66 5.46 23.29
N GLU C 428 -43.35 4.54 22.61
CA GLU C 428 -43.58 3.22 23.14
C GLU C 428 -42.35 2.33 23.01
N VAL C 429 -42.11 1.52 24.03
CA VAL C 429 -41.02 0.54 24.02
C VAL C 429 -41.51 -0.75 24.65
N PRO C 430 -40.95 -1.88 24.23
CA PRO C 430 -41.43 -3.18 24.70
C PRO C 430 -40.96 -3.50 26.11
N ARG C 431 -41.65 -4.47 26.72
CA ARG C 431 -41.33 -4.92 28.06
C ARG C 431 -40.48 -6.17 27.98
N PRO C 432 -39.25 -6.18 28.52
CA PRO C 432 -38.44 -7.39 28.46
C PRO C 432 -39.06 -8.53 29.26
N GLN C 433 -38.79 -9.76 28.81
CA GLN C 433 -39.28 -10.93 29.53
C GLN C 433 -38.70 -10.97 30.95
N THR C 434 -39.53 -11.35 31.91
CA THR C 434 -39.17 -11.28 33.31
C THR C 434 -38.47 -12.55 33.80
N ASP C 435 -37.46 -12.99 33.08
CA ASP C 435 -36.54 -14.05 33.50
C ASP C 435 -37.31 -15.23 34.10
N PHE C 436 -38.09 -15.89 33.24
CA PHE C 436 -38.91 -17.03 33.64
C PHE C 436 -38.13 -18.01 34.50
N LEU C 437 -36.82 -18.14 34.25
CA LEU C 437 -35.99 -19.02 35.06
C LEU C 437 -36.07 -18.62 36.54
N GLU C 438 -35.86 -17.34 36.83
CA GLU C 438 -35.98 -16.85 38.21
C GLU C 438 -37.43 -16.75 38.65
N LEU C 439 -38.37 -16.63 37.71
CA LEU C 439 -39.79 -16.52 38.02
C LEU C 439 -40.46 -17.87 38.22
N SER C 440 -39.74 -18.97 37.97
CA SER C 440 -40.31 -20.32 38.12
C SER C 440 -40.25 -20.75 39.60
N ARG C 441 -40.94 -19.98 40.43
CA ARG C 441 -41.05 -20.25 41.85
C ARG C 441 -42.50 -20.02 42.28
N LEU C 442 -42.74 -20.03 43.59
CA LEU C 442 -44.07 -19.82 44.12
C LEU C 442 -44.52 -18.38 43.91
N ASP C 472 -62.95 15.14 44.92
CA ASP C 472 -62.81 13.93 44.14
C ASP C 472 -61.36 13.72 43.70
N SER C 473 -61.14 12.70 42.88
CA SER C 473 -59.80 12.41 42.39
C SER C 473 -59.36 13.48 41.40
N PRO C 474 -58.04 13.66 41.24
CA PRO C 474 -57.55 14.65 40.27
C PRO C 474 -58.08 14.39 38.88
N ASP C 475 -57.99 15.42 38.03
CA ASP C 475 -58.49 15.30 36.67
C ASP C 475 -57.72 14.24 35.89
N TRP C 476 -56.40 14.20 36.06
CA TRP C 476 -55.58 13.25 35.31
C TRP C 476 -55.68 11.83 35.86
N CYS C 477 -56.24 11.63 37.05
CA CYS C 477 -56.35 10.31 37.63
C CYS C 477 -57.51 9.55 37.00
N GLN C 478 -57.28 8.26 36.73
CA GLN C 478 -58.30 7.37 36.18
C GLN C 478 -58.51 6.14 37.06
N CYS C 479 -58.10 6.21 38.32
CA CYS C 479 -58.22 5.07 39.23
C CYS C 479 -58.86 5.41 40.57
N GLY C 480 -58.98 6.69 40.93
CA GLY C 480 -59.65 7.09 42.14
C GLY C 480 -58.81 6.98 43.41
N ASN C 481 -57.54 6.61 43.30
CA ASN C 481 -56.67 6.48 44.47
C ASN C 481 -55.48 7.42 44.43
N CYS C 482 -55.29 8.18 43.35
CA CYS C 482 -54.18 9.11 43.27
C CYS C 482 -54.48 10.38 44.05
N LEU C 483 -53.42 11.08 44.43
CA LEU C 483 -53.50 12.31 45.20
C LEU C 483 -52.59 13.36 44.57
N PRO C 484 -52.87 14.64 44.80
CA PRO C 484 -51.98 15.68 44.26
C PRO C 484 -50.60 15.62 44.88
N SER C 485 -49.61 16.00 44.08
CA SER C 485 -48.23 15.95 44.53
C SER C 485 -47.94 17.05 45.55
N GLN C 486 -47.06 16.75 46.50
CA GLN C 486 -46.62 17.72 47.50
C GLN C 486 -45.34 18.42 47.12
N LEU C 487 -44.80 18.15 45.94
CA LEU C 487 -43.57 18.78 45.48
C LEU C 487 -43.83 20.23 45.09
N PRO C 488 -42.77 21.02 44.94
CA PRO C 488 -42.95 22.39 44.43
C PRO C 488 -43.59 22.38 43.05
N GLU C 489 -44.41 23.39 42.79
CA GLU C 489 -45.18 23.42 41.55
C GLU C 489 -44.28 23.38 40.32
N ASN C 490 -43.05 23.88 40.44
CA ASN C 490 -42.15 23.88 39.29
C ASN C 490 -41.74 22.48 38.86
N ARG C 491 -41.87 21.49 39.76
CA ARG C 491 -41.51 20.11 39.46
C ARG C 491 -42.60 19.15 39.90
N ARG C 492 -43.87 19.57 39.80
CA ARG C 492 -44.98 18.75 40.25
C ARG C 492 -45.55 17.84 39.17
N ALA C 493 -45.34 18.18 37.90
CA ALA C 493 -45.88 17.36 36.81
C ALA C 493 -45.26 15.98 36.77
N LEU C 494 -44.09 15.79 37.39
CA LEU C 494 -43.44 14.49 37.40
C LEU C 494 -44.30 13.45 38.12
N GLU C 495 -44.89 13.83 39.25
CA GLU C 495 -45.70 12.92 40.05
C GLU C 495 -47.17 12.94 39.67
N GLU C 496 -47.56 13.73 38.67
CA GLU C 496 -48.95 13.78 38.21
C GLU C 496 -49.19 12.65 37.21
N LEU C 497 -49.09 11.43 37.71
CA LEU C 497 -49.17 10.22 36.90
C LEU C 497 -50.11 9.23 37.57
N CYS C 498 -50.95 8.58 36.77
CA CYS C 498 -51.88 7.57 37.24
C CYS C 498 -51.44 6.20 36.76
N CYS C 499 -51.98 5.16 37.41
CA CYS C 499 -51.63 3.79 37.08
C CYS C 499 -52.21 3.33 35.75
N ARG C 500 -53.13 4.09 35.15
CA ARG C 500 -53.78 3.68 33.93
C ARG C 500 -54.14 4.91 33.10
N ARG C 501 -54.36 4.67 31.80
CA ARG C 501 -54.73 5.73 30.87
C ARG C 501 -56.23 5.89 30.73
N LYS C 502 -57.01 4.92 31.15
CA LYS C 502 -58.46 4.94 31.06
C LYS C 502 -59.08 4.57 32.39
N PRO C 503 -60.31 5.00 32.67
CA PRO C 503 -60.93 4.68 33.96
C PRO C 503 -61.02 3.17 34.18
N GLY C 504 -60.84 2.77 35.44
CA GLY C 504 -60.88 1.36 35.78
C GLY C 504 -60.40 1.15 37.20
N GLN C 505 -60.06 -0.10 37.50
CA GLN C 505 -59.61 -0.47 38.83
C GLN C 505 -58.12 -0.20 38.98
N CYS C 506 -57.74 0.32 40.14
CA CYS C 506 -56.34 0.64 40.41
C CYS C 506 -55.51 -0.64 40.52
N ILE C 507 -54.24 -0.53 40.12
CA ILE C 507 -53.34 -1.67 40.22
C ILE C 507 -53.14 -2.07 41.67
N THR C 508 -53.31 -1.12 42.61
CA THR C 508 -53.15 -1.44 44.02
C THR C 508 -54.14 -2.49 44.48
N THR C 509 -55.30 -2.58 43.82
CA THR C 509 -56.31 -3.55 44.23
C THR C 509 -55.83 -4.98 44.06
N SER C 510 -54.87 -5.22 43.17
CA SER C 510 -54.34 -6.57 42.97
C SER C 510 -53.61 -7.04 44.21
N GLU C 511 -53.76 -8.34 44.51
CA GLU C 511 -53.08 -8.90 45.68
C GLU C 511 -51.57 -8.90 45.50
N LEU C 512 -51.09 -9.01 44.27
CA LEU C 512 -49.64 -8.98 44.04
C LEU C 512 -49.03 -7.68 44.49
N PHE C 513 -49.79 -6.57 44.43
CA PHE C 513 -49.26 -5.31 44.94
C PHE C 513 -48.94 -5.40 46.42
N SER C 514 -49.83 -5.99 47.20
CA SER C 514 -49.57 -6.14 48.64
C SER C 514 -48.47 -7.17 48.88
N LYS C 515 -48.47 -8.26 48.12
CA LYS C 515 -47.47 -9.30 48.33
C LYS C 515 -46.06 -8.80 48.04
N ILE C 516 -45.91 -8.01 46.98
CA ILE C 516 -44.59 -7.58 46.52
C ILE C 516 -44.21 -6.24 47.13
N VAL C 517 -45.12 -5.27 47.12
CA VAL C 517 -44.79 -3.90 47.49
C VAL C 517 -45.03 -3.64 48.96
N LEU C 518 -46.25 -3.89 49.45
CA LEU C 518 -46.61 -3.54 50.82
C LEU C 518 -46.30 -4.65 51.82
N SER C 519 -45.85 -5.81 51.37
CA SER C 519 -45.52 -6.90 52.29
C SER C 519 -44.28 -6.51 53.08
N ARG C 520 -44.47 -6.16 54.36
CA ARG C 520 -43.34 -5.79 55.20
C ARG C 520 -42.36 -6.95 55.33
N GLU C 521 -42.88 -8.18 55.43
CA GLU C 521 -42.00 -9.34 55.57
C GLU C 521 -41.08 -9.49 54.36
N ALA C 522 -41.62 -9.31 53.15
CA ALA C 522 -40.79 -9.47 51.95
C ALA C 522 -39.71 -8.41 51.88
N LEU C 523 -40.06 -7.16 52.17
CA LEU C 523 -39.07 -6.09 52.14
C LEU C 523 -38.01 -6.31 53.21
N GLN C 524 -38.41 -6.75 54.40
CA GLN C 524 -37.44 -7.06 55.44
C GLN C 524 -36.51 -8.19 55.01
N LEU C 525 -37.07 -9.21 54.36
CA LEU C 525 -36.25 -10.32 53.87
C LEU C 525 -35.23 -9.82 52.85
N LEU C 526 -35.66 -8.96 51.93
CA LEU C 526 -34.73 -8.40 50.94
C LEU C 526 -33.63 -7.60 51.62
N LEU C 527 -34.00 -6.76 52.59
CA LEU C 527 -33.01 -5.93 53.27
C LEU C 527 -32.02 -6.79 54.04
N LEU C 528 -32.51 -7.85 54.70
CA LEU C 528 -31.61 -8.76 55.41
C LEU C 528 -30.69 -9.48 54.42
N TYR C 529 -31.21 -9.86 53.27
CA TYR C 529 -30.36 -10.45 52.23
C TYR C 529 -29.24 -9.49 51.86
N GLN C 530 -29.56 -8.20 51.71
CA GLN C 530 -28.53 -7.22 51.45
C GLN C 530 -27.71 -6.91 52.72
N GLU C 531 -28.38 -6.79 53.86
CA GLU C 531 -27.72 -6.46 55.13
C GLU C 531 -28.15 -7.48 56.18
N PRO C 532 -27.41 -8.58 56.32
CA PRO C 532 -27.88 -9.65 57.23
C PRO C 532 -28.13 -9.20 58.66
N LEU C 533 -27.31 -8.28 59.18
CA LEU C 533 -27.42 -7.82 60.55
C LEU C 533 -28.10 -6.45 60.65
N LEU C 534 -29.06 -6.18 59.77
CA LEU C 534 -29.74 -4.90 59.79
C LEU C 534 -30.59 -4.76 61.05
N ALA C 535 -30.67 -3.53 61.57
CA ALA C 535 -31.47 -3.23 62.74
C ALA C 535 -32.86 -2.80 62.30
N LEU C 536 -33.87 -3.58 62.64
CA LEU C 536 -35.25 -3.31 62.23
C LEU C 536 -35.93 -2.42 63.29
N GLU C 537 -35.48 -1.17 63.34
CA GLU C 537 -36.02 -0.21 64.28
C GLU C 537 -35.76 1.20 63.78
N GLY C 538 -36.55 2.14 64.29
CA GLY C 538 -36.38 3.54 63.94
C GLY C 538 -37.03 3.89 62.62
N GLU C 539 -36.93 5.17 62.27
CA GLU C 539 -37.42 5.66 60.98
C GLU C 539 -36.51 5.26 59.82
N ALA C 540 -35.25 4.92 60.11
CA ALA C 540 -34.35 4.48 59.05
C ALA C 540 -34.86 3.22 58.38
N ILE C 541 -35.39 2.28 59.17
CA ILE C 541 -35.96 1.07 58.58
C ILE C 541 -37.18 1.41 57.75
N ASN C 542 -37.96 2.41 58.16
CA ASN C 542 -39.11 2.83 57.38
C ASN C 542 -38.68 3.40 56.03
N SER C 543 -37.64 4.23 56.02
CA SER C 543 -37.15 4.78 54.76
C SER C 543 -36.58 3.68 53.87
N LYS C 544 -35.82 2.75 54.46
CA LYS C 544 -35.31 1.62 53.70
C LYS C 544 -36.44 0.80 53.09
N LEU C 545 -37.50 0.55 53.87
CA LEU C 545 -38.63 -0.22 53.36
C LEU C 545 -39.34 0.53 52.24
N ARG C 546 -39.49 1.84 52.38
CA ARG C 546 -40.13 2.62 51.32
C ARG C 546 -39.33 2.55 50.03
N HIS C 547 -37.99 2.71 50.14
CA HIS C 547 -37.15 2.60 48.96
C HIS C 547 -37.22 1.22 48.34
N CYS C 548 -37.24 0.18 49.19
CA CYS C 548 -37.34 -1.18 48.68
C CYS C 548 -38.67 -1.41 47.98
N ALA C 549 -39.75 -0.83 48.51
CA ALA C 549 -41.05 -0.95 47.86
C ALA C 549 -41.04 -0.25 46.50
N TYR C 550 -40.46 0.94 46.43
CA TYR C 550 -40.33 1.62 45.14
C TYR C 550 -39.56 0.74 44.14
N ARG C 551 -38.44 0.18 44.59
CA ARG C 551 -37.63 -0.65 43.71
C ARG C 551 -38.39 -1.90 43.27
N SER C 552 -39.14 -2.50 44.20
CA SER C 552 -39.90 -3.70 43.87
C SER C 552 -40.97 -3.40 42.83
N TYR C 553 -41.70 -2.31 43.01
CA TYR C 553 -42.71 -1.94 42.00
C TYR C 553 -42.07 -1.65 40.66
N ALA C 554 -40.95 -0.92 40.66
CA ALA C 554 -40.28 -0.61 39.40
C ALA C 554 -39.81 -1.88 38.69
N THR C 555 -39.23 -2.80 39.44
CA THR C 555 -38.78 -4.06 38.83
C THR C 555 -39.96 -4.87 38.31
N TRP C 556 -41.05 -4.93 39.08
CA TRP C 556 -42.21 -5.71 38.68
C TRP C 556 -42.84 -5.16 37.40
N ARG C 557 -42.97 -3.84 37.29
CA ARG C 557 -43.66 -3.25 36.16
C ARG C 557 -42.74 -2.84 35.02
N PHE C 558 -41.42 -2.92 35.20
CA PHE C 558 -40.47 -2.52 34.16
C PHE C 558 -39.43 -3.60 33.90
N VAL C 559 -39.29 -4.56 34.81
CA VAL C 559 -38.38 -5.70 34.60
C VAL C 559 -36.89 -5.34 34.56
N SER C 560 -36.46 -4.72 33.48
CA SER C 560 -35.06 -4.35 33.34
C SER C 560 -34.68 -3.29 34.36
N GLN C 561 -33.55 -3.46 35.02
CA GLN C 561 -33.10 -2.45 35.97
C GLN C 561 -32.77 -1.12 35.28
N ASP C 562 -32.37 -1.18 34.01
CA ASP C 562 -32.07 0.06 33.29
C ASP C 562 -33.31 0.95 33.20
N MET C 563 -34.46 0.36 32.89
CA MET C 563 -35.70 1.12 32.86
C MET C 563 -36.24 1.38 34.26
N ALA C 564 -36.03 0.44 35.20
CA ALA C 564 -36.55 0.61 36.54
C ALA C 564 -35.91 1.79 37.24
N ASP C 565 -34.60 1.98 37.06
CA ASP C 565 -33.91 3.10 37.71
C ASP C 565 -34.44 4.44 37.24
N PHE C 566 -35.04 4.51 36.06
CA PHE C 566 -35.60 5.74 35.53
C PHE C 566 -37.13 5.71 35.47
N ALA C 567 -37.76 4.69 36.05
CA ALA C 567 -39.21 4.62 36.05
C ALA C 567 -39.79 5.70 36.96
N ILE C 568 -41.10 5.94 36.80
CA ILE C 568 -41.83 6.90 37.62
C ILE C 568 -43.03 6.18 38.21
N LEU C 569 -43.13 6.17 39.54
CA LEU C 569 -44.22 5.48 40.19
C LEU C 569 -45.52 6.28 40.03
N PRO C 570 -46.66 5.61 39.87
CA PRO C 570 -47.93 6.33 39.88
C PRO C 570 -48.21 6.92 41.25
N SER C 571 -49.00 8.00 41.25
CA SER C 571 -49.32 8.67 42.51
C SER C 571 -50.02 7.74 43.48
N CYS C 572 -50.95 6.93 42.97
CA CYS C 572 -51.69 6.01 43.84
C CYS C 572 -50.74 5.05 44.56
N CYS C 573 -49.88 4.37 43.79
CA CYS C 573 -48.96 3.40 44.39
C CYS C 573 -47.94 4.10 45.28
N ARG C 574 -47.42 5.25 44.84
CA ARG C 574 -46.46 5.99 45.64
C ARG C 574 -47.05 6.34 47.01
N TRP C 575 -48.27 6.89 47.01
CA TRP C 575 -48.87 7.32 48.27
C TRP C 575 -49.34 6.15 49.11
N LYS C 576 -49.73 5.03 48.50
CA LYS C 576 -50.02 3.83 49.28
C LYS C 576 -48.75 3.32 49.98
N ILE C 577 -47.63 3.31 49.25
CA ILE C 577 -46.37 2.89 49.85
C ILE C 577 -46.01 3.82 51.01
N ARG C 578 -46.15 5.12 50.80
CA ARG C 578 -45.84 6.08 51.86
C ARG C 578 -46.79 5.92 53.05
N LYS C 579 -48.05 5.61 52.79
CA LYS C 579 -49.01 5.37 53.86
C LYS C 579 -48.68 4.12 54.64
N GLU C 580 -48.05 3.14 53.99
CA GLU C 580 -47.59 1.95 54.71
C GLU C 580 -46.35 2.22 55.52
N PHE C 581 -45.47 3.10 55.04
CA PHE C 581 -44.24 3.48 55.74
C PHE C 581 -44.12 5.00 55.77
N PRO C 582 -45.00 5.66 56.52
CA PRO C 582 -44.98 7.13 56.53
C PRO C 582 -43.67 7.69 57.08
N LYS C 583 -43.31 8.87 56.57
CA LYS C 583 -42.19 9.63 57.10
C LYS C 583 -42.71 10.55 58.21
N THR C 584 -42.08 10.47 59.39
CA THR C 584 -42.61 11.14 60.57
C THR C 584 -42.67 12.66 60.41
N GLN C 585 -41.51 13.31 60.27
CA GLN C 585 -41.40 14.76 60.27
C GLN C 585 -40.50 15.24 59.15
N GLY C 586 -40.72 14.74 57.94
CA GLY C 586 -39.95 15.14 56.79
C GLY C 586 -40.81 15.29 55.56
N GLN C 587 -40.20 15.84 54.51
CA GLN C 587 -40.85 16.03 53.21
C GLN C 587 -40.21 15.08 52.20
N TYR C 588 -41.05 14.41 51.42
CA TYR C 588 -40.55 13.42 50.47
C TYR C 588 -39.84 14.11 49.31
N SER C 589 -38.62 13.63 49.00
CA SER C 589 -37.85 14.20 47.91
C SER C 589 -38.36 13.75 46.56
N GLY C 590 -38.94 12.55 46.47
CA GLY C 590 -39.40 12.04 45.20
C GLY C 590 -38.28 11.42 44.39
N PHE C 591 -38.53 11.28 43.09
CA PHE C 591 -37.55 10.68 42.20
C PHE C 591 -36.29 11.54 42.13
N LYS C 592 -35.13 10.88 42.14
CA LYS C 592 -33.84 11.55 42.08
C LYS C 592 -33.03 10.97 40.92
N TYR C 593 -32.35 11.84 40.21
CA TYR C 593 -31.54 11.42 39.07
C TYR C 593 -30.34 10.61 39.57
N PRO C 594 -30.18 9.35 39.15
CA PRO C 594 -29.02 8.57 39.64
C PRO C 594 -27.68 9.20 39.32
N TYR C 595 -27.55 9.83 38.15
CA TYR C 595 -26.27 10.41 37.73
C TYR C 595 -26.27 11.92 37.89
C10 KF0 D . 46.02 12.71 -36.20
C13 KF0 D . 43.85 11.59 -37.01
C15 KF0 D . 41.37 12.35 -36.84
C17 KF0 D . 39.91 11.02 -35.13
C20 KF0 D . 38.78 13.38 -34.03
C21 KF0 D . 38.41 12.10 -33.50
C22 KF0 D . 38.56 9.49 -33.47
C09 KF0 D . 45.21 11.38 -36.28
C11 KF0 D . 46.98 12.64 -37.40
C12 KF0 D . 47.15 11.15 -37.64
C14 KF0 D . 45.93 8.95 -36.98
C16 KF0 D . 40.31 12.27 -35.68
C18 KF0 D . 39.74 13.47 -35.11
C19 KF0 D . 38.98 10.91 -34.05
F02 KF0 D . 37.55 9.48 -32.55
F03 KF0 D . 39.56 8.78 -32.83
F04 KF0 D . 38.11 8.55 -34.39
N07 KF0 D . 46.11 10.42 -36.98
N08 KF0 D . 42.73 12.11 -36.31
O05 KF0 D . 48.07 10.67 -38.32
O06 KF0 D . 43.75 11.31 -38.20
CL01 KF0 D . 40.65 9.48 -35.84
H101 KF0 D . 46.59 12.80 -35.25
H102 KF0 D . 45.37 13.60 -36.26
H151 KF0 D . 41.37 13.33 -37.39
H152 KF0 D . 41.16 11.59 -37.66
H201 KF0 D . 38.34 14.33 -33.60
H211 KF0 D . 37.66 12.04 -32.66
H091 KF0 D . 44.98 10.98 -35.26
H112 KF0 D . 47.94 13.20 -37.23
H111 KF0 D . 46.54 13.09 -38.32
H143 KF0 D . 45.26 8.58 -36.16
H142 KF0 D . 46.89 8.38 -36.84
H141 KF0 D . 45.48 8.53 -37.91
H181 KF0 D . 40.03 14.47 -35.52
H081 KF0 D . 42.83 12.33 -35.34
PB GDP E . -54.52 -25.45 22.74
O1B GDP E . -55.43 -25.93 23.84
O2B GDP E . -54.00 -24.07 23.08
O3B GDP E . -55.29 -25.38 21.45
O3A GDP E . -53.30 -26.47 22.54
PA GDP E . -52.21 -26.73 23.70
O1A GDP E . -52.85 -26.96 25.04
O2A GDP E . -51.34 -27.90 23.32
O5' GDP E . -51.36 -25.37 23.70
C5' GDP E . -50.66 -24.99 22.52
C4' GDP E . -49.50 -24.07 22.88
O4' GDP E . -48.72 -24.69 23.90
C3' GDP E . -48.61 -23.82 21.68
O3' GDP E . -48.41 -22.44 21.46
C2' GDP E . -47.30 -24.51 22.00
O2' GDP E . -46.18 -23.66 21.73
C1' GDP E . -47.38 -24.89 23.47
N9 GDP E . -47.01 -26.31 23.59
C8 GDP E . -47.87 -27.35 23.56
N7 GDP E . -47.19 -28.51 23.68
C5 GDP E . -45.89 -28.22 23.80
C6 GDP E . -44.64 -28.99 23.98
O6 GDP E . -44.66 -30.23 24.04
N1 GDP E . -43.49 -28.32 24.07
C2 GDP E . -43.44 -26.98 24.00
N2 GDP E . -42.23 -26.37 24.09
N3 GDP E . -44.54 -26.20 23.85
C4 GDP E . -45.77 -26.76 23.74
H5' GDP E . -50.28 -25.87 22.01
H5'' GDP E . -51.34 -24.48 21.84
H4' GDP E . -49.91 -23.11 23.23
H3' GDP E . -49.05 -24.30 20.80
HO3' GDP E . -47.95 -22.31 20.61
H2' GDP E . -47.21 -25.43 21.40
HO2' GDP E . -46.10 -23.51 20.78
H1' GDP E . -46.69 -24.26 24.04
H8 GDP E . -48.93 -27.25 23.43
HN1 GDP E . -42.60 -28.85 24.19
HN21 GDP E . -41.40 -26.91 24.21
HN22 GDP E . -42.18 -25.36 24.05
ZN ZN F . -43.72 -40.24 32.70
ZN ZN G . -44.24 -42.71 29.91
C1 NAG H . 52.44 7.75 -17.62
C2 NAG H . 53.36 6.94 -18.55
C3 NAG H . 54.50 6.32 -17.75
C4 NAG H . 55.23 7.38 -16.95
C5 NAG H . 54.24 8.15 -16.08
C6 NAG H . 54.88 9.30 -15.34
C7 NAG H . 52.75 5.66 -20.55
C8 NAG H . 51.90 4.57 -21.11
N2 NAG H . 52.60 5.93 -19.25
O3 NAG H . 55.40 5.68 -18.64
O4 NAG H . 56.20 6.77 -16.11
O5 NAG H . 53.22 8.73 -16.92
O6 NAG H . 55.19 10.39 -16.20
O7 NAG H . 53.56 6.28 -21.24
H2 NAG H . 53.74 7.56 -19.21
H3 NAG H . 54.12 5.65 -17.14
H4 NAG H . 55.67 8.00 -17.56
H5 NAG H . 53.83 7.56 -15.44
H61 NAG H . 54.27 9.62 -14.64
H62 NAG H . 55.70 9.00 -14.91
H81 NAG H . 52.05 3.74 -20.61
H82 NAG H . 50.96 4.82 -21.05
H83 NAG H . 52.13 4.42 -22.05
HN2 NAG H . 51.99 5.43 -18.79
HO3 NAG H . 55.09 4.87 -18.85
HO4 NAG H . 57.02 7.02 -16.37
HO6 NAG H . 55.46 10.07 -16.98
C1 NAG I . 48.66 -5.89 -19.50
C2 NAG I . 49.55 -6.87 -18.73
C3 NAG I . 50.99 -6.76 -19.22
C4 NAG I . 51.05 -6.94 -20.72
C5 NAG I . 50.11 -5.97 -21.42
C6 NAG I . 50.04 -6.17 -22.91
C7 NAG I . 48.73 -7.35 -16.46
C8 NAG I . 48.77 -6.95 -15.01
N2 NAG I . 49.48 -6.62 -17.29
O3 NAG I . 51.78 -7.76 -18.57
O4 NAG I . 52.38 -6.72 -21.18
O5 NAG I . 48.78 -6.14 -20.90
O6 NAG I . 48.91 -6.97 -23.26
O7 NAG I . 48.04 -8.28 -16.86
H2 NAG I . 49.24 -7.78 -18.90
H3 NAG I . 51.34 -5.88 -18.99
H4 NAG I . 50.80 -7.86 -20.94
H5 NAG I . 50.40 -5.06 -21.23
H61 NAG I . 49.96 -5.30 -23.34
H62 NAG I . 50.85 -6.62 -23.21
H81 NAG I . 48.66 -5.98 -14.94
H82 NAG I . 48.07 -7.40 -14.53
H83 NAG I . 49.64 -7.21 -14.64
HN2 NAG I . 49.97 -5.93 -16.95
HO3 NAG I . 52.11 -8.31 -19.18
HO4 NAG I . 52.42 -5.93 -21.60
HO6 NAG I . 48.59 -6.69 -24.04
C1 PLM J . -10.12 -27.34 20.32
O1 PLM J . -9.25 -28.19 20.19
C2 PLM J . -10.57 -26.40 19.21
C3 PLM J . -9.40 -26.10 18.24
C4 PLM J . -9.65 -24.92 17.26
C5 PLM J . -8.41 -24.53 16.40
C6 PLM J . -8.71 -23.60 15.17
C7 PLM J . -7.53 -23.37 14.18
C8 PLM J . -7.72 -22.25 13.12
C9 PLM J . -6.42 -21.55 12.62
CA PLM J . -6.48 -20.88 11.20
H21 PLM J . -10.99 -25.48 19.64
H22 PLM J . -11.41 -26.90 18.69
H31 PLM J . -9.18 -27.03 17.67
H32 PLM J . -8.49 -25.91 18.83
H41 PLM J . -10.00 -24.04 17.84
H42 PLM J . -10.50 -25.19 16.60
H51 PLM J . -7.94 -25.46 16.03
H52 PLM J . -7.65 -24.06 17.05
H61 PLM J . -9.58 -23.99 14.62
H62 PLM J . -9.05 -22.61 15.56
H71 PLM J . -7.32 -24.33 13.66
H72 PLM J . -6.61 -23.17 14.76
H81 PLM J . -8.40 -21.48 13.52
H82 PLM J . -8.26 -22.68 12.24
H91 PLM J . -5.59 -22.28 12.61
H92 PLM J . -6.12 -20.79 13.36
HA1 PLM J . -7.29 -21.36 10.61
HA2 PLM J . -5.55 -21.11 10.64
C1 PLM K . -6.55 -32.00 21.77
O2 PLM K . -5.62 -31.95 22.58
C2 PLM K . -6.36 -32.26 20.31
C3 PLM K . -5.42 -31.24 19.67
C4 PLM K . -6.17 -30.03 19.15
C5 PLM K . -5.25 -28.83 19.00
C6 PLM K . -4.44 -28.91 17.72
C7 PLM K . -5.27 -28.49 16.52
H21 PLM K . -5.92 -33.28 20.21
H22 PLM K . -7.35 -32.25 19.78
H31 PLM K . -4.65 -30.92 20.44
H32 PLM K . -4.87 -31.74 18.83
H41 PLM K . -6.63 -30.28 18.15
H42 PLM K . -7.00 -29.78 19.85
H51 PLM K . -5.87 -27.89 19.00
H52 PLM K . -4.56 -28.78 19.88
H61 PLM K . -3.54 -28.24 17.80
H62 PLM K . -4.07 -29.96 17.57
C1 PLM L . -5.78 -28.80 23.15
O2 PLM L . -5.96 -29.13 21.97
C2 PLM L . -4.59 -28.01 23.61
C3 PLM L . -3.29 -28.60 23.09
C4 PLM L . -2.23 -27.56 22.81
C5 PLM L . -2.47 -26.86 21.50
C6 PLM L . -1.45 -25.78 21.24
C7 PLM L . -2.07 -24.57 20.55
C8 PLM L . -1.06 -23.47 20.37
C9 PLM L . -1.72 -22.17 19.94
CA PLM L . -0.70 -21.10 19.66
H21 PLM L . -4.71 -26.97 23.23
H22 PLM L . -4.57 -27.96 24.73
H31 PLM L . -2.90 -29.35 23.83
H32 PLM L . -3.51 -29.16 22.14
H41 PLM L . -2.22 -26.81 23.64
H42 PLM L . -1.22 -28.04 22.79
H51 PLM L . -2.44 -27.60 20.65
H52 PLM L . -3.50 -26.40 21.49
H61 PLM L . -0.99 -25.46 22.21
H62 PLM L . -0.62 -26.18 20.60
H71 PLM L . -2.47 -24.88 19.55
H72 PLM L . -2.94 -24.20 21.17
H81 PLM L . -0.50 -23.30 21.33
H82 PLM L . -0.30 -23.77 19.60
H91 PLM L . -2.34 -22.37 19.02
H92 PLM L . -2.43 -21.83 20.74
C1 PLM M . 1.38 -27.89 26.11
O2 PLM M . 1.11 -29.09 25.98
C2 PLM M . 2.44 -27.20 25.31
C3 PLM M . 2.04 -27.00 23.86
C4 PLM M . 2.87 -25.93 23.18
C5 PLM M . 2.44 -25.72 21.75
C6 PLM M . 3.24 -26.57 20.78
C7 PLM M . 2.97 -26.18 19.34
C8 PLM M . 1.57 -26.58 18.90
H21 PLM M . 2.61 -26.19 25.78
H22 PLM M . 3.41 -27.77 25.36
H31 PLM M . 2.14 -27.97 23.31
H32 PLM M . 0.95 -26.70 23.83
H41 PLM M . 2.79 -24.97 23.74
H42 PLM M . 3.96 -26.24 23.21
H51 PLM M . 1.35 -25.96 21.64
H52 PLM M . 2.56 -24.64 21.48
H61 PLM M . 4.33 -26.46 20.99
H62 PLM M . 2.97 -27.65 20.94
H71 PLM M . 3.09 -25.08 19.23
H72 PLM M . 3.72 -26.67 18.68
H81 PLM M . 0.89 -25.68 18.91
H82 PLM M . 1.14 -27.32 19.64
C1 PLM N . -1.63 -21.92 27.99
O2 PLM N . -2.55 -21.95 27.16
C2 PLM N . -0.44 -21.03 27.86
C3 PLM N . 0.20 -21.11 26.50
C4 PLM N . 0.92 -19.83 26.12
C5 PLM N . 1.53 -19.95 24.74
C6 PLM N . 2.36 -18.75 24.40
C7 PLM N . 3.08 -18.92 23.08
C8 PLM N . 2.19 -18.59 21.90
C9 PLM N . 2.11 -17.10 21.67
CA PLM N . 3.03 -16.66 20.54
H21 PLM N . -0.79 -19.97 28.06
H22 PLM N . 0.31 -21.29 28.66
H31 PLM N . 0.92 -21.98 26.48
H32 PLM N . -0.60 -21.32 25.74
H41 PLM N . 0.21 -18.98 26.16
H42 PLM N . 1.74 -19.63 26.87
H51 PLM N . 2.15 -20.88 24.68
H52 PLM N . 0.70 -20.07 23.98
H61 PLM N . 1.71 -17.84 24.35
H62 PLM N . 3.12 -18.57 25.21
H71 PLM N . 3.99 -18.26 23.06
H72 PLM N . 3.45 -19.98 22.98
H81 PLM N . 2.59 -19.09 20.98
H82 PLM N . 1.16 -19.00 22.08
H91 PLM N . 1.05 -16.81 21.41
H92 PLM N . 2.37 -16.55 22.60
HA1 PLM N . 3.43 -15.64 20.78
HA2 PLM N . 2.45 -16.58 19.59
NA NA O . -6.61 -2.96 7.69
C10 KF0 P . 32.75 27.78 -41.79
C13 KF0 P . 33.71 26.07 -40.12
C15 KF0 P . 33.07 23.60 -39.64
C17 KF0 P . 31.85 23.21 -37.35
C20 KF0 P . 29.86 21.56 -38.53
C21 KF0 P . 29.81 21.84 -37.12
C22 KF0 P . 30.77 22.98 -34.97
C09 KF0 P . 33.24 27.54 -40.33
C11 KF0 P . 33.96 28.37 -42.51
C12 KF0 P . 34.76 29.04 -41.40
C14 KF0 P . 34.85 28.95 -38.80
C16 KF0 P . 31.93 22.95 -38.75
C18 KF0 P . 30.91 22.13 -39.35
C19 KF0 P . 30.82 22.68 -36.54
F02 KF0 P . 29.82 22.29 -34.24
F03 KF0 P . 30.53 24.29 -34.62
F04 KF0 P . 31.93 22.71 -34.25
N07 KF0 P . 34.32 28.54 -40.11
N08 KF0 P . 32.79 25.03 -39.87
O05 KF0 P . 35.63 29.88 -41.60
O06 KF0 P . 34.91 25.81 -40.21
CL01 KF0 P . 33.14 24.30 -36.59
H101 KF0 P . 31.89 28.47 -41.84
H102 KF0 P . 32.41 26.84 -42.28
H151 KF0 P . 33.22 23.10 -40.63
H152 KF0 P . 34.08 23.51 -39.15
H201 KF0 P . 29.07 20.90 -39.01
H211 KF0 P . 28.99 21.39 -36.50
H091 KF0 P . 32.42 27.73 -39.59
H112 KF0 P . 33.69 29.06 -43.36
H111 KF0 P . 34.61 27.59 -42.97
H143 KF0 P . 34.18 28.68 -37.95
H142 KF0 P . 35.02 30.04 -38.70
H141 KF0 P . 35.83 28.48 -38.53
H181 KF0 P . 30.95 21.91 -40.44
H081 KF0 P . 31.81 25.27 -39.80
PB GDP Q . -16.31 -33.68 52.32
O1B GDP Q . -17.23 -34.03 53.47
O2B GDP Q . -17.09 -33.65 51.03
O3B GDP Q . -15.21 -34.70 52.21
O3A GDP Q . -15.64 -32.23 52.58
PA GDP Q . -16.52 -30.89 52.68
O1A GDP Q . -17.72 -31.07 53.55
O2A GDP Q . -15.65 -29.76 53.17
O5' GDP Q . -16.94 -30.64 51.15
C5' GDP Q . -15.94 -30.44 50.16
C4' GDP Q . -16.52 -29.68 48.98
O4' GDP Q . -17.17 -28.50 49.47
C3' GDP Q . -15.42 -29.25 48.03
O3' GDP Q . -15.71 -29.66 46.69
C2' GDP Q . -15.34 -27.74 48.13
O2' GDP Q . -15.32 -27.13 46.83
C1' GDP Q . -16.57 -27.33 48.92
N9 GDP Q . -16.13 -26.43 50.00
C8 GDP Q . -15.78 -26.81 51.24
N7 GDP Q . -15.41 -25.73 51.98
C5 GDP Q . -15.53 -24.64 51.20
C6 GDP Q . -15.29 -23.19 51.34
O6 GDP Q . -14.89 -22.73 52.43
N1 GDP Q . -15.53 -22.40 50.29
C2 GDP Q . -15.95 -22.89 49.12
N2 GDP Q . -16.16 -22.02 48.09
N3 GDP Q . -16.18 -24.20 48.90
C4 GDP Q . -15.99 -25.11 49.89
H5' GDP Q . -15.11 -29.88 50.60
H5'' GDP Q . -15.56 -31.41 49.83
H4' GDP Q . -17.23 -30.32 48.45
H3' GDP Q . -14.46 -29.68 48.36
HO3' GDP Q . -14.93 -29.49 46.13
H2' GDP Q . -14.44 -27.47 48.69
HO2' GDP Q . -14.49 -27.35 46.39
H1' GDP Q . -17.28 -26.82 48.26
H8 GDP Q . -15.80 -27.82 51.60
HN1 GDP Q . -15.36 -21.37 50.39
HN21 GDP Q . -16.00 -21.03 48.23
HN22 GDP Q . -16.49 -22.36 47.20
ZN ZN R . -19.11 -16.04 63.07
ZN ZN S . -15.66 -16.21 64.56
C1 NAG T . 17.95 39.79 -34.88
C2 NAG T . 19.18 40.69 -34.87
C3 NAG T . 18.78 42.13 -34.60
C4 NAG T . 17.70 42.58 -35.58
C5 NAG T . 16.53 41.60 -35.55
C6 NAG T . 15.47 41.91 -36.58
C7 NAG T . 21.47 40.18 -34.11
C8 NAG T . 22.31 39.69 -32.98
N2 NAG T . 20.15 40.24 -33.88
O3 NAG T . 19.92 42.98 -34.72
O4 NAG T . 17.24 43.88 -35.25
O5 NAG T . 17.00 40.27 -35.83
O6 NAG T . 15.90 41.57 -37.89
O7 NAG T . 21.94 40.50 -35.20
H2 NAG T . 19.60 40.65 -35.74
H3 NAG T . 18.42 42.20 -33.69
H4 NAG T . 18.08 42.60 -36.48
H5 NAG T . 16.13 41.61 -34.67
H61 NAG T . 14.66 41.41 -36.37
H62 NAG T . 15.27 42.87 -36.56
H81 NAG T . 22.16 40.25 -32.20
H82 NAG T . 22.07 38.76 -32.76
H83 NAG T . 23.25 39.74 -33.23
HN2 NAG T . 19.85 39.99 -33.05
HO3 NAG T . 20.38 42.96 -33.96
HO4 NAG T . 17.46 44.45 -35.89
HO6 NAG T . 16.76 41.75 -37.97
C1 NAG U . 24.41 41.16 -22.21
C2 NAG U . 24.14 42.51 -21.55
C3 NAG U . 24.67 43.64 -22.42
C4 NAG U . 26.14 43.42 -22.74
C5 NAG U . 26.33 42.03 -23.36
C6 NAG U . 27.78 41.69 -23.59
C7 NAG U . 22.15 42.49 -20.11
C8 NAG U . 20.66 42.73 -20.03
N2 NAG U . 22.71 42.69 -21.30
O3 NAG U . 24.51 44.88 -21.73
O4 NAG U . 26.60 44.41 -23.65
O5 NAG U . 25.81 41.04 -22.47
O6 NAG U . 28.31 40.90 -22.53
O7 NAG U . 22.80 42.15 -19.13
H2 NAG U . 24.61 42.54 -20.70
H3 NAG U . 24.17 43.67 -23.25
H4 NAG U . 26.67 43.48 -21.92
H5 NAG U . 25.85 41.99 -24.20
H61 NAG U . 27.87 41.19 -24.43
H62 NAG U . 28.30 42.51 -23.67
H81 NAG U . 20.23 42.27 -20.78
H82 NAG U . 20.33 42.37 -19.19
H83 NAG U . 20.49 43.68 -20.09
HN2 NAG U . 22.18 42.95 -21.99
HO3 NAG U . 25.31 45.24 -21.58
HO4 NAG U . 26.70 44.05 -24.46
HO6 NAG U . 28.91 40.33 -22.86
C1 PLM V . -9.55 6.18 33.67
O1 PLM V . -9.04 7.24 33.98
C2 PLM V . -8.91 5.16 32.75
C3 PLM V . -8.01 5.86 31.68
C4 PLM V . -7.56 4.95 30.51
C5 PLM V . -6.80 5.70 29.38
C6 PLM V . -6.05 4.79 28.36
C7 PLM V . -5.11 5.54 27.35
C8 PLM V . -4.55 4.68 26.16
C9 PLM V . -4.25 5.46 24.84
CA PLM V . -3.19 4.82 23.88
H21 PLM V . -9.68 4.53 32.28
H22 PLM V . -8.31 4.47 33.37
H31 PLM V . -7.12 6.27 32.21
H32 PLM V . -8.55 6.74 31.31
H41 PLM V . -8.45 4.44 30.09
H42 PLM V . -6.93 4.13 30.92
H51 PLM V . -6.08 6.40 29.84
H52 PLM V . -7.51 6.36 28.84
H61 PLM V . -5.46 4.03 28.91
H62 PLM V . -6.79 4.21 27.79
H71 PLM V . -4.25 5.96 27.90
H72 PLM V . -5.65 6.41 26.95
H81 PLM V . -5.27 3.87 25.93
H82 PLM V . -3.64 4.16 26.50
H91 PLM V . -3.90 6.48 25.11
H92 PLM V . -5.19 5.61 24.29
HA1 PLM V . -2.53 4.15 24.47
HA2 PLM V . -2.51 5.60 23.50
C1 PLM W . -8.85 11.48 36.49
O2 PLM W . -9.53 12.48 36.28
C2 PLM W . -7.39 11.40 36.18
C3 PLM W . -7.10 11.71 34.72
C4 PLM W . -7.12 10.46 33.87
C5 PLM W . -7.35 10.78 32.40
C6 PLM W . -6.07 11.23 31.74
C7 PLM W . -5.18 10.05 31.38
H21 PLM W . -6.87 12.17 36.83
H22 PLM W . -6.98 10.39 36.45
H31 PLM W . -7.85 12.45 34.35
H32 PLM W . -6.08 12.19 34.65
H41 PLM W . -6.15 9.90 33.99
H42 PLM W . -7.93 9.78 34.23
H51 PLM W . -7.75 9.88 31.88
H52 PLM W . -8.12 11.59 32.31
H61 PLM W . -6.31 11.80 30.80
H62 PLM W . -5.50 11.93 32.41
C1 PLM X . -11.24 11.27 33.85
O2 PLM X . -10.06 10.97 33.86
C2 PLM X . -11.86 12.15 32.80
C3 PLM X . -11.05 13.41 32.57
C4 PLM X . -11.09 13.90 31.14
C5 PLM X . -10.15 13.09 30.26
C6 PLM X . -10.23 13.54 28.81
C7 PLM X . -10.09 12.37 27.87
C8 PLM X . -10.24 12.81 26.43
C9 PLM X . -10.38 11.62 25.50
CA PLM X . -10.43 12.06 24.05
H21 PLM X . -11.90 11.55 31.85
H22 PLM X . -12.92 12.42 33.07
H31 PLM X . -11.42 14.22 33.25
H32 PLM X . -9.98 13.20 32.86
H41 PLM X . -12.13 13.82 30.74
H42 PLM X . -10.80 14.98 31.10
H51 PLM X . -9.10 13.21 30.63
H52 PLM X . -10.40 12.01 30.32
H61 PLM X . -11.21 14.06 28.63
H62 PLM X . -9.41 14.29 28.62
H71 PLM X . -9.09 11.89 28.01
H72 PLM X . -10.87 11.60 28.10
H81 PLM X . -11.15 13.47 26.33
H82 PLM X . -9.35 13.42 26.12
H91 PLM X . -9.51 10.93 25.65
H92 PLM X . -11.30 11.05 25.75
C1 PLM Y . -13.70 18.03 30.82
O2 PLM Y . -13.16 18.21 31.91
C2 PLM Y . -13.13 18.52 29.52
C3 PLM Y . -11.90 17.74 29.10
C4 PLM Y . -11.59 17.93 27.62
C5 PLM Y . -10.38 17.12 27.21
C6 PLM Y . -9.11 17.93 27.29
C7 PLM Y . -7.94 17.20 26.65
C8 PLM Y . -7.51 16.00 27.47
H21 PLM Y . -13.93 18.41 28.74
H22 PLM Y . -12.88 19.62 29.60
H31 PLM Y . -11.02 18.08 29.71
H32 PLM Y . -12.07 16.66 29.31
H41 PLM Y . -12.47 17.62 27.01
H42 PLM Y . -11.41 19.02 27.41
H51 PLM Y . -10.29 16.21 27.86
H52 PLM Y . -10.52 16.75 26.15
H61 PLM Y . -9.24 18.92 26.78
H62 PLM Y . -8.87 18.14 28.36
H71 PLM Y . -8.23 16.86 25.63
H72 PLM Y . -7.07 17.90 26.53
H81 PLM Y . -7.90 15.06 27.00
H82 PLM Y . -7.95 16.06 28.50
C1 PLM Z . -17.91 13.50 27.64
O2 PLM Z . -17.22 12.50 27.82
C2 PLM Z . -18.03 14.21 26.33
C3 PLM Z . -16.67 14.48 25.71
C4 PLM Z . -16.73 14.56 24.20
C5 PLM Z . -15.36 14.81 23.62
C6 PLM Z . -15.42 15.02 22.12
C7 PLM Z . -14.07 15.42 21.56
C8 PLM Z . -13.18 14.22 21.32
C9 PLM Z . -13.53 13.51 20.03
CA PLM Z . -12.57 13.92 18.91
H21 PLM Z . -18.62 13.53 25.65
H22 PLM Z . -18.61 15.16 26.45
H31 PLM Z . -16.27 15.45 26.13
H32 PLM Z . -15.97 13.67 26.01
H41 PLM Z . -17.15 13.60 23.79
H42 PLM Z . -17.43 15.38 23.89
H51 PLM Z . -14.90 15.72 24.11
H52 PLM Z . -14.69 13.94 23.85
H61 PLM Z . -15.77 14.08 21.63
H62 PLM Z . -16.17 15.81 21.88
H71 PLM Z . -14.22 15.97 20.59
H72 PLM Z . -13.57 16.12 22.27
H81 PLM Z . -12.11 14.54 21.30
H82 PLM Z . -13.29 13.49 22.17
H91 PLM Z . -13.48 12.41 20.17
H92 PLM Z . -14.58 13.77 19.73
HA1 PLM Z . -13.13 13.94 17.94
HA2 PLM Z . -11.76 13.15 18.81
C10 KF0 AA . 31.23 8.90 -50.38
C13 KF0 AA . 30.39 10.81 -48.86
C15 KF0 AA . 30.79 11.30 -46.35
C17 KF0 AA . 28.72 10.88 -44.80
C20 KF0 AA . 30.26 9.47 -42.87
C21 KF0 AA . 28.84 9.66 -42.66
C22 KF0 AA . 26.50 10.56 -43.42
C09 KF0 AA . 30.01 9.78 -49.95
C11 KF0 AA . 31.78 9.59 -51.62
C12 KF0 AA . 30.57 10.30 -52.22
C14 KF0 AA . 28.19 11.02 -51.41
C16 KF0 AA . 30.12 10.74 -45.03
C18 KF0 AA . 30.89 10.01 -44.06
C19 KF0 AA . 28.07 10.36 -43.64
F02 KF0 AA . 26.01 10.17 -42.20
F03 KF0 AA . 25.68 9.93 -44.32
F04 KF0 AA . 26.03 11.87 -43.49
N07 KF0 AA . 29.53 10.41 -51.22
N08 KF0 AA . 30.45 10.44 -47.50
O05 KF0 AA . 30.51 10.71 -53.37
O06 KF0 AA . 30.66 11.97 -49.19
CL01 KF0 AA . 27.71 11.81 -46.05
H101 KF0 AA . 30.94 7.85 -50.60
H102 KF0 AA . 32.01 8.86 -49.58
H151 KF0 AA . 31.90 11.39 -46.28
H152 KF0 AA . 30.44 12.36 -46.57
H201 KF0 AA . 30.87 8.92 -42.10
H211 KF0 AA . 28.36 9.24 -41.74
H091 KF0 AA . 29.18 9.14 -49.53
H112 KF0 AA . 32.28 8.89 -52.34
H111 KF0 AA . 32.54 10.37 -51.39
H143 KF0 AA . 27.45 10.72 -50.63
H142 KF0 AA . 27.72 10.77 -52.38
H141 KF0 AA . 28.20 12.14 -51.36
H181 KF0 AA . 31.99 9.87 -44.21
H081 KF0 AA . 30.24 9.50 -47.25
PB GDP BA . -37.46 10.56 51.20
O1B GDP BA . -38.46 10.13 52.25
O2B GDP BA . -36.34 9.55 51.15
O3B GDP BA . -36.89 11.91 51.56
O3A GDP BA . -38.19 10.66 49.77
PA GDP BA . -38.83 9.38 49.05
O1A GDP BA . -39.68 8.58 49.99
O2A GDP BA . -39.63 9.83 47.86
O5' GDP BA . -37.54 8.54 48.57
C5' GDP BA . -36.62 9.14 47.67
C4' GDP BA . -35.86 8.06 46.93
O4' GDP BA . -36.79 7.13 46.36
C3' GDP BA . -35.04 8.65 45.80
O3' GDP BA . -33.68 8.24 45.88
C2' GDP BA . -35.67 8.15 44.52
O2' GDP BA . -34.70 7.64 43.61
C1' GDP BA . -36.66 7.09 44.95
N9 GDP BA . -37.95 7.38 44.30
C8 GDP BA . -38.94 8.12 44.84
N7 GDP BA . -39.98 8.21 43.99
C5 GDP BA . -39.67 7.51 42.88
C6 GDP BA . -40.32 7.20 41.59
O6 GDP BA . -41.45 7.62 41.34
N1 GDP BA . -39.66 6.44 40.71
C2 GDP BA . -38.42 5.97 40.96
N2 GDP BA . -37.81 5.21 40.03
N3 GDP BA . -37.76 6.22 42.12
C4 GDP BA . -38.33 6.97 43.10
H5' GDP BA . -37.16 9.77 46.95
H5'' GDP BA . -35.92 9.78 48.23
H4' GDP BA . -35.19 7.54 47.63
H3' GDP BA . -35.11 9.75 45.85
HO3' GDP BA . -33.16 8.73 45.23
H2' GDP BA . -36.22 8.99 44.05
HO2' GDP BA . -34.14 8.37 43.29
H1' GDP BA . -36.29 6.11 44.62
H8 GDP BA . -38.90 8.59 45.81
HN1 GDP BA . -40.11 6.21 39.80
HN21 GDP BA . -38.29 5.01 39.15
HN22 GDP BA . -36.88 4.85 40.19
ZN ZN CA . -54.12 3.74 40.70
ZN ZN DA . -55.15 7.23 39.76
C1 NAG EA . 19.21 -7.35 -51.95
C2 NAG EA . 18.97 -6.59 -53.25
C3 NAG EA . 18.15 -7.45 -54.22
C4 NAG EA . 18.82 -8.81 -54.41
C5 NAG EA . 19.05 -9.47 -53.06
C6 NAG EA . 19.81 -10.78 -53.15
C7 NAG EA . 18.65 -4.18 -53.60
C8 NAG EA . 17.84 -2.97 -53.24
N2 NAG EA . 18.30 -5.33 -53.01
O3 NAG EA . 18.06 -6.78 -55.47
O4 NAG EA . 17.99 -9.65 -55.21
O5 NAG EA . 19.84 -8.60 -52.23
O6 NAG EA . 21.18 -10.56 -53.44
O7 NAG EA . 19.58 -4.13 -54.41
H2 NAG EA . 19.84 -6.41 -53.66
H3 NAG EA . 17.27 -7.58 -53.85
H4 NAG EA . 19.68 -8.69 -54.86
H5 NAG EA . 18.19 -9.63 -52.63
H61 NAG EA . 19.72 -11.25 -52.31
H62 NAG EA . 19.42 -11.32 -53.88
H81 NAG EA . 16.90 -3.15 -53.41
H82 NAG EA . 17.96 -2.78 -52.29
H83 NAG EA . 18.13 -2.21 -53.77
HN2 NAG EA . 17.60 -5.31 -52.42
HO3 NAG EA . 17.39 -6.19 -55.44
HO4 NAG EA . 18.40 -9.82 -55.98
HO6 NAG EA . 21.26 -9.88 -54.00
C1 NAG FA . 7.49 0.83 -52.23
C2 NAG FA . 6.36 0.22 -53.05
C3 NAG FA . 6.79 0.05 -54.50
C4 NAG FA . 7.30 1.37 -55.05
C5 NAG FA . 8.39 1.94 -54.15
C6 NAG FA . 8.86 3.31 -54.57
C7 NAG FA . 4.87 -1.22 -51.72
C8 NAG FA . 4.60 -2.62 -51.25
N2 NAG FA . 5.95 -1.07 -52.50
O3 NAG FA . 5.70 -0.41 -55.28
O4 NAG FA . 7.82 1.20 -56.37
O5 NAG FA . 7.90 2.07 -52.81
O6 NAG FA . 8.20 4.34 -53.83
O7 NAG FA . 4.15 -0.28 -51.43
H2 NAG FA . 5.60 0.81 -53.03
H3 NAG FA . 7.52 -0.60 -54.54
H4 NAG FA . 6.56 2.01 -55.08
H5 NAG FA . 9.15 1.33 -54.15
H61 NAG FA . 9.82 3.38 -54.43
H62 NAG FA . 8.67 3.44 -55.52
H81 NAG FA . 5.42 -3.01 -50.89
H82 NAG FA . 3.92 -2.59 -50.54
H83 NAG FA . 4.27 -3.16 -51.99
HN2 NAG FA . 6.46 -1.80 -52.69
HO3 NAG FA . 5.48 0.20 -55.89
HO4 NAG FA . 8.71 1.23 -56.34
HO6 NAG FA . 8.77 5.01 -53.70
C1 PLM GA . -34.25 -3.09 8.96
O1 PLM GA . -34.88 -2.97 7.92
C2 PLM GA . -32.96 -2.34 9.26
C3 PLM GA . -32.16 -2.05 7.97
C4 PLM GA . -30.70 -1.57 8.18
C5 PLM GA . -29.87 -1.44 6.88
C6 PLM GA . -28.52 -0.66 7.01
C7 PLM GA . -27.78 -0.34 5.67
C8 PLM GA . -26.32 0.21 5.80
C9 PLM GA . -25.36 -0.11 4.60
CA PLM GA . -24.15 0.86 4.40
H21 PLM GA . -32.36 -2.89 10.00
H22 PLM GA . -33.24 -1.39 9.77
H31 PLM GA . -32.72 -1.30 7.37
H32 PLM GA . -32.18 -2.97 7.34
H41 PLM GA . -30.19 -2.27 8.88
H42 PLM GA . -30.72 -0.60 8.71
H51 PLM GA . -30.49 -0.96 6.10
H52 PLM GA . -29.67 -2.46 6.47
H61 PLM GA . -28.71 0.29 7.55
H62 PLM GA . -27.84 -1.24 7.67
H71 PLM GA . -28.38 0.39 5.10
H72 PLM GA . -27.77 -1.26 5.04
H81 PLM GA . -25.86 -0.17 6.73
H82 PLM GA . -26.37 1.30 5.93
H91 PLM GA . -25.95 -0.14 3.67
H92 PLM GA . -24.98 -1.14 4.72
HA1 PLM GA . -24.39 1.83 4.85
HA2 PLM GA . -24.03 1.07 3.32
C1 PLM HA . -38.74 -3.86 4.99
O2 PLM HA . -38.97 -4.90 4.38
C2 PLM HA . -38.30 -2.60 4.32
C3 PLM HA . -37.04 -2.78 3.50
C4 PLM HA . -35.79 -2.53 4.32
C5 PLM HA . -34.59 -3.19 3.71
C6 PLM HA . -34.02 -2.37 2.56
C7 PLM HA . -33.18 -1.22 3.07
H21 PLM HA . -39.14 -2.28 3.64
H22 PLM HA . -38.15 -1.78 5.08
H31 PLM HA . -37.02 -3.84 3.09
H32 PLM HA . -37.08 -2.08 2.63
H41 PLM HA . -35.62 -1.42 4.39
H42 PLM HA . -35.94 -2.90 5.36
H51 PLM HA . -33.79 -3.32 4.49
H52 PLM HA . -34.86 -4.22 3.34
H61 PLM HA . -33.38 -3.04 1.90
H62 PLM HA . -34.85 -1.99 1.93
C1 PLM IA . -36.42 -6.52 5.44
O2 PLM IA . -36.21 -5.34 5.18
C2 PLM IA . -35.81 -7.66 4.67
C3 PLM IA . -35.99 -7.47 3.17
C4 PLM IA . -34.85 -8.03 2.36
C5 PLM IA . -33.66 -7.09 2.35
C6 PLM IA . -32.49 -7.67 1.58
C7 PLM IA . -31.18 -7.30 2.23
C8 PLM IA . -30.01 -7.95 1.50
C9 PLM IA . -28.73 -7.82 2.30
CA PLM IA . -27.55 -8.37 1.53
H21 PLM IA . -34.71 -7.68 4.90
H22 PLM IA . -36.24 -8.64 4.99
H31 PLM IA . -36.95 -7.97 2.85
H32 PLM IA . -36.10 -6.38 2.96
H41 PLM IA . -34.53 -9.02 2.76
H42 PLM IA . -35.18 -8.20 1.30
H51 PLM IA . -33.96 -6.10 1.90
H52 PLM IA . -33.35 -6.87 3.40
H61 PLM IA . -32.60 -8.78 1.52
H62 PLM IA . -32.52 -7.27 0.53
H71 PLM IA . -31.05 -6.19 2.24
H72 PLM IA . -31.18 -7.65 3.30
H81 PLM IA . -30.23 -9.03 1.32
H82 PLM IA . -29.88 -7.46 0.50
H91 PLM IA . -28.54 -6.74 2.54
H92 PLM IA . -28.83 -8.37 3.27
C1 PLM JA . -36.29 -12.03 -0.09
O2 PLM JA . -37.32 -11.37 -0.15
C2 PLM JA . -35.21 -12.01 -1.15
C3 PLM JA . -34.43 -10.71 -1.15
C4 PLM JA . -33.11 -10.84 -1.88
C5 PLM JA . -32.33 -9.55 -1.85
C6 PLM JA . -32.60 -8.70 -3.08
C7 PLM JA . -31.64 -7.52 -3.16
C8 PLM JA . -31.93 -6.49 -2.10
H21 PLM JA . -34.51 -12.86 -0.92
H22 PLM JA . -35.66 -12.19 -2.16
H31 PLM JA . -35.05 -9.90 -1.64
H32 PLM JA . -34.25 -10.39 -0.09
H41 PLM JA . -32.50 -11.66 -1.40
H42 PLM JA . -33.30 -11.15 -2.94
H51 PLM JA . -32.59 -8.97 -0.93
H52 PLM JA . -31.23 -9.78 -1.79
H61 PLM JA . -32.50 -9.32 -4.00
H62 PLM JA . -33.65 -8.32 -3.04
H71 PLM JA . -30.58 -7.90 -3.05
H72 PLM JA . -31.72 -7.06 -4.17
H81 PLM JA . -31.19 -6.59 -1.27
H82 PLM JA . -32.95 -6.67 -1.66
C1 PLM KA . -32.02 -14.78 4.67
O2 PLM KA . -31.76 -13.73 5.27
C2 PLM KA . -31.06 -15.46 3.73
C3 PLM KA . -30.48 -14.51 2.72
C4 PLM KA . -29.11 -14.93 2.23
C5 PLM KA . -28.57 -13.93 1.24
C6 PLM KA . -27.26 -14.42 0.65
C7 PLM KA . -26.77 -13.50 -0.45
C8 PLM KA . -26.03 -12.30 0.10
C9 PLM KA . -24.61 -12.63 0.46
CA PLM KA . -23.65 -12.19 -0.63
H21 PLM KA . -30.23 -15.89 4.37
H22 PLM KA . -31.58 -16.32 3.22
H31 PLM KA . -31.18 -14.42 1.85
H32 PLM KA . -30.41 -13.49 3.19
H41 PLM KA . -28.42 -15.03 3.11
H42 PLM KA . -29.19 -15.95 1.76
H51 PLM KA . -29.31 -13.77 0.43
H52 PLM KA . -28.41 -12.94 1.76
H61 PLM KA . -26.48 -14.48 1.46
H62 PLM KA . -27.39 -15.46 0.24
H71 PLM KA . -26.09 -14.07 -1.14
H72 PLM KA . -27.65 -13.16 -1.07
H81 PLM KA . -26.05 -11.46 -0.65
H82 PLM KA . -26.57 -11.91 1.01
H91 PLM KA . -24.33 -12.13 1.42
H92 PLM KA . -24.51 -13.73 0.62
HA1 PLM KA . -22.80 -12.92 -0.69
HA2 PLM KA . -23.21 -11.20 -0.35
#